data_1O4J
# 
_entry.id   1O4J 
# 
_audit_conform.dict_name       mmcif_pdbx.dic 
_audit_conform.dict_version    5.376 
_audit_conform.dict_location   http://mmcif.pdb.org/dictionaries/ascii/mmcif_pdbx.dic 
# 
loop_
_database_2.database_id 
_database_2.database_code 
_database_2.pdbx_database_accession 
_database_2.pdbx_DOI 
PDB   1O4J         pdb_00001o4j 10.2210/pdb1o4j/pdb 
RCSB  RCSB001794   ?            ?                   
WWPDB D_1000001794 ?            ?                   
# 
_pdbx_database_status.status_code                     REL 
_pdbx_database_status.entry_id                        1O4J 
_pdbx_database_status.recvd_initial_deposition_date   2003-06-15 
_pdbx_database_status.deposit_site                    RCSB 
_pdbx_database_status.process_site                    RCSB 
_pdbx_database_status.SG_entry                        . 
_pdbx_database_status.pdb_format_compatible           Y 
_pdbx_database_status.status_code_mr                  ? 
_pdbx_database_status.status_code_sf                  ? 
_pdbx_database_status.status_code_cs                  ? 
_pdbx_database_status.status_code_nmr_data            ? 
_pdbx_database_status.methods_development_category    ? 
# 
loop_
_audit_author.name 
_audit_author.pdbx_ordinal 
'Lange, G.'  1 
'Loenze, P.' 2 
'Liesum, A.' 3 
# 
_citation.id                        primary 
_citation.title                     
;Requirements for specific binding of low affinity inhibitor fragments to the SH2 domain of (pp60)Src are identical to those for high affinity binding of full length inhibitors.
;
_citation.journal_abbrev            J.Med.Chem. 
_citation.journal_volume            46 
_citation.page_first                5184 
_citation.page_last                 5195 
_citation.year                      2003 
_citation.journal_id_ASTM           JMCMAR 
_citation.country                   US 
_citation.journal_id_ISSN           0022-2623 
_citation.journal_id_CSD            0151 
_citation.book_publisher            ? 
_citation.pdbx_database_id_PubMed   14613321 
_citation.pdbx_database_id_DOI      10.1021/jm020970s 
# 
loop_
_citation_author.citation_id 
_citation_author.name 
_citation_author.ordinal 
_citation_author.identifier_ORCID 
primary 'Lange, G.'       1  ? 
primary 'Lesuisse, D.'    2  ? 
primary 'Deprez, P.'      3  ? 
primary 'Schoot, B.'      4  ? 
primary 'Loenze, P.'      5  ? 
primary 'Benard, D.'      6  ? 
primary 'Marquette, J.P.' 7  ? 
primary 'Broto, P.'       8  ? 
primary 'Sarubbi, E.'     9  ? 
primary 'Mandine, E.'     10 ? 
# 
_cell.entry_id           1O4J 
_cell.length_a           26.313 
_cell.length_b           58.903 
_cell.length_c           63.688 
_cell.angle_alpha        90.00 
_cell.angle_beta         90.00 
_cell.angle_gamma        90.00 
_cell.Z_PDB              4 
_cell.pdbx_unique_axis   ? 
# 
_symmetry.entry_id                         1O4J 
_symmetry.space_group_name_H-M             'P 21 21 21' 
_symmetry.pdbx_full_space_group_name_H-M   ? 
_symmetry.cell_setting                     ? 
_symmetry.Int_Tables_number                19 
# 
loop_
_entity.id 
_entity.type 
_entity.src_method 
_entity.pdbx_description 
_entity.formula_weight 
_entity.pdbx_number_of_molecules 
_entity.pdbx_ec 
_entity.pdbx_mutation 
_entity.pdbx_fragment 
_entity.details 
1 polymer     man 'PROTO-ONCOGENE TYROSINE-PROTEIN KINASE SRC'    12374.964 1   2.7.1.112 ? 'SH2 DOMAIN' ? 
2 non-polymer syn '[(4-ETHYLPHENYL)AMINO]CARBONYLPHOSPHONIC ACID' 229.170   1   ?         ? ?            ? 
3 water       nat water                                           18.015    147 ?         ? ?            ? 
# 
_entity_name_com.entity_id   1 
_entity_name_com.name        'P60-SRC, C-SRC' 
# 
_entity_poly.entity_id                      1 
_entity_poly.type                           'polypeptide(L)' 
_entity_poly.nstd_linkage                   no 
_entity_poly.nstd_monomer                   no 
_entity_poly.pdbx_seq_one_letter_code       
;SIQAEEWYFGKITRRESERLLLNAENPRGTFLVRESETTKGAYCLSVSDFDNAKGLNVKHYKIRKLDSGGFYITSRTQFN
SLQQLVAYYSKHADGLCHRLTTVCPTSK
;
_entity_poly.pdbx_seq_one_letter_code_can   
;SIQAEEWYFGKITRRESERLLLNAENPRGTFLVRESETTKGAYCLSVSDFDNAKGLNVKHYKIRKLDSGGFYITSRTQFN
SLQQLVAYYSKHADGLCHRLTTVCPTSK
;
_entity_poly.pdbx_strand_id                 A 
_entity_poly.pdbx_target_identifier         ? 
# 
loop_
_entity_poly_seq.entity_id 
_entity_poly_seq.num 
_entity_poly_seq.mon_id 
_entity_poly_seq.hetero 
1 1   SER n 
1 2   ILE n 
1 3   GLN n 
1 4   ALA n 
1 5   GLU n 
1 6   GLU n 
1 7   TRP n 
1 8   TYR n 
1 9   PHE n 
1 10  GLY n 
1 11  LYS n 
1 12  ILE n 
1 13  THR n 
1 14  ARG n 
1 15  ARG n 
1 16  GLU n 
1 17  SER n 
1 18  GLU n 
1 19  ARG n 
1 20  LEU n 
1 21  LEU n 
1 22  LEU n 
1 23  ASN n 
1 24  ALA n 
1 25  GLU n 
1 26  ASN n 
1 27  PRO n 
1 28  ARG n 
1 29  GLY n 
1 30  THR n 
1 31  PHE n 
1 32  LEU n 
1 33  VAL n 
1 34  ARG n 
1 35  GLU n 
1 36  SER n 
1 37  GLU n 
1 38  THR n 
1 39  THR n 
1 40  LYS n 
1 41  GLY n 
1 42  ALA n 
1 43  TYR n 
1 44  CYS n 
1 45  LEU n 
1 46  SER n 
1 47  VAL n 
1 48  SER n 
1 49  ASP n 
1 50  PHE n 
1 51  ASP n 
1 52  ASN n 
1 53  ALA n 
1 54  LYS n 
1 55  GLY n 
1 56  LEU n 
1 57  ASN n 
1 58  VAL n 
1 59  LYS n 
1 60  HIS n 
1 61  TYR n 
1 62  LYS n 
1 63  ILE n 
1 64  ARG n 
1 65  LYS n 
1 66  LEU n 
1 67  ASP n 
1 68  SER n 
1 69  GLY n 
1 70  GLY n 
1 71  PHE n 
1 72  TYR n 
1 73  ILE n 
1 74  THR n 
1 75  SER n 
1 76  ARG n 
1 77  THR n 
1 78  GLN n 
1 79  PHE n 
1 80  ASN n 
1 81  SER n 
1 82  LEU n 
1 83  GLN n 
1 84  GLN n 
1 85  LEU n 
1 86  VAL n 
1 87  ALA n 
1 88  TYR n 
1 89  TYR n 
1 90  SER n 
1 91  LYS n 
1 92  HIS n 
1 93  ALA n 
1 94  ASP n 
1 95  GLY n 
1 96  LEU n 
1 97  CYS n 
1 98  HIS n 
1 99  ARG n 
1 100 LEU n 
1 101 THR n 
1 102 THR n 
1 103 VAL n 
1 104 CYS n 
1 105 PRO n 
1 106 THR n 
1 107 SER n 
1 108 LYS n 
# 
_entity_src_gen.entity_id                          1 
_entity_src_gen.pdbx_src_id                        1 
_entity_src_gen.pdbx_alt_source_flag               sample 
_entity_src_gen.pdbx_seq_type                      ? 
_entity_src_gen.pdbx_beg_seq_num                   ? 
_entity_src_gen.pdbx_end_seq_num                   ? 
_entity_src_gen.gene_src_common_name               human 
_entity_src_gen.gene_src_genus                     Homo 
_entity_src_gen.pdbx_gene_src_gene                 SRC 
_entity_src_gen.gene_src_species                   ? 
_entity_src_gen.gene_src_strain                    ? 
_entity_src_gen.gene_src_tissue                    ? 
_entity_src_gen.gene_src_tissue_fraction           ? 
_entity_src_gen.gene_src_details                   ? 
_entity_src_gen.pdbx_gene_src_fragment             ? 
_entity_src_gen.pdbx_gene_src_scientific_name      'Homo sapiens' 
_entity_src_gen.pdbx_gene_src_ncbi_taxonomy_id     9606 
_entity_src_gen.pdbx_gene_src_variant              ? 
_entity_src_gen.pdbx_gene_src_cell_line            ? 
_entity_src_gen.pdbx_gene_src_atcc                 ? 
_entity_src_gen.pdbx_gene_src_organ                ? 
_entity_src_gen.pdbx_gene_src_organelle            ? 
_entity_src_gen.pdbx_gene_src_cell                 ? 
_entity_src_gen.pdbx_gene_src_cellular_location    ? 
_entity_src_gen.host_org_common_name               ? 
_entity_src_gen.pdbx_host_org_scientific_name      'Escherichia coli' 
_entity_src_gen.pdbx_host_org_ncbi_taxonomy_id     562 
_entity_src_gen.host_org_genus                     Escherichia 
_entity_src_gen.pdbx_host_org_gene                 ? 
_entity_src_gen.pdbx_host_org_organ                ? 
_entity_src_gen.host_org_species                   ? 
_entity_src_gen.pdbx_host_org_tissue               ? 
_entity_src_gen.pdbx_host_org_tissue_fraction      ? 
_entity_src_gen.pdbx_host_org_strain               ? 
_entity_src_gen.pdbx_host_org_variant              ? 
_entity_src_gen.pdbx_host_org_cell_line            ? 
_entity_src_gen.pdbx_host_org_atcc                 ? 
_entity_src_gen.pdbx_host_org_culture_collection   ? 
_entity_src_gen.pdbx_host_org_cell                 ? 
_entity_src_gen.pdbx_host_org_organelle            ? 
_entity_src_gen.pdbx_host_org_cellular_location    ? 
_entity_src_gen.pdbx_host_org_vector_type          ? 
_entity_src_gen.pdbx_host_org_vector               ? 
_entity_src_gen.host_org_details                   ? 
_entity_src_gen.expression_system_id               ? 
_entity_src_gen.plasmid_name                       'BL21 (DE3)' 
_entity_src_gen.plasmid_details                    ? 
_entity_src_gen.pdbx_description                   ? 
# 
_struct_ref.id                         1 
_struct_ref.db_name                    UNP 
_struct_ref.db_code                    SRC_HUMAN 
_struct_ref.pdbx_db_accession          P12931 
_struct_ref.entity_id                  1 
_struct_ref.pdbx_seq_one_letter_code   
;SIQAEEWYFGKITRRESERLLLNAENPRGTFLVRESETTKGAYCLSVSDFDNAKGLNVKHYKIRKLDSGGFYITSRTQFN
SLQQLVAYYSKHADGLCHRLTTVCPTSK
;
_struct_ref.pdbx_align_begin           144 
_struct_ref.pdbx_db_isoform            ? 
# 
_struct_ref_seq.align_id                      1 
_struct_ref_seq.ref_id                        1 
_struct_ref_seq.pdbx_PDB_id_code              1O4J 
_struct_ref_seq.pdbx_strand_id                A 
_struct_ref_seq.seq_align_beg                 1 
_struct_ref_seq.pdbx_seq_align_beg_ins_code   ? 
_struct_ref_seq.seq_align_end                 108 
_struct_ref_seq.pdbx_seq_align_end_ins_code   ? 
_struct_ref_seq.pdbx_db_accession             P12931 
_struct_ref_seq.db_align_beg                  144 
_struct_ref_seq.pdbx_db_align_beg_ins_code    ? 
_struct_ref_seq.db_align_end                  251 
_struct_ref_seq.pdbx_db_align_end_ins_code    ? 
_struct_ref_seq.pdbx_auth_seq_align_beg       1 
_struct_ref_seq.pdbx_auth_seq_align_end       108 
# 
loop_
_chem_comp.id 
_chem_comp.type 
_chem_comp.mon_nstd_flag 
_chem_comp.name 
_chem_comp.pdbx_synonyms 
_chem_comp.formula 
_chem_comp.formula_weight 
ALA 'L-peptide linking' y ALANINE                                         ?     'C3 H7 N O2'     89.093  
ARG 'L-peptide linking' y ARGININE                                        ?     'C6 H15 N4 O2 1' 175.209 
ASN 'L-peptide linking' y ASPARAGINE                                      ?     'C4 H8 N2 O3'    132.118 
ASP 'L-peptide linking' y 'ASPARTIC ACID'                                 ?     'C4 H7 N O4'     133.103 
CYS 'L-peptide linking' y CYSTEINE                                        ?     'C3 H7 N O2 S'   121.158 
GLN 'L-peptide linking' y GLUTAMINE                                       ?     'C5 H10 N2 O3'   146.144 
GLU 'L-peptide linking' y 'GLUTAMIC ACID'                                 ?     'C5 H9 N O4'     147.129 
GLY 'peptide linking'   y GLYCINE                                         ?     'C2 H5 N O2'     75.067  
HIS 'L-peptide linking' y HISTIDINE                                       ?     'C6 H10 N3 O2 1' 156.162 
HOH non-polymer         . WATER                                           ?     'H2 O'           18.015  
ILE 'L-peptide linking' y ISOLEUCINE                                      ?     'C6 H13 N O2'    131.173 
IS2 non-polymer         . '[(4-ETHYLPHENYL)AMINO]CARBONYLPHOSPHONIC ACID' ISO24 'C9 H12 N O4 P'  229.170 
LEU 'L-peptide linking' y LEUCINE                                         ?     'C6 H13 N O2'    131.173 
LYS 'L-peptide linking' y LYSINE                                          ?     'C6 H15 N2 O2 1' 147.195 
PHE 'L-peptide linking' y PHENYLALANINE                                   ?     'C9 H11 N O2'    165.189 
PRO 'L-peptide linking' y PROLINE                                         ?     'C5 H9 N O2'     115.130 
SER 'L-peptide linking' y SERINE                                          ?     'C3 H7 N O3'     105.093 
THR 'L-peptide linking' y THREONINE                                       ?     'C4 H9 N O3'     119.119 
TRP 'L-peptide linking' y TRYPTOPHAN                                      ?     'C11 H12 N2 O2'  204.225 
TYR 'L-peptide linking' y TYROSINE                                        ?     'C9 H11 N O3'    181.189 
VAL 'L-peptide linking' y VALINE                                          ?     'C5 H11 N O2'    117.146 
# 
_exptl.entry_id          1O4J 
_exptl.method            'X-RAY DIFFRACTION' 
_exptl.crystals_number   1 
# 
_exptl_crystal.id                    1 
_exptl_crystal.density_meas          ? 
_exptl_crystal.density_Matthews      2.2 
_exptl_crystal.density_percent_sol   41.9 
_exptl_crystal.description           ? 
# 
_exptl_crystal_grow.crystal_id      1 
_exptl_crystal_grow.method          ? 
_exptl_crystal_grow.temp            ? 
_exptl_crystal_grow.temp_details    ? 
_exptl_crystal_grow.pH              5.50 
_exptl_crystal_grow.pdbx_pH_range   ? 
_exptl_crystal_grow.pdbx_details    'pH 5.50' 
# 
_diffrn.id                     1 
_diffrn.ambient_temp           100.0 
_diffrn.ambient_temp_details   ? 
_diffrn.crystal_id             1 
# 
_diffrn_detector.diffrn_id              1 
_diffrn_detector.detector               'IMAGE PLATE' 
_diffrn_detector.type                   'MAR scanner 345 mm plate' 
_diffrn_detector.pdbx_collection_date   1999-05-20 
_diffrn_detector.details                ? 
# 
_diffrn_radiation.diffrn_id                        1 
_diffrn_radiation.wavelength_id                    1 
_diffrn_radiation.pdbx_monochromatic_or_laue_m_l   M 
_diffrn_radiation.monochromator                    GRAPHITE 
_diffrn_radiation.pdbx_diffrn_protocol             'SINGLE WAVELENGTH' 
_diffrn_radiation.pdbx_scattering_type             x-ray 
# 
_diffrn_radiation_wavelength.id           1 
_diffrn_radiation_wavelength.wavelength   1.5418 
_diffrn_radiation_wavelength.wt           1.0 
# 
_diffrn_source.diffrn_id                   1 
_diffrn_source.source                      'ROTATING ANODE' 
_diffrn_source.type                        'ELLIOTT GX-21' 
_diffrn_source.pdbx_synchrotron_site       ? 
_diffrn_source.pdbx_synchrotron_beamline   ? 
_diffrn_source.pdbx_wavelength             1.5418 
_diffrn_source.pdbx_wavelength_list        ? 
# 
_reflns.entry_id                     1O4J 
_reflns.observed_criterion_sigma_I   -3.000 
_reflns.observed_criterion_sigma_F   ? 
_reflns.d_resolution_low             40.000 
_reflns.d_resolution_high            1.70 
_reflns.number_obs                   11357 
_reflns.number_all                   ? 
_reflns.percent_possible_obs         99.1 
_reflns.pdbx_Rmerge_I_obs            0.073 
_reflns.pdbx_Rsym_value              ? 
_reflns.pdbx_netI_over_sigmaI        12 
_reflns.B_iso_Wilson_estimate        ? 
_reflns.pdbx_redundancy              ? 
_reflns.pdbx_diffrn_id               1 
_reflns.pdbx_ordinal                 1 
# 
_reflns_shell.d_res_high             1.70 
_reflns_shell.d_res_low              1.80 
_reflns_shell.percent_possible_all   99.9 
_reflns_shell.Rmerge_I_obs           0.31 
_reflns_shell.pdbx_Rsym_value        ? 
_reflns_shell.meanI_over_sigI_obs    4 
_reflns_shell.pdbx_redundancy        ? 
_reflns_shell.pdbx_diffrn_id         ? 
_reflns_shell.pdbx_ordinal           1 
# 
_refine.entry_id                                 1O4J 
_refine.ls_number_reflns_obs                     11357 
_refine.ls_number_reflns_all                     ? 
_refine.pdbx_ls_sigma_I                          ? 
_refine.pdbx_ls_sigma_F                          ? 
_refine.pdbx_data_cutoff_high_absF               1000000.000 
_refine.pdbx_data_cutoff_low_absF                0.1000 
_refine.pdbx_data_cutoff_high_rms_absF           ? 
_refine.ls_d_res_low                             8.00 
_refine.ls_d_res_high                            1.70 
_refine.ls_percent_reflns_obs                    99.1 
_refine.ls_R_factor_obs                          0.187 
_refine.ls_R_factor_all                          ? 
_refine.ls_R_factor_R_work                       0.187 
_refine.ls_R_factor_R_free                       ? 
_refine.ls_R_factor_R_free_error                 ? 
_refine.ls_R_factor_R_free_error_details         ? 
_refine.ls_percent_reflns_R_free                 ? 
_refine.ls_number_reflns_R_free                  ? 
_refine.ls_number_parameters                     ? 
_refine.ls_number_restraints                     ? 
_refine.occupancy_min                            ? 
_refine.occupancy_max                            ? 
_refine.correlation_coeff_Fo_to_Fc               ? 
_refine.correlation_coeff_Fo_to_Fc_free          ? 
_refine.B_iso_mean                               22.4 
_refine.aniso_B[1][1]                            ? 
_refine.aniso_B[2][2]                            ? 
_refine.aniso_B[3][3]                            ? 
_refine.aniso_B[1][2]                            ? 
_refine.aniso_B[1][3]                            ? 
_refine.aniso_B[2][3]                            ? 
_refine.solvent_model_details                    ? 
_refine.solvent_model_param_ksol                 ? 
_refine.solvent_model_param_bsol                 ? 
_refine.pdbx_solvent_vdw_probe_radii             ? 
_refine.pdbx_solvent_ion_probe_radii             ? 
_refine.pdbx_solvent_shrinkage_radii             ? 
_refine.pdbx_ls_cross_valid_method               ? 
_refine.details                                  ? 
_refine.pdbx_starting_model                      1SHD 
_refine.pdbx_method_to_determine_struct          MR 
_refine.pdbx_isotropic_thermal_model             ? 
_refine.pdbx_stereochemistry_target_values       ? 
_refine.pdbx_stereochem_target_val_spec_case     ? 
_refine.pdbx_R_Free_selection_details            ? 
_refine.pdbx_overall_ESU_R                       ? 
_refine.pdbx_overall_ESU_R_Free                  ? 
_refine.overall_SU_ML                            ? 
_refine.overall_SU_B                             ? 
_refine.pdbx_refine_id                           'X-RAY DIFFRACTION' 
_refine.pdbx_diffrn_id                           1 
_refine.pdbx_TLS_residual_ADP_flag               ? 
_refine.pdbx_overall_phase_error                 ? 
_refine.overall_SU_R_Cruickshank_DPI             ? 
_refine.pdbx_overall_SU_R_free_Cruickshank_DPI   ? 
_refine.pdbx_overall_SU_R_Blow_DPI               ? 
_refine.pdbx_overall_SU_R_free_Blow_DPI          ? 
# 
_refine_hist.pdbx_refine_id                   'X-RAY DIFFRACTION' 
_refine_hist.cycle_id                         LAST 
_refine_hist.pdbx_number_atoms_protein        856 
_refine_hist.pdbx_number_atoms_nucleic_acid   0 
_refine_hist.pdbx_number_atoms_ligand         30 
_refine_hist.number_atoms_solvent             147 
_refine_hist.number_atoms_total               1033 
_refine_hist.d_res_high                       1.70 
_refine_hist.d_res_low                        8.00 
# 
loop_
_refine_ls_restr.type 
_refine_ls_restr.dev_ideal 
_refine_ls_restr.dev_ideal_target 
_refine_ls_restr.weight 
_refine_ls_restr.number 
_refine_ls_restr.pdbx_refine_id 
_refine_ls_restr.pdbx_restraint_function 
x_bond_d                0.010 ? ? ? 'X-RAY DIFFRACTION' ? 
x_bond_d_na             ?     ? ? ? 'X-RAY DIFFRACTION' ? 
x_bond_d_prot           ?     ? ? ? 'X-RAY DIFFRACTION' ? 
x_angle_d               ?     ? ? ? 'X-RAY DIFFRACTION' ? 
x_angle_d_na            ?     ? ? ? 'X-RAY DIFFRACTION' ? 
x_angle_d_prot          ?     ? ? ? 'X-RAY DIFFRACTION' ? 
x_angle_deg             1.3   ? ? ? 'X-RAY DIFFRACTION' ? 
x_angle_deg_na          ?     ? ? ? 'X-RAY DIFFRACTION' ? 
x_angle_deg_prot        ?     ? ? ? 'X-RAY DIFFRACTION' ? 
x_dihedral_angle_d      ?     ? ? ? 'X-RAY DIFFRACTION' ? 
x_dihedral_angle_d_na   ?     ? ? ? 'X-RAY DIFFRACTION' ? 
x_dihedral_angle_d_prot ?     ? ? ? 'X-RAY DIFFRACTION' ? 
x_improper_angle_d      ?     ? ? ? 'X-RAY DIFFRACTION' ? 
x_improper_angle_d_na   ?     ? ? ? 'X-RAY DIFFRACTION' ? 
x_improper_angle_d_prot ?     ? ? ? 'X-RAY DIFFRACTION' ? 
x_mcbond_it             ?     ? ? ? 'X-RAY DIFFRACTION' ? 
x_mcangle_it            ?     ? ? ? 'X-RAY DIFFRACTION' ? 
x_scbond_it             ?     ? ? ? 'X-RAY DIFFRACTION' ? 
x_scangle_it            ?     ? ? ? 'X-RAY DIFFRACTION' ? 
# 
_struct.entry_id                  1O4J 
_struct.title                     'CRYSTAL STRUCTURE OF SH2 IN COMPLEX WITH ISO24.' 
_struct.pdbx_model_details        ? 
_struct.pdbx_CASP_flag            ? 
_struct.pdbx_model_type_details   ? 
# 
_struct_keywords.entry_id        1O4J 
_struct_keywords.pdbx_keywords   'SIGNALING PROTEIN' 
_struct_keywords.text            'SH2 DOMAIN FRAGMENT APPROACH, SIGNALING PROTEIN' 
# 
loop_
_struct_asym.id 
_struct_asym.pdbx_blank_PDB_chainid_flag 
_struct_asym.pdbx_modified 
_struct_asym.entity_id 
_struct_asym.details 
A N N 1 ? 
B N N 2 ? 
C N N 3 ? 
# 
_struct_biol.id   1 
# 
loop_
_struct_conf.conf_type_id 
_struct_conf.id 
_struct_conf.pdbx_PDB_helix_id 
_struct_conf.beg_label_comp_id 
_struct_conf.beg_label_asym_id 
_struct_conf.beg_label_seq_id 
_struct_conf.pdbx_beg_PDB_ins_code 
_struct_conf.end_label_comp_id 
_struct_conf.end_label_asym_id 
_struct_conf.end_label_seq_id 
_struct_conf.pdbx_end_PDB_ins_code 
_struct_conf.beg_auth_comp_id 
_struct_conf.beg_auth_asym_id 
_struct_conf.beg_auth_seq_id 
_struct_conf.end_auth_comp_id 
_struct_conf.end_auth_asym_id 
_struct_conf.end_auth_seq_id 
_struct_conf.pdbx_PDB_helix_class 
_struct_conf.details 
_struct_conf.pdbx_PDB_helix_length 
HELX_P HELX_P1 1 SER A 1  ? GLU A 5  ? SER A 1  GLU A 5  5 ? 5  
HELX_P HELX_P2 2 THR A 13 ? LEU A 22 ? THR A 13 LEU A 22 1 ? 10 
HELX_P HELX_P3 3 SER A 81 ? SER A 90 ? SER A 81 SER A 90 1 ? 10 
# 
_struct_conf_type.id          HELX_P 
_struct_conf_type.criteria    ? 
_struct_conf_type.reference   ? 
# 
loop_
_struct_sheet.id 
_struct_sheet.type 
_struct_sheet.number_strands 
_struct_sheet.details 
A ? 5 ? 
B ? 3 ? 
# 
loop_
_struct_sheet_order.sheet_id 
_struct_sheet_order.range_id_1 
_struct_sheet_order.range_id_2 
_struct_sheet_order.offset 
_struct_sheet_order.sense 
A 1 2 ? parallel      
A 2 3 ? anti-parallel 
A 3 4 ? anti-parallel 
A 4 5 ? anti-parallel 
B 1 2 ? parallel      
B 2 3 ? parallel      
# 
loop_
_struct_sheet_range.sheet_id 
_struct_sheet_range.id 
_struct_sheet_range.beg_label_comp_id 
_struct_sheet_range.beg_label_asym_id 
_struct_sheet_range.beg_label_seq_id 
_struct_sheet_range.pdbx_beg_PDB_ins_code 
_struct_sheet_range.end_label_comp_id 
_struct_sheet_range.end_label_asym_id 
_struct_sheet_range.end_label_seq_id 
_struct_sheet_range.pdbx_end_PDB_ins_code 
_struct_sheet_range.beg_auth_comp_id 
_struct_sheet_range.beg_auth_asym_id 
_struct_sheet_range.beg_auth_seq_id 
_struct_sheet_range.end_auth_comp_id 
_struct_sheet_range.end_auth_asym_id 
_struct_sheet_range.end_auth_seq_id 
A 1 TYR A 8   ? GLY A 10  ? TYR A 8   GLY A 10  
A 2 THR A 30  ? GLU A 35  ? THR A 30  GLU A 35  
A 3 TYR A 43  ? ASP A 51  ? TYR A 43  ASP A 51  
A 4 GLY A 55  ? LYS A 65  ? GLY A 55  LYS A 65  
A 5 PHE A 71  ? TYR A 72  ? PHE A 71  TYR A 72  
B 1 TYR A 8   ? GLY A 10  ? TYR A 8   GLY A 10  
B 2 THR A 30  ? GLU A 35  ? THR A 30  GLU A 35  
B 3 THR A 102 ? VAL A 103 ? THR A 102 VAL A 103 
# 
loop_
_pdbx_struct_sheet_hbond.sheet_id 
_pdbx_struct_sheet_hbond.range_id_1 
_pdbx_struct_sheet_hbond.range_id_2 
_pdbx_struct_sheet_hbond.range_1_label_atom_id 
_pdbx_struct_sheet_hbond.range_1_label_comp_id 
_pdbx_struct_sheet_hbond.range_1_label_asym_id 
_pdbx_struct_sheet_hbond.range_1_label_seq_id 
_pdbx_struct_sheet_hbond.range_1_PDB_ins_code 
_pdbx_struct_sheet_hbond.range_1_auth_atom_id 
_pdbx_struct_sheet_hbond.range_1_auth_comp_id 
_pdbx_struct_sheet_hbond.range_1_auth_asym_id 
_pdbx_struct_sheet_hbond.range_1_auth_seq_id 
_pdbx_struct_sheet_hbond.range_2_label_atom_id 
_pdbx_struct_sheet_hbond.range_2_label_comp_id 
_pdbx_struct_sheet_hbond.range_2_label_asym_id 
_pdbx_struct_sheet_hbond.range_2_label_seq_id 
_pdbx_struct_sheet_hbond.range_2_PDB_ins_code 
_pdbx_struct_sheet_hbond.range_2_auth_atom_id 
_pdbx_struct_sheet_hbond.range_2_auth_comp_id 
_pdbx_struct_sheet_hbond.range_2_auth_asym_id 
_pdbx_struct_sheet_hbond.range_2_auth_seq_id 
A 1 2 N GLY A 10 ? N GLY A 10 O GLU A 35  ? O GLU A 35  
A 2 3 N ARG A 34 ? N ARG A 34 O CYS A 44  ? O CYS A 44  
A 3 4 N VAL A 47 ? N VAL A 47 O LYS A 59  ? O LYS A 59  
A 4 5 N ARG A 64 ? N ARG A 64 O TYR A 72  ? O TYR A 72  
B 1 2 N GLY A 10 ? N GLY A 10 O GLU A 35  ? O GLU A 35  
B 2 3 N PHE A 31 ? N PHE A 31 O THR A 102 ? O THR A 102 
# 
_struct_site.id                   AC1 
_struct_site.pdbx_evidence_code   Software 
_struct_site.pdbx_auth_asym_id    A 
_struct_site.pdbx_auth_comp_id    IS2 
_struct_site.pdbx_auth_seq_id     300 
_struct_site.pdbx_auth_ins_code   ? 
_struct_site.pdbx_num_residues    10 
_struct_site.details              'BINDING SITE FOR RESIDUE IS2 A 300' 
# 
loop_
_struct_site_gen.id 
_struct_site_gen.site_id 
_struct_site_gen.pdbx_num_res 
_struct_site_gen.label_comp_id 
_struct_site_gen.label_asym_id 
_struct_site_gen.label_seq_id 
_struct_site_gen.pdbx_auth_ins_code 
_struct_site_gen.auth_comp_id 
_struct_site_gen.auth_asym_id 
_struct_site_gen.auth_seq_id 
_struct_site_gen.label_atom_id 
_struct_site_gen.label_alt_id 
_struct_site_gen.symmetry 
_struct_site_gen.details 
1  AC1 10 ARG A 14 ? ARG A 14  . ? 1_555 ? 
2  AC1 10 ARG A 34 ? ARG A 34  . ? 1_555 ? 
3  AC1 10 SER A 36 ? SER A 36  . ? 1_555 ? 
4  AC1 10 GLU A 37 ? GLU A 37  . ? 1_555 ? 
5  AC1 10 THR A 38 ? THR A 38  . ? 1_555 ? 
6  AC1 10 THR A 39 ? THR A 39  . ? 1_555 ? 
7  AC1 10 CYS A 44 ? CYS A 44  . ? 1_555 ? 
8  AC1 10 LYS A 62 ? LYS A 62  . ? 1_555 ? 
9  AC1 10 HOH C .  ? HOH A 322 . ? 3_655 ? 
10 AC1 10 HOH C .  ? HOH A 398 . ? 3_655 ? 
# 
_atom_sites.entry_id                    1O4J 
_atom_sites.fract_transf_matrix[1][1]   0.03402927 
_atom_sites.fract_transf_matrix[1][2]   0.01434625 
_atom_sites.fract_transf_matrix[1][3]   -0.00897206 
_atom_sites.fract_transf_matrix[2][1]   -0.00024661 
_atom_sites.fract_transf_matrix[2][2]   0.00941757 
_atom_sites.fract_transf_matrix[2][3]   0.01412328 
_atom_sites.fract_transf_matrix[3][1]   0.00698739 
_atom_sites.fract_transf_matrix[3][2]   -0.01164257 
_atom_sites.fract_transf_matrix[3][3]   0.00788541 
_atom_sites.fract_transf_vector[1]      0.394649 
_atom_sites.fract_transf_vector[2]      0.327428 
_atom_sites.fract_transf_vector[3]      0.313263 
# 
loop_
_atom_type.symbol 
C 
N 
O 
P 
S 
# 
loop_
_atom_site.group_PDB 
_atom_site.id 
_atom_site.type_symbol 
_atom_site.label_atom_id 
_atom_site.label_alt_id 
_atom_site.label_comp_id 
_atom_site.label_asym_id 
_atom_site.label_entity_id 
_atom_site.label_seq_id 
_atom_site.pdbx_PDB_ins_code 
_atom_site.Cartn_x 
_atom_site.Cartn_y 
_atom_site.Cartn_z 
_atom_site.occupancy 
_atom_site.B_iso_or_equiv 
_atom_site.pdbx_formal_charge 
_atom_site.auth_seq_id 
_atom_site.auth_comp_id 
_atom_site.auth_asym_id 
_atom_site.auth_atom_id 
_atom_site.pdbx_PDB_model_num 
ATOM   1    N N   . SER A 1 1   ? -12.839 5.704   -9.444  1.00 61.44  ? 1   SER A N   1 
ATOM   2    C CA  . SER A 1 1   ? -12.963 6.251   -8.051  1.00 60.72  ? 1   SER A CA  1 
ATOM   3    C C   . SER A 1 1   ? -12.302 5.331   -7.034  1.00 59.61  ? 1   SER A C   1 
ATOM   4    O O   . SER A 1 1   ? -12.909 4.342   -6.567  1.00 60.49  ? 1   SER A O   1 
ATOM   5    C CB  . SER A 1 1   ? -14.436 6.468   -7.664  1.00 61.35  ? 1   SER A CB  1 
ATOM   6    O OG  . SER A 1 1   ? -14.569 6.846   -6.296  1.00 62.09  ? 1   SER A OG  1 
ATOM   7    N N   . ILE A 1 2   ? -11.083 5.686   -6.644  1.00 57.22  ? 2   ILE A N   1 
ATOM   8    C CA  . ILE A 1 2   ? -10.350 4.887   -5.681  1.00 54.85  ? 2   ILE A CA  1 
ATOM   9    C C   . ILE A 1 2   ? -11.075 4.866   -4.333  1.00 52.74  ? 2   ILE A C   1 
ATOM   10   O O   . ILE A 1 2   ? -10.948 3.931   -3.586  1.00 52.38  ? 2   ILE A O   1 
ATOM   11   C CB  . ILE A 1 2   ? -8.885  5.368   -5.548  1.00 55.17  ? 2   ILE A CB  1 
ATOM   12   C CG1 . ILE A 1 2   ? -8.810  6.660   -4.740  1.00 55.34  ? 2   ILE A CG1 1 
ATOM   13   C CG2 . ILE A 1 2   ? -8.283  5.604   -6.949  1.00 54.92  ? 2   ILE A CG2 1 
ATOM   14   C CD1 . ILE A 1 2   ? -7.405  7.116   -4.496  1.00 55.60  ? 2   ILE A CD1 1 
ATOM   15   N N   . GLN A 1 3   ? -11.892 5.879   -4.069  1.00 51.13  ? 3   GLN A N   1 
ATOM   16   C CA  . GLN A 1 3   ? -12.640 5.923   -2.815  1.00 49.90  ? 3   GLN A CA  1 
ATOM   17   C C   . GLN A 1 3   ? -13.675 4.800   -2.744  1.00 47.30  ? 3   GLN A C   1 
ATOM   18   O O   . GLN A 1 3   ? -14.209 4.492   -1.682  1.00 47.63  ? 3   GLN A O   1 
ATOM   19   C CB  . GLN A 1 3   ? -13.334 7.271   -2.620  1.00 52.03  ? 3   GLN A CB  1 
ATOM   20   C CG  . GLN A 1 3   ? -12.432 8.354   -2.081  1.00 55.58  ? 3   GLN A CG  1 
ATOM   21   C CD  . GLN A 1 3   ? -11.966 9.313   -3.157  1.00 57.91  ? 3   GLN A CD  1 
ATOM   22   O OE1 . GLN A 1 3   ? -12.326 9.172   -4.330  1.00 59.59  ? 3   GLN A OE1 1 
ATOM   23   N NE2 . GLN A 1 3   ? -11.163 10.299  -2.767  1.00 58.66  ? 3   GLN A NE2 1 
ATOM   24   N N   . ALA A 1 4   ? -13.969 4.195   -3.882  1.00 43.04  ? 4   ALA A N   1 
ATOM   25   C CA  . ALA A 1 4   ? -14.932 3.117   -3.899  1.00 39.51  ? 4   ALA A CA  1 
ATOM   26   C C   . ALA A 1 4   ? -14.216 1.809   -3.532  1.00 36.24  ? 4   ALA A C   1 
ATOM   27   O O   . ALA A 1 4   ? -14.838 0.860   -3.082  1.00 36.12  ? 4   ALA A O   1 
ATOM   28   C CB  . ALA A 1 4   ? -15.554 3.015   -5.278  1.00 41.12  ? 4   ALA A CB  1 
ATOM   29   N N   . GLU A 1 5   ? -12.894 1.791   -3.687  1.00 31.66  ? 5   GLU A N   1 
ATOM   30   C CA  . GLU A 1 5   ? -12.102 0.603   -3.387  1.00 26.67  ? 5   GLU A CA  1 
ATOM   31   C C   . GLU A 1 5   ? -12.115 0.272   -1.911  1.00 23.44  ? 5   GLU A C   1 
ATOM   32   O O   . GLU A 1 5   ? -11.937 1.149   -1.052  1.00 21.03  ? 5   GLU A O   1 
ATOM   33   C CB  . GLU A 1 5   ? -10.659 0.791   -3.856  1.00 25.63  ? 5   GLU A CB  1 
ATOM   34   C CG  . GLU A 1 5   ? -10.558 1.240   -5.284  1.00 26.83  ? 5   GLU A CG  1 
ATOM   35   C CD  . GLU A 1 5   ? -11.256 0.288   -6.223  1.00 25.81  ? 5   GLU A CD  1 
ATOM   36   O OE1 . GLU A 1 5   ? -11.725 0.739   -7.280  1.00 28.39  ? 5   GLU A OE1 1 
ATOM   37   O OE2 . GLU A 1 5   ? -11.351 -0.908  -5.895  1.00 25.21  ? 5   GLU A OE2 1 
ATOM   38   N N   . GLU A 1 6   ? -12.293 -1.008  -1.616  1.00 20.28  ? 6   GLU A N   1 
ATOM   39   C CA  . GLU A 1 6   ? -12.299 -1.466  -0.234  1.00 19.69  ? 6   GLU A CA  1 
ATOM   40   C C   . GLU A 1 6   ? -10.914 -1.394  0.449   1.00 18.45  ? 6   GLU A C   1 
ATOM   41   O O   . GLU A 1 6   ? -10.839 -1.391  1.674   1.00 18.21  ? 6   GLU A O   1 
ATOM   42   C CB  . GLU A 1 6   ? -12.900 -2.870  -0.114  1.00 19.61  ? 6   GLU A CB  1 
ATOM   43   C CG  . GLU A 1 6   ? -12.050 -4.031  -0.642  1.00 19.88  ? 6   GLU A CG  1 
ATOM   44   C CD  . GLU A 1 6   ? -11.986 -4.178  -2.198  1.00 19.47  ? 6   GLU A CD  1 
ATOM   45   O OE1 . GLU A 1 6   ? -11.234 -5.089  -2.628  1.00 19.59  ? 6   GLU A OE1 1 
ATOM   46   O OE2 . GLU A 1 6   ? -12.638 -3.425  -2.983  1.00 17.43  ? 6   GLU A OE2 1 
ATOM   47   N N   . TRP A 1 7   ? -9.828  -1.376  -0.335  1.00 16.12  ? 7   TRP A N   1 
ATOM   48   C CA  . TRP A 1 7   ? -8.477  -1.256  0.225   1.00 15.72  ? 7   TRP A CA  1 
ATOM   49   C C   . TRP A 1 7   ? -8.093  0.234   0.372   1.00 15.10  ? 7   TRP A C   1 
ATOM   50   O O   . TRP A 1 7   ? -6.980  0.566   0.785   1.00 13.38  ? 7   TRP A O   1 
ATOM   51   C CB  . TRP A 1 7   ? -7.445  -1.982  -0.647  1.00 15.40  ? 7   TRP A CB  1 
ATOM   52   C CG  . TRP A 1 7   ? -7.722  -1.893  -2.109  1.00 14.75  ? 7   TRP A CG  1 
ATOM   53   C CD1 . TRP A 1 7   ? -8.249  -2.891  -2.892  1.00 15.79  ? 7   TRP A CD1 1 
ATOM   54   C CD2 . TRP A 1 7   ? -7.430  -0.801  -3.013  1.00 15.36  ? 7   TRP A CD2 1 
ATOM   55   N NE1 . TRP A 1 7   ? -8.283  -2.496  -4.206  1.00 16.18  ? 7   TRP A NE1 1 
ATOM   56   C CE2 . TRP A 1 7   ? -7.787  -1.222  -4.310  1.00 15.87  ? 7   TRP A CE2 1 
ATOM   57   C CE3 . TRP A 1 7   ? -6.886  0.485   -2.840  1.00 15.26  ? 7   TRP A CE3 1 
ATOM   58   C CZ2 . TRP A 1 7   ? -7.621  -0.407  -5.445  1.00 16.88  ? 7   TRP A CZ2 1 
ATOM   59   C CZ3 . TRP A 1 7   ? -6.719  1.306   -3.982  1.00 17.49  ? 7   TRP A CZ3 1 
ATOM   60   C CH2 . TRP A 1 7   ? -7.084  0.851   -5.261  1.00 17.96  ? 7   TRP A CH2 1 
ATOM   61   N N   . TYR A 1 8   ? -8.998  1.131   -0.020  1.00 14.65  ? 8   TYR A N   1 
ATOM   62   C CA  . TYR A 1 8   ? -8.705  2.555   0.099   1.00 17.12  ? 8   TYR A CA  1 
ATOM   63   C C   . TYR A 1 8   ? -9.209  3.063   1.436   1.00 17.86  ? 8   TYR A C   1 
ATOM   64   O O   . TYR A 1 8   ? -10.453 3.253   1.615   1.00 19.24  ? 8   TYR A O   1 
ATOM   65   C CB  . TYR A 1 8   ? -9.367  3.389   -0.982  1.00 16.58  ? 8   TYR A CB  1 
ATOM   66   C CG  . TYR A 1 8   ? -8.875  4.815   -0.902  1.00 18.11  ? 8   TYR A CG  1 
ATOM   67   C CD1 . TYR A 1 8   ? -7.523  5.095   -1.134  1.00 17.83  ? 8   TYR A CD1 1 
ATOM   68   C CD2 . TYR A 1 8   ? -9.731  5.878   -0.556  1.00 18.23  ? 8   TYR A CD2 1 
ATOM   69   C CE1 . TYR A 1 8   ? -7.028  6.378   -1.032  1.00 19.02  ? 8   TYR A CE1 1 
ATOM   70   C CE2 . TYR A 1 8   ? -9.233  7.182   -0.449  1.00 17.61  ? 8   TYR A CE2 1 
ATOM   71   C CZ  . TYR A 1 8   ? -7.878  7.415   -0.690  1.00 17.22  ? 8   TYR A CZ  1 
ATOM   72   O OH  . TYR A 1 8   ? -7.312  8.660   -0.598  1.00 18.59  ? 8   TYR A OH  1 
ATOM   73   N N   . PHE A 1 9   ? -8.278  3.330   2.351   1.00 17.31  ? 9   PHE A N   1 
ATOM   74   C CA  . PHE A 1 9   ? -8.641  3.806   3.683   1.00 17.67  ? 9   PHE A CA  1 
ATOM   75   C C   . PHE A 1 9   ? -8.670  5.321   3.806   1.00 18.17  ? 9   PHE A C   1 
ATOM   76   O O   . PHE A 1 9   ? -8.977  5.874   4.888   1.00 18.24  ? 9   PHE A O   1 
ATOM   77   C CB  . PHE A 1 9   ? -7.753  3.164   4.749   1.00 16.64  ? 9   PHE A CB  1 
ATOM   78   C CG  . PHE A 1 9   ? -8.115  1.740   5.042   1.00 18.18  ? 9   PHE A CG  1 
ATOM   79   C CD1 . PHE A 1 9   ? -8.221  0.805   4.008   1.00 17.50  ? 9   PHE A CD1 1 
ATOM   80   C CD2 . PHE A 1 9   ? -8.338  1.321   6.346   1.00 18.67  ? 9   PHE A CD2 1 
ATOM   81   C CE1 . PHE A 1 9   ? -8.524  -0.532  4.268   1.00 17.20  ? 9   PHE A CE1 1 
ATOM   82   C CE2 . PHE A 1 9   ? -8.644  -0.027  6.617   1.00 19.98  ? 9   PHE A CE2 1 
ATOM   83   C CZ  . PHE A 1 9   ? -8.737  -0.947  5.565   1.00 19.64  ? 9   PHE A CZ  1 
ATOM   84   N N   . GLY A 1 10  ? -8.385  5.991   2.693   1.00 17.86  ? 10  GLY A N   1 
ATOM   85   C CA  . GLY A 1 10  ? -8.426  7.435   2.670   1.00 17.93  ? 10  GLY A CA  1 
ATOM   86   C C   . GLY A 1 10  ? -7.576  8.133   3.695   1.00 17.66  ? 10  GLY A C   1 
ATOM   87   O O   . GLY A 1 10  ? -6.419  7.805   3.909   1.00 17.96  ? 10  GLY A O   1 
ATOM   88   N N   . LYS A 1 11  ? -8.207  9.047   4.408   1.00 18.00  ? 11  LYS A N   1 
ATOM   89   C CA  . LYS A 1 11  ? -7.485  9.839   5.356   1.00 18.51  ? 11  LYS A CA  1 
ATOM   90   C C   . LYS A 1 11  ? -7.329  9.205   6.701   1.00 17.97  ? 11  LYS A C   1 
ATOM   91   O O   . LYS A 1 11  ? -8.178  9.383   7.576   1.00 18.99  ? 11  LYS A O   1 
ATOM   92   C CB  . LYS A 1 11  ? -8.122  11.228  5.474   1.00 21.12  ? 11  LYS A CB  1 
ATOM   93   C CG  . LYS A 1 11  ? -7.254  12.255  6.206   1.00 23.67  ? 11  LYS A CG  1 
ATOM   94   C CD  . LYS A 1 11  ? -8.073  13.498  6.526   1.00 25.47  ? 11  LYS A CD  1 
ATOM   95   C CE  . LYS A 1 11  ? -7.224  14.571  7.148   1.00 25.22  ? 11  LYS A CE  1 
ATOM   96   N NZ  . LYS A 1 11  ? -8.154  15.555  7.731   1.00 25.24  ? 11  LYS A NZ  1 
ATOM   97   N N   . ILE A 1 12  ? -6.347  8.313   6.798   1.00 16.17  ? 12  ILE A N   1 
ATOM   98   C CA  . ILE A 1 12  ? -5.993  7.712   8.081   1.00 14.91  ? 12  ILE A CA  1 
ATOM   99   C C   . ILE A 1 12  ? -4.477  7.997   8.237   1.00 13.44  ? 12  ILE A C   1 
ATOM   100  O O   . ILE A 1 12  ? -3.794  8.191   7.255   1.00 11.61  ? 12  ILE A O   1 
ATOM   101  C CB  . ILE A 1 12  ? -6.332  6.170   8.241   1.00 16.11  ? 12  ILE A CB  1 
ATOM   102  C CG1 . ILE A 1 12  ? -5.608  5.294   7.217   1.00 15.87  ? 12  ILE A CG1 1 
ATOM   103  C CG2 . ILE A 1 12  ? -7.839  5.940   8.259   1.00 16.95  ? 12  ILE A CG2 1 
ATOM   104  C CD1 . ILE A 1 12  ? -5.540  3.836   7.657   1.00 13.89  ? 12  ILE A CD1 1 
ATOM   105  N N   . THR A 1 13  ? -4.000  8.125   9.482   1.00 12.85  ? 13  THR A N   1 
ATOM   106  C CA  . THR A 1 13  ? -2.591  8.417   9.756   1.00 11.46  ? 13  THR A CA  1 
ATOM   107  C C   . THR A 1 13  ? -1.735  7.167   9.576   1.00 10.58  ? 13  THR A C   1 
ATOM   108  O O   . THR A 1 13  ? -2.255  6.030   9.587   1.00 9.20   ? 13  THR A O   1 
ATOM   109  C CB  . THR A 1 13  ? -2.374  8.908   11.244  1.00 9.67   ? 13  THR A CB  1 
ATOM   110  O OG1 . THR A 1 13  ? -2.732  7.855   12.150  1.00 10.51  ? 13  THR A OG1 1 
ATOM   111  C CG2 . THR A 1 13  ? -3.243  10.142  11.551  1.00 10.26  ? 13  THR A CG2 1 
ATOM   112  N N   . ARG A 1 14  ? -0.424  7.388   9.485   1.00 10.75  ? 14  ARG A N   1 
ATOM   113  C CA  . ARG A 1 14  ? 0.564   6.328   9.392   1.00 11.18  ? 14  ARG A CA  1 
ATOM   114  C C   . ARG A 1 14  ? 0.467   5.413   10.627  1.00 12.68  ? 14  ARG A C   1 
ATOM   115  O O   . ARG A 1 14  ? 0.517   4.182   10.510  1.00 11.37  ? 14  ARG A O   1 
ATOM   116  C CB  . ARG A 1 14  ? 1.954   6.952   9.332   1.00 10.32  ? 14  ARG A CB  1 
ATOM   117  C CG  . ARG A 1 14  ? 3.078   5.995   9.377   1.00 11.77  ? 14  ARG A CG  1 
ATOM   118  C CD  . ARG A 1 14  ? 4.295   6.751   8.947   1.00 16.02  ? 14  ARG A CD  1 
ATOM   119  N NE  . ARG A 1 14  ? 5.516   5.984   9.022   1.00 21.53  ? 14  ARG A NE  1 
ATOM   120  C CZ  . ARG A 1 14  ? 6.421   5.910   8.045   1.00 22.94  ? 14  ARG A CZ  1 
ATOM   121  N NH1 . ARG A 1 14  ? 7.513   5.187   8.237   1.00 24.18  ? 14  ARG A NH1 1 
ATOM   122  N NH2 . ARG A 1 14  ? 6.213   6.491   6.860   1.00 21.80  ? 14  ARG A NH2 1 
ATOM   123  N N   . ARG A 1 15  ? 0.321   6.014   11.812  1.00 12.45  ? 15  ARG A N   1 
ATOM   124  C CA  . ARG A 1 15  ? 0.234   5.251   13.058  1.00 11.82  ? 15  ARG A CA  1 
ATOM   125  C C   . ARG A 1 15  ? -1.005  4.378   13.062  1.00 10.97  ? 15  ARG A C   1 
ATOM   126  O O   . ARG A 1 15  ? -0.958  3.244   13.505  1.00 11.39  ? 15  ARG A O   1 
ATOM   127  C CB  . ARG A 1 15  ? 0.227   6.203   14.257  1.00 13.68  ? 15  ARG A CB  1 
ATOM   128  C CG  . ARG A 1 15  ? 0.100   5.483   15.591  1.00 16.15  ? 15  ARG A CG  1 
ATOM   129  C CD  . ARG A 1 15  ? 0.250   6.424   16.763  1.00 17.33  ? 15  ARG A CD  1 
ATOM   130  N NE  . ARG A 1 15  ? 0.024   5.717   18.023  1.00 18.78  ? 15  ARG A NE  1 
ATOM   131  C CZ  . ARG A 1 15  ? 0.964   5.065   18.710  1.00 18.81  ? 15  ARG A CZ  1 
ATOM   132  N NH1 . ARG A 1 15  ? 2.230   5.013   18.278  1.00 16.94  ? 15  ARG A NH1 1 
ATOM   133  N NH2 . ARG A 1 15  ? 0.625   4.460   19.837  1.00 20.30  ? 15  ARG A NH2 1 
ATOM   134  N N   . GLU A 1 16  ? -2.121  4.925   12.583  1.00 11.14  ? 16  GLU A N   1 
ATOM   135  C CA  . GLU A 1 16  ? -3.370  4.157   12.498  1.00 11.89  ? 16  GLU A CA  1 
ATOM   136  C C   . GLU A 1 16  ? -3.197  2.992   11.501  1.00 11.43  ? 16  GLU A C   1 
ATOM   137  O O   . GLU A 1 16  ? -3.642  1.855   11.778  1.00 10.08  ? 16  GLU A O   1 
ATOM   138  C CB  . GLU A 1 16  ? -4.560  5.051   12.090  1.00 14.30  ? 16  GLU A CB  1 
ATOM   139  C CG  . GLU A 1 16  ? -5.888  4.325   11.823  1.00 15.70  ? 16  GLU A CG  1 
ATOM   140  C CD  . GLU A 1 16  ? -6.460  3.583   13.046  1.00 17.95  ? 16  GLU A CD  1 
ATOM   141  O OE1 . GLU A 1 16  ? -7.544  2.974   12.897  1.00 21.15  ? 16  GLU A OE1 1 
ATOM   142  O OE2 . GLU A 1 16  ? -5.853  3.587   14.145  1.00 17.17  ? 16  GLU A OE2 1 
ATOM   143  N N   . SER A 1 17  ? -2.520  3.238   10.378  1.00 9.73   ? 17  SER A N   1 
ATOM   144  C CA  . SER A 1 17  ? -2.309  2.158   9.423   1.00 10.09  ? 17  SER A CA  1 
ATOM   145  C C   . SER A 1 17  ? -1.492  1.066   10.107  1.00 10.58  ? 17  SER A C   1 
ATOM   146  O O   . SER A 1 17  ? -1.782  -0.153  9.942   1.00 10.42  ? 17  SER A O   1 
ATOM   147  C CB  . SER A 1 17  ? -1.611  2.669   8.153   1.00 9.87   ? 17  SER A CB  1 
ATOM   148  O OG  . SER A 1 17  ? -0.209  2.846   8.314   1.00 10.16  ? 17  SER A OG  1 
ATOM   149  N N   . GLU A 1 18  ? -0.496  1.463   10.902  1.00 9.38   ? 18  GLU A N   1 
ATOM   150  C CA  . GLU A 1 18  ? 0.322   0.482   11.600  1.00 10.69  ? 18  GLU A CA  1 
ATOM   151  C C   . GLU A 1 18  ? -0.454  -0.264  12.670  1.00 10.74  ? 18  GLU A C   1 
ATOM   152  O O   . GLU A 1 18  ? -0.300  -1.446  12.824  1.00 12.02  ? 18  GLU A O   1 
ATOM   153  C CB  . GLU A 1 18  ? 1.590   1.118   12.143  1.00 10.02  ? 18  GLU A CB  1 
ATOM   154  C CG  . GLU A 1 18  ? 2.459   1.634   11.025  1.00 10.68  ? 18  GLU A CG  1 
ATOM   155  C CD  . GLU A 1 18  ? 3.680   2.348   11.493  1.00 15.28  ? 18  GLU A CD  1 
ATOM   156  O OE1 . GLU A 1 18  ? 4.637   2.454   10.722  1.00 15.80  ? 18  GLU A OE1 1 
ATOM   157  O OE2 . GLU A 1 18  ? 3.698   2.822   12.644  1.00 20.14  ? 18  GLU A OE2 1 
ATOM   158  N N   . ARG A 1 19  ? -1.373  0.409   13.341  1.00 11.53  ? 19  ARG A N   1 
ATOM   159  C CA  . ARG A 1 19  ? -2.148  -0.269  14.364  1.00 12.35  ? 19  ARG A CA  1 
ATOM   160  C C   . ARG A 1 19  ? -2.999  -1.376  13.702  1.00 11.66  ? 19  ARG A C   1 
ATOM   161  O O   . ARG A 1 19  ? -3.101  -2.515  14.213  1.00 12.62  ? 19  ARG A O   1 
ATOM   162  C CB  . ARG A 1 19  ? -3.043  0.728   15.108  1.00 12.65  ? 19  ARG A CB  1 
ATOM   163  C CG  . ARG A 1 19  ? -3.846  0.104   16.247  1.00 12.92  ? 19  ARG A CG  1 
ATOM   164  C CD  . ARG A 1 19  ? -4.945  1.042   16.755  1.00 14.59  ? 19  ARG A CD  1 
ATOM   165  N NE  . ARG A 1 19  ? -6.048  1.275   15.813  1.00 15.81  ? 19  ARG A NE  1 
ATOM   166  C CZ  . ARG A 1 19  ? -7.073  0.449   15.618  1.00 15.95  ? 19  ARG A CZ  1 
ATOM   167  N NH1 . ARG A 1 19  ? -7.166  -0.701  16.306  1.00 17.14  ? 19  ARG A NH1 1 
ATOM   168  N NH2 . ARG A 1 19  ? -7.988  0.757   14.705  1.00 15.63  ? 19  ARG A NH2 1 
ATOM   169  N N   . LEU A 1 20  ? -3.571  -1.042  12.551  1.00 11.71  ? 20  LEU A N   1 
ATOM   170  C CA  . LEU A 1 20  ? -4.412  -1.980  11.811  1.00 11.55  ? 20  LEU A CA  1 
ATOM   171  C C   . LEU A 1 20  ? -3.603  -3.145  11.228  1.00 11.02  ? 20  LEU A C   1 
ATOM   172  O O   . LEU A 1 20  ? -3.984  -4.302  11.347  1.00 11.63  ? 20  LEU A O   1 
ATOM   173  C CB  . LEU A 1 20  ? -5.183  -1.252  10.707  1.00 12.87  ? 20  LEU A CB  1 
ATOM   174  C CG  . LEU A 1 20  ? -6.297  -0.231  11.084  1.00 13.11  ? 20  LEU A CG  1 
ATOM   175  C CD1 . LEU A 1 20  ? -6.598  0.688   9.887   1.00 13.37  ? 20  LEU A CD1 1 
ATOM   176  C CD2 . LEU A 1 20  ? -7.539  -0.924  11.563  1.00 13.17  ? 20  LEU A CD2 1 
ATOM   177  N N   . LEU A 1 21  ? -2.441  -2.836  10.687  1.00 10.82  ? 21  LEU A N   1 
ATOM   178  C CA  . LEU A 1 21  ? -1.609  -3.861  10.068  1.00 12.34  ? 21  LEU A CA  1 
ATOM   179  C C   . LEU A 1 21  ? -0.855  -4.759  11.043  1.00 12.88  ? 21  LEU A C   1 
ATOM   180  O O   . LEU A 1 21  ? -0.573  -5.915  10.741  1.00 13.80  ? 21  LEU A O   1 
ATOM   181  C CB  . LEU A 1 21  ? -0.652  -3.203  9.042   1.00 10.75  ? 21  LEU A CB  1 
ATOM   182  C CG  . LEU A 1 21  ? -1.395  -2.593  7.826   1.00 10.50  ? 21  LEU A CG  1 
ATOM   183  C CD1 . LEU A 1 21  ? -0.510  -1.626  7.028   1.00 9.36   ? 21  LEU A CD1 1 
ATOM   184  C CD2 . LEU A 1 21  ? -1.936  -3.692  6.914   1.00 11.15  ? 21  LEU A CD2 1 
ATOM   185  N N   . LEU A 1 22  ? -0.556  -4.249  12.225  1.00 12.77  ? 22  LEU A N   1 
ATOM   186  C CA  . LEU A 1 22  ? 0.194   -5.023  13.190  1.00 14.87  ? 22  LEU A CA  1 
ATOM   187  C C   . LEU A 1 22  ? -0.664  -5.992  13.965  1.00 16.60  ? 22  LEU A C   1 
ATOM   188  O O   . LEU A 1 22  ? -0.501  -6.139  15.143  1.00 21.80  ? 22  LEU A O   1 
ATOM   189  C CB  . LEU A 1 22  ? 0.982   -4.099  14.136  1.00 15.28  ? 22  LEU A CB  1 
ATOM   190  C CG  . LEU A 1 22  ? 2.172   -3.284  13.576  1.00 17.38  ? 22  LEU A CG  1 
ATOM   191  C CD1 . LEU A 1 22  ? 2.593   -2.164  14.568  1.00 17.07  ? 22  LEU A CD1 1 
ATOM   192  C CD2 . LEU A 1 22  ? 3.375   -4.217  13.253  1.00 19.00  ? 22  LEU A CD2 1 
ATOM   193  N N   . ASN A 1 23  ? -1.620  -6.620  13.308  1.00 17.04  ? 23  ASN A N   1 
ATOM   194  C CA  . ASN A 1 23  ? -2.451  -7.600  13.985  1.00 15.56  ? 23  ASN A CA  1 
ATOM   195  C C   . ASN A 1 23  ? -1.866  -8.991  13.680  1.00 15.54  ? 23  ASN A C   1 
ATOM   196  O O   . ASN A 1 23  ? -1.610  -9.335  12.494  1.00 13.41  ? 23  ASN A O   1 
ATOM   197  C CB  . ASN A 1 23  ? -3.883  -7.488  13.501  1.00 17.95  ? 23  ASN A CB  1 
ATOM   198  C CG  . ASN A 1 23  ? -4.819  -8.351  14.305  1.00 20.74  ? 23  ASN A CG  1 
ATOM   199  O OD1 . ASN A 1 23  ? -4.588  -9.527  14.476  1.00 19.58  ? 23  ASN A OD1 1 
ATOM   200  N ND2 . ASN A 1 23  ? -5.872  -7.744  14.839  1.00 22.75  ? 23  ASN A ND2 1 
ATOM   201  N N   . ALA A 1 24  ? -1.610  -9.773  14.735  1.00 14.16  ? 24  ALA A N   1 
ATOM   202  C CA  . ALA A 1 24  ? -1.030  -11.110 14.612  1.00 14.67  ? 24  ALA A CA  1 
ATOM   203  C C   . ALA A 1 24  ? -1.704  -12.000 13.566  1.00 13.19  ? 24  ALA A C   1 
ATOM   204  O O   . ALA A 1 24  ? -1.080  -12.926 13.057  1.00 14.80  ? 24  ALA A O   1 
ATOM   205  C CB  . ALA A 1 24  ? -1.042  -11.817 15.964  1.00 13.75  ? 24  ALA A CB  1 
ATOM   206  N N   . GLU A 1 25  ? -2.981  -11.765 13.309  1.00 11.13  ? 25  GLU A N   1 
ATOM   207  C CA  . GLU A 1 25  ? -3.699  -12.557 12.338  1.00 13.31  ? 25  GLU A CA  1 
ATOM   208  C C   . GLU A 1 25  ? -3.377  -12.172 10.890  1.00 13.69  ? 25  GLU A C   1 
ATOM   209  O O   . GLU A 1 25  ? -3.710  -12.911 9.943   1.00 13.50  ? 25  GLU A O   1 
ATOM   210  C CB  . GLU A 1 25  ? -5.196  -12.451 12.590  1.00 13.79  ? 25  GLU A CB  1 
ATOM   211  C CG  . GLU A 1 25  ? -5.578  -13.123 13.904  1.00 16.87  ? 25  GLU A CG  1 
ATOM   212  C CD  . GLU A 1 25  ? -7.069  -13.051 14.194  1.00 19.57  ? 25  GLU A CD  1 
ATOM   213  O OE1 . GLU A 1 25  ? -7.453  -13.394 15.326  1.00 22.49  ? 25  GLU A OE1 1 
ATOM   214  O OE2 . GLU A 1 25  ? -7.852  -12.618 13.317  1.00 22.31  ? 25  GLU A OE2 1 
ATOM   215  N N   . ASN A 1 26  ? -2.708  -11.042 10.699  1.00 11.88  ? 26  ASN A N   1 
ATOM   216  C CA  . ASN A 1 26  ? -2.398  -10.609 9.341   1.00 12.70  ? 26  ASN A CA  1 
ATOM   217  C C   . ASN A 1 26  ? -1.216  -11.340 8.692   1.00 12.29  ? 26  ASN A C   1 
ATOM   218  O O   . ASN A 1 26  ? -0.127  -11.403 9.265   1.00 12.83  ? 26  ASN A O   1 
ATOM   219  C CB  . ASN A 1 26  ? -2.128  -9.095  9.304   1.00 10.88  ? 26  ASN A CB  1 
ATOM   220  C CG  . ASN A 1 26  ? -3.367  -8.268  9.601   1.00 10.76  ? 26  ASN A CG  1 
ATOM   221  O OD1 . ASN A 1 26  ? -4.475  -8.724  9.443   1.00 12.03  ? 26  ASN A OD1 1 
ATOM   222  N ND2 . ASN A 1 26  ? -3.166  -7.022  9.965   1.00 10.80  ? 26  ASN A ND2 1 
ATOM   223  N N   . PRO A 1 27  ? -1.437  -11.960 7.520   1.00 12.07  ? 27  PRO A N   1 
ATOM   224  C CA  . PRO A 1 27  ? -0.307  -12.644 6.880   1.00 12.29  ? 27  PRO A CA  1 
ATOM   225  C C   . PRO A 1 27  ? 0.528   -11.589 6.111   1.00 11.50  ? 27  PRO A C   1 
ATOM   226  O O   . PRO A 1 27  ? 0.092   -10.397 5.963   1.00 11.75  ? 27  PRO A O   1 
ATOM   227  C CB  . PRO A 1 27  ? -0.988  -13.642 5.928   1.00 12.14  ? 27  PRO A CB  1 
ATOM   228  C CG  . PRO A 1 27  ? -2.259  -12.970 5.567   1.00 13.01  ? 27  PRO A CG  1 
ATOM   229  C CD  . PRO A 1 27  ? -2.711  -12.253 6.829   1.00 11.82  ? 27  PRO A CD  1 
ATOM   230  N N   . ARG A 1 28  ? 1.702   -11.985 5.626   1.00 11.38  ? 28  ARG A N   1 
ATOM   231  C CA  . ARG A 1 28  ? 2.552   -11.064 4.871   1.00 11.90  ? 28  ARG A CA  1 
ATOM   232  C C   . ARG A 1 28  ? 1.773   -10.537 3.667   1.00 10.61  ? 28  ARG A C   1 
ATOM   233  O O   . ARG A 1 28  ? 1.027   -11.285 3.043   1.00 9.80   ? 28  ARG A O   1 
ATOM   234  C CB  . ARG A 1 28  ? 3.808   -11.775 4.371   1.00 11.99  ? 28  ARG A CB  1 
ATOM   235  C CG  . ARG A 1 28  ? 4.682   -12.361 5.424   1.00 15.75  ? 28  ARG A CG  1 
ATOM   236  C CD  . ARG A 1 28  ? 5.755   -13.110 4.708   1.00 22.05  ? 28  ARG A CD  1 
ATOM   237  N NE  . ARG A 1 28  ? 6.699   -13.755 5.601   1.00 28.65  ? 28  ARG A NE  1 
ATOM   238  C CZ  . ARG A 1 28  ? 7.239   -14.962 5.388   1.00 31.81  ? 28  ARG A CZ  1 
ATOM   239  N NH1 . ARG A 1 28  ? 6.915   -15.669 4.290   1.00 31.74  ? 28  ARG A NH1 1 
ATOM   240  N NH2 . ARG A 1 28  ? 8.115   -15.465 6.273   1.00 32.71  ? 28  ARG A NH2 1 
ATOM   241  N N   . GLY A 1 29  ? 1.962   -9.258  3.349   1.00 10.77  ? 29  GLY A N   1 
ATOM   242  C CA  . GLY A 1 29  ? 1.287   -8.675  2.211   1.00 9.59   ? 29  GLY A CA  1 
ATOM   243  C C   . GLY A 1 29  ? -0.075  -8.098  2.491   1.00 9.72   ? 29  GLY A C   1 
ATOM   244  O O   . GLY A 1 29  ? -0.770  -7.697  1.551   1.00 9.94   ? 29  GLY A O   1 
ATOM   245  N N   . THR A 1 30  ? -0.511  -8.117  3.750   1.00 9.37   ? 30  THR A N   1 
ATOM   246  C CA  . THR A 1 30  ? -1.799  -7.499  4.111   1.00 8.78   ? 30  THR A CA  1 
ATOM   247  C C   . THR A 1 30  ? -1.539  -6.007  3.820   1.00 8.46   ? 30  THR A C   1 
ATOM   248  O O   . THR A 1 30  ? -0.446  -5.480  4.117   1.00 9.17   ? 30  THR A O   1 
ATOM   249  C CB  . THR A 1 30  ? -2.161  -7.758  5.599   1.00 9.04   ? 30  THR A CB  1 
ATOM   250  O OG1 . THR A 1 30  ? -2.305  -9.170  5.835   1.00 9.92   ? 30  THR A OG1 1 
ATOM   251  C CG2 . THR A 1 30  ? -3.460  -7.083  5.948   1.00 9.18   ? 30  THR A CG2 1 
ATOM   252  N N   . PHE A 1 31  ? -2.504  -5.318  3.232   1.00 8.72   ? 31  PHE A N   1 
ATOM   253  C CA  . PHE A 1 31  ? -2.264  -3.937  2.829   1.00 8.14   ? 31  PHE A CA  1 
ATOM   254  C C   . PHE A 1 31  ? -3.480  -3.012  2.801   1.00 8.50   ? 31  PHE A C   1 
ATOM   255  O O   . PHE A 1 31  ? -4.647  -3.444  2.912   1.00 8.83   ? 31  PHE A O   1 
ATOM   256  C CB  . PHE A 1 31  ? -1.641  -3.950  1.423   1.00 8.55   ? 31  PHE A CB  1 
ATOM   257  C CG  . PHE A 1 31  ? -2.664  -4.213  0.317   1.00 11.27  ? 31  PHE A CG  1 
ATOM   258  C CD1 . PHE A 1 31  ? -3.200  -3.136  -0.442  1.00 10.84  ? 31  PHE A CD1 1 
ATOM   259  C CD2 . PHE A 1 31  ? -3.182  -5.508  0.111   1.00 9.99   ? 31  PHE A CD2 1 
ATOM   260  C CE1 . PHE A 1 31  ? -4.246  -3.345  -1.385  1.00 11.44  ? 31  PHE A CE1 1 
ATOM   261  C CE2 . PHE A 1 31  ? -4.229  -5.727  -0.832  1.00 10.74  ? 31  PHE A CE2 1 
ATOM   262  C CZ  . PHE A 1 31  ? -4.761  -4.639  -1.578  1.00 10.16  ? 31  PHE A CZ  1 
ATOM   263  N N   . LEU A 1 32  ? -3.174  -1.731  2.608   1.00 8.44   ? 32  LEU A N   1 
ATOM   264  C CA  . LEU A 1 32  ? -4.150  -0.679  2.461   1.00 7.82   ? 32  LEU A CA  1 
ATOM   265  C C   . LEU A 1 32  ? -3.445  0.474   1.782   1.00 7.34   ? 32  LEU A C   1 
ATOM   266  O O   . LEU A 1 32  ? -2.215  0.528   1.727   1.00 8.90   ? 32  LEU A O   1 
ATOM   267  C CB  . LEU A 1 32  ? -4.715  -0.262  3.810   1.00 8.19   ? 32  LEU A CB  1 
ATOM   268  C CG  . LEU A 1 32  ? -3.773  0.308   4.873   1.00 8.69   ? 32  LEU A CG  1 
ATOM   269  C CD1 . LEU A 1 32  ? -3.554  1.816   4.675   1.00 9.48   ? 32  LEU A CD1 1 
ATOM   270  C CD2 . LEU A 1 32  ? -4.386  0.067   6.226   1.00 11.08  ? 32  LEU A CD2 1 
ATOM   271  N N   . VAL A 1 33  ? -4.250  1.341   1.185   1.00 9.01   ? 33  VAL A N   1 
ATOM   272  C CA  . VAL A 1 33  ? -3.788  2.550   0.514   1.00 9.51   ? 33  VAL A CA  1 
ATOM   273  C C   . VAL A 1 33  ? -4.438  3.685   1.272   1.00 10.36  ? 33  VAL A C   1 
ATOM   274  O O   . VAL A 1 33  ? -5.604  3.605   1.633   1.00 11.30  ? 33  VAL A O   1 
ATOM   275  C CB  . VAL A 1 33  ? -4.206  2.580   -0.949  1.00 9.51   ? 33  VAL A CB  1 
ATOM   276  C CG1 . VAL A 1 33  ? -3.835  3.905   -1.567  1.00 9.95   ? 33  VAL A CG1 1 
ATOM   277  C CG2 . VAL A 1 33  ? -3.503  1.409   -1.695  1.00 10.67  ? 33  VAL A CG2 1 
ATOM   278  N N   . ARG A 1 34  ? -3.667  4.716   1.559   1.00 10.72  ? 34  ARG A N   1 
ATOM   279  C CA  . ARG A 1 34  ? -4.177  5.852   2.309   1.00 11.80  ? 34  ARG A CA  1 
ATOM   280  C C   . ARG A 1 34  ? -3.524  7.112   1.758   1.00 12.84  ? 34  ARG A C   1 
ATOM   281  O O   . ARG A 1 34  ? -2.635  7.045   0.898   1.00 12.14  ? 34  ARG A O   1 
ATOM   282  C CB  . ARG A 1 34  ? -3.797  5.678   3.793   1.00 10.46  ? 34  ARG A CB  1 
ATOM   283  C CG  . ARG A 1 34  ? -2.275  5.602   4.000   1.00 11.25  ? 34  ARG A CG  1 
ATOM   284  C CD  . ARG A 1 34  ? -1.898  5.451   5.472   1.00 11.02  ? 34  ARG A CD  1 
ATOM   285  N NE  . ARG A 1 34  ? -0.471  5.254   5.687   1.00 9.70   ? 34  ARG A NE  1 
ATOM   286  C CZ  . ARG A 1 34  ? 0.413   6.241   5.758   1.00 12.46  ? 34  ARG A CZ  1 
ATOM   287  N NH1 . ARG A 1 34  ? 1.709   5.983   5.971   1.00 12.92  ? 34  ARG A NH1 1 
ATOM   288  N NH2 . ARG A 1 34  ? 0.001   7.492   5.598   1.00 13.16  ? 34  ARG A NH2 1 
ATOM   289  N N   . GLU A 1 35  ? -3.997  8.269   2.206   1.00 15.46  ? 35  GLU A N   1 
ATOM   290  C CA  . GLU A 1 35  ? -3.391  9.523   1.786   1.00 15.65  ? 35  GLU A CA  1 
ATOM   291  C C   . GLU A 1 35  ? -2.095  9.638   2.567   1.00 15.43  ? 35  GLU A C   1 
ATOM   292  O O   . GLU A 1 35  ? -1.971  9.080   3.662   1.00 13.40  ? 35  GLU A O   1 
ATOM   293  C CB  . GLU A 1 35  ? -4.265  10.697  2.179   1.00 18.53  ? 35  GLU A CB  1 
ATOM   294  C CG  . GLU A 1 35  ? -5.553  10.830  1.423   1.00 24.44  ? 35  GLU A CG  1 
ATOM   295  C CD  . GLU A 1 35  ? -6.405  11.989  1.969   1.00 28.71  ? 35  GLU A CD  1 
ATOM   296  O OE1 . GLU A 1 35  ? -7.489  12.256  1.386   1.00 30.12  ? 35  GLU A OE1 1 
ATOM   297  O OE2 . GLU A 1 35  ? -5.986  12.625  2.981   1.00 29.09  ? 35  GLU A OE2 1 
ATOM   298  N N   . SER A 1 36  ? -1.113  10.303  1.974   1.00 16.34  ? 36  SER A N   1 
ATOM   299  C CA  . SER A 1 36  ? 0.159   10.545  2.641   1.00 17.29  ? 36  SER A CA  1 
ATOM   300  C C   . SER A 1 36  ? -0.114  11.654  3.671   1.00 18.04  ? 36  SER A C   1 
ATOM   301  O O   . SER A 1 36  ? -0.885  12.549  3.402   1.00 18.09  ? 36  SER A O   1 
ATOM   302  C CB  . SER A 1 36  ? 1.172   11.065  1.617   1.00 18.12  ? 36  SER A CB  1 
ATOM   303  O OG  . SER A 1 36  ? 2.239   11.746  2.261   1.00 18.37  ? 36  SER A OG  1 
ATOM   304  N N   . GLU A 1 37  ? 0.520   11.602  4.834   1.00 19.48  ? 37  GLU A N   1 
ATOM   305  C CA  . GLU A 1 37  ? 0.306   12.647  5.853   1.00 21.91  ? 37  GLU A CA  1 
ATOM   306  C C   . GLU A 1 37  ? 0.888   14.008  5.445   1.00 24.65  ? 37  GLU A C   1 
ATOM   307  O O   . GLU A 1 37  ? 0.353   15.081  5.836   1.00 25.10  ? 37  GLU A O   1 
ATOM   308  C CB  . GLU A 1 37  ? 0.955   12.258  7.179   1.00 20.32  ? 37  GLU A CB  1 
ATOM   309  C CG  . GLU A 1 37  ? 0.216   11.208  7.967   1.00 17.93  ? 37  GLU A CG  1 
ATOM   310  C CD  . GLU A 1 37  ? 0.948   10.811  9.236   1.00 16.56  ? 37  GLU A CD  1 
ATOM   311  O OE1 . GLU A 1 37  ? 2.061   11.310  9.483   1.00 17.81  ? 37  GLU A OE1 1 
ATOM   312  O OE2 . GLU A 1 37  ? 0.435   9.967   9.984   1.00 16.91  ? 37  GLU A OE2 1 
ATOM   313  N N   . THR A 1 38  ? 1.994   13.977  4.709   1.00 25.54  ? 38  THR A N   1 
ATOM   314  C CA  . THR A 1 38  ? 2.641   15.215  4.342   1.00 27.98  ? 38  THR A CA  1 
ATOM   315  C C   . THR A 1 38  ? 3.081   15.380  2.870   1.00 29.91  ? 38  THR A C   1 
ATOM   316  O O   . THR A 1 38  ? 3.549   16.468  2.470   1.00 29.72  ? 38  THR A O   1 
ATOM   317  C CB  . THR A 1 38  ? 3.836   15.419  5.272   1.00 28.38  ? 38  THR A CB  1 
ATOM   318  O OG1 . THR A 1 38  ? 4.708   14.300  5.129   1.00 28.83  ? 38  THR A OG1 1 
ATOM   319  C CG2 . THR A 1 38  ? 3.368   15.490  6.737   1.00 27.42  ? 38  THR A CG2 1 
ATOM   320  N N   . THR A 1 39  ? 3.011   14.314  2.076   1.00 30.48  ? 39  THR A N   1 
ATOM   321  C CA  . THR A 1 39  ? 3.370   14.422  0.658   1.00 31.09  ? 39  THR A CA  1 
ATOM   322  C C   . THR A 1 39  ? 2.082   14.674  -0.130  1.00 31.68  ? 39  THR A C   1 
ATOM   323  O O   . THR A 1 39  ? 1.292   13.753  -0.387  1.00 30.56  ? 39  THR A O   1 
ATOM   324  C CB  . THR A 1 39  ? 4.061   13.160  0.133   1.00 29.52  ? 39  THR A CB  1 
ATOM   325  O OG1 . THR A 1 39  ? 5.231   12.896  0.907   1.00 29.88  ? 39  THR A OG1 1 
ATOM   326  C CG2 . THR A 1 39  ? 4.474   13.348  -1.293  1.00 29.67  ? 39  THR A CG2 1 
ATOM   327  N N   . LYS A 1 40  ? 1.882   15.929  -0.524  1.00 33.24  ? 40  LYS A N   1 
ATOM   328  C CA  . LYS A 1 40  ? 0.675   16.309  -1.253  1.00 34.07  ? 40  LYS A CA  1 
ATOM   329  C C   . LYS A 1 40  ? 0.533   15.568  -2.572  1.00 33.09  ? 40  LYS A C   1 
ATOM   330  O O   . LYS A 1 40  ? 1.524   15.331  -3.273  1.00 31.36  ? 40  LYS A O   1 
ATOM   331  C CB  . LYS A 1 40  ? 0.649   17.812  -1.523  1.00 36.98  ? 40  LYS A CB  1 
ATOM   332  C CG  . LYS A 1 40  ? -0.684  18.274  -2.076  1.00 39.48  ? 40  LYS A CG  1 
ATOM   333  C CD  . LYS A 1 40  ? -0.724  19.786  -2.262  1.00 43.79  ? 40  LYS A CD  1 
ATOM   334  C CE  . LYS A 1 40  ? -2.150  20.269  -2.575  1.00 45.61  ? 40  LYS A CE  1 
ATOM   335  N NZ  . LYS A 1 40  ? -3.109  19.884  -1.482  1.00 47.69  ? 40  LYS A NZ  1 
ATOM   336  N N   . GLY A 1 41  ? -0.701  15.157  -2.852  1.00 32.11  ? 41  GLY A N   1 
ATOM   337  C CA  . GLY A 1 41  ? -1.007  14.458  -4.084  1.00 31.38  ? 41  GLY A CA  1 
ATOM   338  C C   . GLY A 1 41  ? -0.490  13.038  -4.193  1.00 30.52  ? 41  GLY A C   1 
ATOM   339  O O   . GLY A 1 41  ? -0.756  12.365  -5.202  1.00 32.05  ? 41  GLY A O   1 
ATOM   340  N N   . ALA A 1 42  ? 0.247   12.571  -3.187  1.00 27.91  ? 42  ALA A N   1 
ATOM   341  C CA  . ALA A 1 42  ? 0.750   11.215  -3.221  1.00 23.73  ? 42  ALA A CA  1 
ATOM   342  C C   . ALA A 1 42  ? 0.007   10.395  -2.182  1.00 22.13  ? 42  ALA A C   1 
ATOM   343  O O   . ALA A 1 42  ? -0.480  10.941  -1.203  1.00 21.83  ? 42  ALA A O   1 
ATOM   344  C CB  . ALA A 1 42  ? 2.203   11.197  -2.953  1.00 23.80  ? 42  ALA A CB  1 
ATOM   345  N N   . TYR A 1 43  ? -0.157  9.102   -2.464  1.00 18.65  ? 43  TYR A N   1 
ATOM   346  C CA  . TYR A 1 43  ? -0.816  8.178   -1.554  1.00 15.69  ? 43  TYR A CA  1 
ATOM   347  C C   . TYR A 1 43  ? 0.267   7.332   -0.926  1.00 13.46  ? 43  TYR A C   1 
ATOM   348  O O   . TYR A 1 43  ? 1.416   7.390   -1.335  1.00 13.42  ? 43  TYR A O   1 
ATOM   349  C CB  . TYR A 1 43  ? -1.761  7.249   -2.305  1.00 15.75  ? 43  TYR A CB  1 
ATOM   350  C CG  . TYR A 1 43  ? -2.854  7.951   -3.024  1.00 18.81  ? 43  TYR A CG  1 
ATOM   351  C CD1 . TYR A 1 43  ? -2.788  8.148   -4.406  1.00 21.69  ? 43  TYR A CD1 1 
ATOM   352  C CD2 . TYR A 1 43  ? -3.977  8.397   -2.331  1.00 21.03  ? 43  TYR A CD2 1 
ATOM   353  C CE1 . TYR A 1 43  ? -3.830  8.771   -5.091  1.00 25.04  ? 43  TYR A CE1 1 
ATOM   354  C CE2 . TYR A 1 43  ? -5.018  9.008   -2.980  1.00 24.70  ? 43  TYR A CE2 1 
ATOM   355  C CZ  . TYR A 1 43  ? -4.953  9.201   -4.364  1.00 26.86  ? 43  TYR A CZ  1 
ATOM   356  O OH  . TYR A 1 43  ? -6.034  9.799   -5.008  1.00 30.10  ? 43  TYR A OH  1 
ATOM   357  N N   . CYS A 1 44  ? -0.107  6.560   0.078   1.00 12.60  ? 44  CYS A N   1 
ATOM   358  C CA  . CYS A 1 44  ? 0.805   5.660   0.750   1.00 11.71  ? 44  CYS A CA  1 
ATOM   359  C C   . CYS A 1 44  ? 0.202   4.283   0.703   1.00 10.70  ? 44  CYS A C   1 
ATOM   360  O O   . CYS A 1 44  ? -0.957  4.132   0.979   1.00 10.15  ? 44  CYS A O   1 
ATOM   361  C CB  . CYS A 1 44  ? 1.014   6.047   2.212   1.00 12.56  ? 44  CYS A CB  1 
ATOM   362  S SG  . CYS A 1 44  ? 1.998   7.519   2.431   1.00 16.77  ? 44  CYS A SG  1 
ATOM   363  N N   . LEU A 1 45  ? 1.016   3.312   0.291   1.00 10.01  ? 45  LEU A N   1 
ATOM   364  C CA  . LEU A 1 45  ? 0.641   1.907   0.237   1.00 9.97   ? 45  LEU A CA  1 
ATOM   365  C C   . LEU A 1 45  ? 1.318   1.342   1.488   1.00 9.45   ? 45  LEU A C   1 
ATOM   366  O O   . LEU A 1 45  ? 2.554   1.324   1.562   1.00 8.92   ? 45  LEU A O   1 
ATOM   367  C CB  . LEU A 1 45  ? 1.223   1.242   -1.027  1.00 10.80  ? 45  LEU A CB  1 
ATOM   368  C CG  . LEU A 1 45  ? 1.128   -0.291  -1.159  1.00 10.38  ? 45  LEU A CG  1 
ATOM   369  C CD1 . LEU A 1 45  ? -0.335  -0.753  -1.138  1.00 10.69  ? 45  LEU A CD1 1 
ATOM   370  C CD2 . LEU A 1 45  ? 1.816   -0.768  -2.455  1.00 9.58   ? 45  LEU A CD2 1 
ATOM   371  N N   . SER A 1 46  ? 0.528   0.982   2.496   1.00 8.08   ? 46  SER A N   1 
ATOM   372  C CA  . SER A 1 46  ? 1.065   0.442   3.752   1.00 9.64   ? 46  SER A CA  1 
ATOM   373  C C   . SER A 1 46  ? 0.925   -1.066  3.696   1.00 9.39   ? 46  SER A C   1 
ATOM   374  O O   . SER A 1 46  ? -0.202  -1.577  3.451   1.00 9.60   ? 46  SER A O   1 
ATOM   375  C CB  . SER A 1 46  ? 0.306   1.063   4.921   1.00 7.83   ? 46  SER A CB  1 
ATOM   376  O OG  . SER A 1 46  ? 0.513   2.471   4.849   1.00 9.41   ? 46  SER A OG  1 
ATOM   377  N N   . VAL A 1 47  ? 2.023   -1.781  3.956   1.00 9.05   ? 47  VAL A N   1 
ATOM   378  C CA  . VAL A 1 47  ? 2.039   -3.247  3.794   1.00 9.58   ? 47  VAL A CA  1 
ATOM   379  C C   . VAL A 1 47  ? 2.638   -3.995  4.980   1.00 9.69   ? 47  VAL A C   1 
ATOM   380  O O   . VAL A 1 47  ? 3.682   -3.598  5.479   1.00 10.45  ? 47  VAL A O   1 
ATOM   381  C CB  . VAL A 1 47  ? 2.890   -3.646  2.479   1.00 9.40   ? 47  VAL A CB  1 
ATOM   382  C CG1 . VAL A 1 47  ? 2.723   -5.128  2.131   1.00 8.17   ? 47  VAL A CG1 1 
ATOM   383  C CG2 . VAL A 1 47  ? 2.550   -2.746  1.276   1.00 9.72   ? 47  VAL A CG2 1 
ATOM   384  N N   . SER A 1 48  ? 2.004   -5.095  5.400   1.00 9.46   ? 48  SER A N   1 
ATOM   385  C CA  . SER A 1 48  ? 2.551   -5.879  6.514   1.00 11.51  ? 48  SER A CA  1 
ATOM   386  C C   . SER A 1 48  ? 3.559   -6.884  5.967   1.00 12.25  ? 48  SER A C   1 
ATOM   387  O O   . SER A 1 48  ? 3.428   -7.366  4.821   1.00 11.26  ? 48  SER A O   1 
ATOM   388  C CB  . SER A 1 48  ? 1.463   -6.610  7.326   1.00 11.98  ? 48  SER A CB  1 
ATOM   389  O OG  . SER A 1 48  ? 0.976   -7.778  6.671   1.00 13.79  ? 48  SER A OG  1 
ATOM   390  N N   . ASP A 1 49  ? 4.570   -7.167  6.777   1.00 12.30  ? 49  ASP A N   1 
ATOM   391  C CA  . ASP A 1 49  ? 5.609   -8.122  6.441   1.00 12.82  ? 49  ASP A CA  1 
ATOM   392  C C   . ASP A 1 49  ? 5.889   -8.920  7.703   1.00 13.71  ? 49  ASP A C   1 
ATOM   393  O O   . ASP A 1 49  ? 5.431   -8.557  8.781   1.00 13.58  ? 49  ASP A O   1 
ATOM   394  C CB  . ASP A 1 49  ? 6.893   -7.414  6.006   1.00 13.89  ? 49  ASP A CB  1 
ATOM   395  C CG  . ASP A 1 49  ? 7.879   -8.372  5.329   1.00 16.78  ? 49  ASP A CG  1 
ATOM   396  O OD1 . ASP A 1 49  ? 7.477   -9.518  4.972   1.00 18.71  ? 49  ASP A OD1 1 
ATOM   397  O OD2 . ASP A 1 49  ? 9.044   -7.983  5.122   1.00 17.23  ? 49  ASP A OD2 1 
ATOM   398  N N   . PHE A 1 50  ? 6.618   -10.015 7.573   1.00 13.53  ? 50  PHE A N   1 
ATOM   399  C CA  . PHE A 1 50  ? 6.937   -10.828 8.722   1.00 16.16  ? 50  PHE A CA  1 
ATOM   400  C C   . PHE A 1 50  ? 8.207   -11.607 8.448   1.00 17.00  ? 50  PHE A C   1 
ATOM   401  O O   . PHE A 1 50  ? 8.430   -12.041 7.334   1.00 16.75  ? 50  PHE A O   1 
ATOM   402  C CB  . PHE A 1 50  ? 5.787   -11.835 9.024   1.00 16.12  ? 50  PHE A CB  1 
ATOM   403  C CG  . PHE A 1 50  ? 6.123   -12.824 10.123  1.00 16.27  ? 50  PHE A CG  1 
ATOM   404  C CD1 . PHE A 1 50  ? 6.783   -14.017 9.830   1.00 16.81  ? 50  PHE A CD1 1 
ATOM   405  C CD2 . PHE A 1 50  ? 5.899   -12.500 11.458  1.00 16.58  ? 50  PHE A CD2 1 
ATOM   406  C CE1 . PHE A 1 50  ? 7.237   -14.861 10.849  1.00 16.27  ? 50  PHE A CE1 1 
ATOM   407  C CE2 . PHE A 1 50  ? 6.351   -13.339 12.483  1.00 18.57  ? 50  PHE A CE2 1 
ATOM   408  C CZ  . PHE A 1 50  ? 7.020   -14.513 12.177  1.00 16.92  ? 50  PHE A CZ  1 
ATOM   409  N N   . ASP A 1 51  ? 9.075   -11.670 9.451   1.00 18.91  ? 51  ASP A N   1 
ATOM   410  C CA  . ASP A 1 51  ? 10.257  -12.509 9.384   1.00 21.17  ? 51  ASP A CA  1 
ATOM   411  C C   . ASP A 1 51  ? 10.713  -12.818 10.806  1.00 22.60  ? 51  ASP A C   1 
ATOM   412  O O   . ASP A 1 51  ? 10.209  -12.226 11.759  1.00 21.14  ? 51  ASP A O   1 
ATOM   413  C CB  . ASP A 1 51  ? 11.354  -11.985 8.450   1.00 24.25  ? 51  ASP A CB  1 
ATOM   414  C CG  . ASP A 1 51  ? 11.992  -10.712 8.920   1.00 27.16  ? 51  ASP A CG  1 
ATOM   415  O OD1 . ASP A 1 51  ? 12.324  -9.866  8.059   1.00 29.47  ? 51  ASP A OD1 1 
ATOM   416  O OD2 . ASP A 1 51  ? 12.206  -10.566 10.124  1.00 28.10  ? 51  ASP A OD2 1 
ATOM   417  N N   . ASN A 1 52  ? 11.555  -13.840 10.963  1.00 24.20  ? 52  ASN A N   1 
ATOM   418  C CA  . ASN A 1 52  ? 12.034  -14.235 12.295  1.00 26.00  ? 52  ASN A CA  1 
ATOM   419  C C   . ASN A 1 52  ? 12.923  -13.157 12.938  1.00 27.03  ? 52  ASN A C   1 
ATOM   420  O O   . ASN A 1 52  ? 13.000  -13.069 14.153  1.00 27.00  ? 52  ASN A O   1 
ATOM   421  C CB  . ASN A 1 52  ? 12.802  -15.586 12.242  1.00 27.45  ? 52  ASN A CB  1 
ATOM   422  C CG  . ASN A 1 52  ? 11.917  -16.773 11.858  1.00 26.31  ? 52  ASN A CG  1 
ATOM   423  O OD1 . ASN A 1 52  ? 10.715  -16.773 12.076  1.00 27.65  ? 52  ASN A OD1 1 
ATOM   424  N ND2 . ASN A 1 52  ? 12.528  -17.786 11.288  1.00 26.30  ? 52  ASN A ND2 1 
ATOM   425  N N   . ALA A 1 53  ? 13.578  -12.343 12.109  1.00 27.75  ? 53  ALA A N   1 
ATOM   426  C CA  . ALA A 1 53  ? 14.454  -11.271 12.600  1.00 29.40  ? 53  ALA A CA  1 
ATOM   427  C C   . ALA A 1 53  ? 13.622  -10.151 13.250  1.00 29.26  ? 53  ALA A C   1 
ATOM   428  O O   . ALA A 1 53  ? 13.779  -9.824  14.426  1.00 29.80  ? 53  ALA A O   1 
ATOM   429  C CB  . ALA A 1 53  ? 15.300  -10.703 11.427  1.00 29.02  ? 53  ALA A CB  1 
ATOM   430  N N   . LYS A 1 54  ? 12.781  -9.539  12.428  1.00 28.52  ? 54  LYS A N   1 
ATOM   431  C CA  . LYS A 1 54  ? 11.889  -8.459  12.821  1.00 27.84  ? 54  LYS A CA  1 
ATOM   432  C C   . LYS A 1 54  ? 10.491  -8.861  13.285  1.00 26.54  ? 54  LYS A C   1 
ATOM   433  O O   . LYS A 1 54  ? 9.768   -8.017  13.838  1.00 27.39  ? 54  LYS A O   1 
ATOM   434  C CB  . LYS A 1 54  ? 11.690  -7.522  11.638  1.00 28.53  ? 54  LYS A CB  1 
ATOM   435  C CG  . LYS A 1 54  ? 12.949  -6.956  11.122  1.00 31.28  ? 54  LYS A CG  1 
ATOM   436  C CD  . LYS A 1 54  ? 12.603  -5.814  10.218  1.00 33.78  ? 54  LYS A CD  1 
ATOM   437  C CE  . LYS A 1 54  ? 13.777  -4.887  10.108  1.00 34.44  ? 54  LYS A CE  1 
ATOM   438  N NZ  . LYS A 1 54  ? 13.396  -3.660  9.363   1.00 35.42  ? 54  LYS A NZ  1 
ATOM   439  N N   . GLY A 1 55  ? 10.082  -10.102 13.049  1.00 23.52  ? 55  GLY A N   1 
ATOM   440  C CA  . GLY A 1 55  ? 8.728   -10.471 13.422  1.00 20.21  ? 55  GLY A CA  1 
ATOM   441  C C   . GLY A 1 55  ? 7.771   -9.678  12.519  1.00 18.38  ? 55  GLY A C   1 
ATOM   442  O O   . GLY A 1 55  ? 8.170   -9.246  11.438  1.00 17.23  ? 55  GLY A O   1 
ATOM   443  N N   . LEU A 1 56  ? 6.547   -9.433  12.997  1.00 16.57  ? 56  LEU A N   1 
ATOM   444  C CA  . LEU A 1 56  ? 5.526   -8.697  12.244  1.00 16.24  ? 56  LEU A CA  1 
ATOM   445  C C   . LEU A 1 56  ? 5.895   -7.211  12.218  1.00 15.92  ? 56  LEU A C   1 
ATOM   446  O O   . LEU A 1 56  ? 6.207   -6.624  13.241  1.00 15.46  ? 56  LEU A O   1 
ATOM   447  C CB  . LEU A 1 56  ? 4.132   -8.935  12.865  1.00 16.66  ? 56  LEU A CB  1 
ATOM   448  C CG  . LEU A 1 56  ? 2.867   -8.422  12.154  1.00 18.02  ? 56  LEU A CG  1 
ATOM   449  C CD1 . LEU A 1 56  ? 2.806   -8.864  10.740  1.00 17.24  ? 56  LEU A CD1 1 
ATOM   450  C CD2 . LEU A 1 56  ? 1.642   -8.888  12.862  1.00 18.72  ? 56  LEU A CD2 1 
ATOM   451  N N   . ASN A 1 57  ? 5.901   -6.617  11.031  1.00 14.71  ? 57  ASN A N   1 
ATOM   452  C CA  . ASN A 1 57  ? 6.274   -5.214  10.902  1.00 14.52  ? 57  ASN A CA  1 
ATOM   453  C C   . ASN A 1 57  ? 5.561   -4.598  9.685   1.00 14.01  ? 57  ASN A C   1 
ATOM   454  O O   . ASN A 1 57  ? 4.918   -5.329  8.914   1.00 14.04  ? 57  ASN A O   1 
ATOM   455  C CB  . ASN A 1 57  ? 7.814   -5.083  10.845  1.00 14.43  ? 57  ASN A CB  1 
ATOM   456  C CG  . ASN A 1 57  ? 8.419   -5.763  9.621   1.00 16.21  ? 57  ASN A CG  1 
ATOM   457  O OD1 . ASN A 1 57  ? 8.799   -5.097  8.638   1.00 17.46  ? 57  ASN A OD1 1 
ATOM   458  N ND2 . ASN A 1 57  ? 8.487   -7.080  9.656   1.00 15.92  ? 57  ASN A ND2 1 
ATOM   459  N N   . VAL A 1 58  ? 5.650   -3.268  9.536   1.00 12.08  ? 58  VAL A N   1 
ATOM   460  C CA  . VAL A 1 58  ? 4.968   -2.548  8.464   1.00 10.93  ? 58  VAL A CA  1 
ATOM   461  C C   . VAL A 1 58  ? 5.906   -1.640  7.649   1.00 12.67  ? 58  VAL A C   1 
ATOM   462  O O   . VAL A 1 58  ? 6.798   -0.991  8.193   1.00 12.15  ? 58  VAL A O   1 
ATOM   463  C CB  . VAL A 1 58  ? 3.822   -1.672  9.036   1.00 10.02  ? 58  VAL A CB  1 
ATOM   464  C CG1 . VAL A 1 58  ? 3.102   -0.878  7.926   1.00 9.65   ? 58  VAL A CG1 1 
ATOM   465  C CG2 . VAL A 1 58  ? 2.833   -2.526  9.804   1.00 10.19  ? 58  VAL A CG2 1 
ATOM   466  N N   . LYS A 1 59  ? 5.699   -1.647  6.330   1.00 13.11  ? 59  LYS A N   1 
ATOM   467  C CA  . LYS A 1 59  ? 6.444   -0.837  5.383   1.00 12.92  ? 59  LYS A CA  1 
ATOM   468  C C   . LYS A 1 59  ? 5.446   0.094   4.690   1.00 12.35  ? 59  LYS A C   1 
ATOM   469  O O   . LYS A 1 59  ? 4.272   -0.252  4.507   1.00 12.56  ? 59  LYS A O   1 
ATOM   470  C CB  . LYS A 1 59  ? 7.141   -1.699  4.331   1.00 14.26  ? 59  LYS A CB  1 
ATOM   471  C CG  . LYS A 1 59  ? 8.307   -2.530  4.849   1.00 17.86  ? 59  LYS A CG  1 
ATOM   472  C CD  . LYS A 1 59  ? 9.341   -1.648  5.511   1.00 21.16  ? 59  LYS A CD  1 
ATOM   473  C CE  . LYS A 1 59  ? 10.721  -2.160  5.200   1.00 24.46  ? 59  LYS A CE  1 
ATOM   474  N NZ  . LYS A 1 59  ? 11.727  -1.818  6.250   1.00 26.29  ? 59  LYS A NZ  1 
ATOM   475  N N   . HIS A 1 60  ? 5.931   1.278   4.319   1.00 11.07  ? 60  HIS A N   1 
ATOM   476  C CA  . HIS A 1 60  ? 5.132   2.308   3.673   1.00 11.21  ? 60  HIS A CA  1 
ATOM   477  C C   . HIS A 1 60  ? 5.848   2.732   2.419   1.00 11.16  ? 60  HIS A C   1 
ATOM   478  O O   . HIS A 1 60  ? 7.018   3.070   2.468   1.00 11.41  ? 60  HIS A O   1 
ATOM   479  C CB  . HIS A 1 60  ? 4.974   3.538   4.610   1.00 10.05  ? 60  HIS A CB  1 
ATOM   480  C CG  . HIS A 1 60  ? 4.377   3.211   5.949   1.00 9.01   ? 60  HIS A CG  1 
ATOM   481  N ND1 . HIS A 1 60  ? 3.026   2.986   6.137   1.00 8.49   ? 60  HIS A ND1 1 
ATOM   482  C CD2 . HIS A 1 60  ? 4.958   2.998   7.159   1.00 10.51  ? 60  HIS A CD2 1 
ATOM   483  C CE1 . HIS A 1 60  ? 2.809   2.641   7.393   1.00 10.27  ? 60  HIS A CE1 1 
ATOM   484  N NE2 . HIS A 1 60  ? 3.958   2.639   8.034   1.00 9.62   ? 60  HIS A NE2 1 
ATOM   485  N N   . TYR A 1 61  ? 5.123   2.736   1.309   1.00 10.46  ? 61  TYR A N   1 
ATOM   486  C CA  . TYR A 1 61  ? 5.666   3.109   0.020   1.00 10.94  ? 61  TYR A CA  1 
ATOM   487  C C   . TYR A 1 61  ? 4.819   4.245   -0.487  1.00 12.09  ? 61  TYR A C   1 
ATOM   488  O O   . TYR A 1 61  ? 3.622   4.281   -0.237  1.00 13.65  ? 61  TYR A O   1 
ATOM   489  C CB  . TYR A 1 61  ? 5.562   1.928   -0.954  1.00 10.65  ? 61  TYR A CB  1 
ATOM   490  C CG  . TYR A 1 61  ? 6.231   0.679   -0.401  1.00 9.87   ? 61  TYR A CG  1 
ATOM   491  C CD1 . TYR A 1 61  ? 5.473   -0.350  0.207   1.00 9.76   ? 61  TYR A CD1 1 
ATOM   492  C CD2 . TYR A 1 61  ? 7.633   0.542   -0.444  1.00 9.21   ? 61  TYR A CD2 1 
ATOM   493  C CE1 . TYR A 1 61  ? 6.095   -1.477  0.745   1.00 11.30  ? 61  TYR A CE1 1 
ATOM   494  C CE2 . TYR A 1 61  ? 8.266   -0.569  0.088   1.00 11.15  ? 61  TYR A CE2 1 
ATOM   495  C CZ  . TYR A 1 61  ? 7.503   -1.575  0.678   1.00 11.96  ? 61  TYR A CZ  1 
ATOM   496  O OH  . TYR A 1 61  ? 8.146   -2.678  1.149   1.00 11.61  ? 61  TYR A OH  1 
ATOM   497  N N   . LYS A 1 62  ? 5.428   5.164   -1.217  1.00 12.23  ? 62  LYS A N   1 
ATOM   498  C CA  . LYS A 1 62  ? 4.698   6.303   -1.730  1.00 13.15  ? 62  LYS A CA  1 
ATOM   499  C C   . LYS A 1 62  ? 4.266   6.074   -3.169  1.00 13.94  ? 62  LYS A C   1 
ATOM   500  O O   . LYS A 1 62  ? 5.065   5.697   -4.009  1.00 14.01  ? 62  LYS A O   1 
ATOM   501  C CB  . LYS A 1 62  ? 5.568   7.553   -1.614  1.00 17.52  ? 62  LYS A CB  1 
ATOM   502  C CG  . LYS A 1 62  ? 4.825   8.866   -1.829  1.00 25.42  ? 62  LYS A CG  1 
ATOM   503  C CD  . LYS A 1 62  ? 5.732   10.098  -1.577  1.00 30.48  ? 62  LYS A CD  1 
ATOM   504  C CE  . LYS A 1 62  ? 6.159   10.214  -0.095  1.00 33.45  ? 62  LYS A CE  1 
ATOM   505  N NZ  . LYS A 1 62  ? 7.252   11.232  0.121   1.00 34.98  ? 62  LYS A NZ  1 
ATOM   506  N N   . ILE A 1 63  ? 2.982   6.291   -3.429  1.00 13.51  ? 63  ILE A N   1 
ATOM   507  C CA  . ILE A 1 63  ? 2.413   6.147   -4.760  1.00 14.86  ? 63  ILE A CA  1 
ATOM   508  C C   . ILE A 1 63  ? 2.253   7.550   -5.308  1.00 16.72  ? 63  ILE A C   1 
ATOM   509  O O   . ILE A 1 63  ? 1.561   8.381   -4.731  1.00 15.77  ? 63  ILE A O   1 
ATOM   510  C CB  . ILE A 1 63  ? 1.024   5.440   -4.749  1.00 13.34  ? 63  ILE A CB  1 
ATOM   511  C CG1 . ILE A 1 63  ? 1.179   3.985   -4.273  1.00 12.58  ? 63  ILE A CG1 1 
ATOM   512  C CG2 . ILE A 1 63  ? 0.376   5.504   -6.150  1.00 13.26  ? 63  ILE A CG2 1 
ATOM   513  C CD1 . ILE A 1 63  ? -0.102  3.205   -4.252  1.00 10.03  ? 63  ILE A CD1 1 
ATOM   514  N N   . ARG A 1 64  ? 2.976   7.808   -6.390  1.00 19.49  ? 64  ARG A N   1 
ATOM   515  C CA  . ARG A 1 64  ? 2.951   9.081   -7.090  1.00 22.63  ? 64  ARG A CA  1 
ATOM   516  C C   . ARG A 1 64  ? 1.916   9.032   -8.235  1.00 23.98  ? 64  ARG A C   1 
ATOM   517  O O   . ARG A 1 64  ? 1.661   7.974   -8.848  1.00 19.22  ? 64  ARG A O   1 
ATOM   518  C CB  . ARG A 1 64  ? 4.368   9.401   -7.585  1.00 24.69  ? 64  ARG A CB  1 
ATOM   519  C CG  . ARG A 1 64  ? 5.436   9.188   -6.473  1.00 29.39  ? 64  ARG A CG  1 
ATOM   520  C CD  . ARG A 1 64  ? 6.702   9.968   -6.747  1.00 34.54  ? 64  ARG A CD  1 
ATOM   521  N NE  . ARG A 1 64  ? 7.015   10.994  -5.745  1.00 38.06  ? 64  ARG A NE  1 
ATOM   522  C CZ  . ARG A 1 64  ? 6.141   11.852  -5.216  1.00 41.25  ? 64  ARG A CZ  1 
ATOM   523  N NH1 . ARG A 1 64  ? 4.848   11.842  -5.554  1.00 42.31  ? 64  ARG A NH1 1 
ATOM   524  N NH2 . ARG A 1 64  ? 6.573   12.790  -4.387  1.00 41.99  ? 64  ARG A NH2 1 
ATOM   525  N N   . LYS A 1 65  ? 1.243   10.163  -8.429  1.00 27.36  ? 65  LYS A N   1 
ATOM   526  C CA  . LYS A 1 65  ? 0.228   10.320  -9.458  1.00 31.11  ? 65  LYS A CA  1 
ATOM   527  C C   . LYS A 1 65  ? 0.558   11.585  -10.238 1.00 34.07  ? 65  LYS A C   1 
ATOM   528  O O   . LYS A 1 65  ? 0.711   12.692  -9.654  1.00 34.58  ? 65  LYS A O   1 
ATOM   529  C CB  . LYS A 1 65  ? -1.160  10.427  -8.813  1.00 32.54  ? 65  LYS A CB  1 
ATOM   530  C CG  . LYS A 1 65  ? -2.224  11.110  -9.667  1.00 34.43  ? 65  LYS A CG  1 
ATOM   531  C CD  . LYS A 1 65  ? -2.412  10.458  -11.025 1.00 36.14  ? 65  LYS A CD  1 
ATOM   532  C CE  . LYS A 1 65  ? -3.442  11.230  -11.816 1.00 37.43  ? 65  LYS A CE  1 
ATOM   533  N NZ  . LYS A 1 65  ? -4.691  11.423  -11.005 1.00 39.25  ? 65  LYS A NZ  1 
ATOM   534  N N   . LEU A 1 66  ? 0.725   11.418  -11.543 1.00 35.31  ? 66  LEU A N   1 
ATOM   535  C CA  . LEU A 1 66  ? 1.047   12.520  -12.438 1.00 37.39  ? 66  LEU A CA  1 
ATOM   536  C C   . LEU A 1 66  ? -0.245  13.123  -12.994 1.00 38.76  ? 66  LEU A C   1 
ATOM   537  O O   . LEU A 1 66  ? -1.254  12.446  -13.091 1.00 37.87  ? 66  LEU A O   1 
ATOM   538  C CB  . LEU A 1 66  ? 1.909   11.987  -13.594 1.00 36.71  ? 66  LEU A CB  1 
ATOM   539  C CG  . LEU A 1 66  ? 3.199   11.266  -13.176 1.00 36.15  ? 66  LEU A CG  1 
ATOM   540  C CD1 . LEU A 1 66  ? 3.851   10.591  -14.370 1.00 35.23  ? 66  LEU A CD1 1 
ATOM   541  C CD2 . LEU A 1 66  ? 4.162   12.255  -12.502 1.00 35.37  ? 66  LEU A CD2 1 
ATOM   542  N N   . ASP A 1 67  ? -0.229  14.412  -13.309 1.00 41.63  ? 67  ASP A N   1 
ATOM   543  C CA  . ASP A 1 67  ? -1.410  15.029  -13.918 1.00 43.97  ? 67  ASP A CA  1 
ATOM   544  C C   . ASP A 1 67  ? -1.432  14.476  -15.347 1.00 44.75  ? 67  ASP A C   1 
ATOM   545  O O   . ASP A 1 67  ? -2.458  14.502  -16.046 1.00 45.70  ? 67  ASP A O   1 
ATOM   546  C CB  . ASP A 1 67  ? -1.283  16.543  -13.900 1.00 45.90  ? 67  ASP A CB  1 
ATOM   547  C CG  . ASP A 1 67  ? -1.197  17.082  -12.491 1.00 48.39  ? 67  ASP A CG  1 
ATOM   548  O OD1 . ASP A 1 67  ? -2.208  17.631  -11.990 1.00 50.89  ? 67  ASP A OD1 1 
ATOM   549  O OD2 . ASP A 1 67  ? -0.126  16.920  -11.868 1.00 50.07  ? 67  ASP A OD2 1 
ATOM   550  N N   . SER A 1 68  ? -0.272  13.939  -15.739 1.00 44.86  ? 68  SER A N   1 
ATOM   551  C CA  . SER A 1 68  ? -0.040  13.274  -17.022 1.00 44.26  ? 68  SER A CA  1 
ATOM   552  C C   . SER A 1 68  ? -0.740  11.896  -17.009 1.00 43.29  ? 68  SER A C   1 
ATOM   553  O O   . SER A 1 68  ? -0.623  11.112  -17.986 1.00 44.38  ? 68  SER A O   1 
ATOM   554  C CB  . SER A 1 68  ? 1.462   13.089  -17.237 1.00 44.65  ? 68  SER A CB  1 
ATOM   555  O OG  . SER A 1 68  ? 2.159   14.199  -16.687 1.00 46.27  ? 68  SER A OG  1 
ATOM   556  N N   . GLY A 1 69  ? -1.336  11.543  -15.863 1.00 40.80  ? 69  GLY A N   1 
ATOM   557  C CA  . GLY A 1 69  ? -2.099  10.312  -15.766 1.00 35.93  ? 69  GLY A CA  1 
ATOM   558  C C   . GLY A 1 69  ? -1.650  9.094   -15.007 1.00 31.64  ? 69  GLY A C   1 
ATOM   559  O O   . GLY A 1 69  ? -2.400  8.541   -14.234 1.00 31.93  ? 69  GLY A O   1 
ATOM   560  N N   . GLY A 1 70  ? -0.422  8.684   -15.217 1.00 28.80  ? 70  GLY A N   1 
ATOM   561  C CA  . GLY A 1 70  ? 0.015   7.461   -14.575 1.00 24.84  ? 70  GLY A CA  1 
ATOM   562  C C   . GLY A 1 70  ? 0.239   7.475   -13.093 1.00 22.27  ? 70  GLY A C   1 
ATOM   563  O O   . GLY A 1 70  ? 0.504   8.511   -12.508 1.00 22.01  ? 70  GLY A O   1 
ATOM   564  N N   . PHE A 1 71  ? 0.141   6.285   -12.515 1.00 18.94  ? 71  PHE A N   1 
ATOM   565  C CA  . PHE A 1 71  ? 0.376   6.046   -11.093 1.00 16.88  ? 71  PHE A CA  1 
ATOM   566  C C   . PHE A 1 71  ? 1.614   5.141   -10.982 1.00 15.03  ? 71  PHE A C   1 
ATOM   567  O O   . PHE A 1 71  ? 1.767   4.208   -11.782 1.00 13.96  ? 71  PHE A O   1 
ATOM   568  C CB  . PHE A 1 71  ? -0.798  5.289   -10.479 1.00 16.59  ? 71  PHE A CB  1 
ATOM   569  C CG  . PHE A 1 71  ? -2.044  6.071   -10.443 1.00 18.51  ? 71  PHE A CG  1 
ATOM   570  C CD1 . PHE A 1 71  ? -2.866  6.151   -11.580 1.00 19.01  ? 71  PHE A CD1 1 
ATOM   571  C CD2 . PHE A 1 71  ? -2.428  6.726   -9.270  1.00 18.62  ? 71  PHE A CD2 1 
ATOM   572  C CE1 . PHE A 1 71  ? -4.057  6.869   -11.552 1.00 18.68  ? 71  PHE A CE1 1 
ATOM   573  C CE2 . PHE A 1 71  ? -3.613  7.440   -9.231  1.00 18.95  ? 71  PHE A CE2 1 
ATOM   574  C CZ  . PHE A 1 71  ? -4.430  7.516   -10.375 1.00 18.89  ? 71  PHE A CZ  1 
ATOM   575  N N   . TYR A 1 72  ? 2.461   5.376   -9.982  1.00 12.53  ? 72  TYR A N   1 
ATOM   576  C CA  . TYR A 1 72  ? 3.640   4.547   -9.809  1.00 11.69  ? 72  TYR A CA  1 
ATOM   577  C C   . TYR A 1 72  ? 4.292   4.754   -8.450  1.00 11.87  ? 72  TYR A C   1 
ATOM   578  O O   . TYR A 1 72  ? 3.990   5.716   -7.756  1.00 10.36  ? 72  TYR A O   1 
ATOM   579  C CB  . TYR A 1 72  ? 4.676   4.865   -10.897 1.00 12.25  ? 72  TYR A CB  1 
ATOM   580  C CG  . TYR A 1 72  ? 5.234   6.260   -10.796 1.00 15.76  ? 72  TYR A CG  1 
ATOM   581  C CD1 . TYR A 1 72  ? 6.270   6.560   -9.903  1.00 16.76  ? 72  TYR A CD1 1 
ATOM   582  C CD2 . TYR A 1 72  ? 4.712   7.295   -11.564 1.00 19.09  ? 72  TYR A CD2 1 
ATOM   583  C CE1 . TYR A 1 72  ? 6.766   7.832   -9.776  1.00 18.21  ? 72  TYR A CE1 1 
ATOM   584  C CE2 . TYR A 1 72  ? 5.216   8.592   -11.442 1.00 20.62  ? 72  TYR A CE2 1 
ATOM   585  C CZ  . TYR A 1 72  ? 6.237   8.830   -10.543 1.00 19.70  ? 72  TYR A CZ  1 
ATOM   586  O OH  . TYR A 1 72  ? 6.713   10.091  -10.401 1.00 24.79  ? 72  TYR A OH  1 
ATOM   587  N N   . ILE A 1 73  ? 5.106   3.766   -8.071  1.00 11.23  ? 73  ILE A N   1 
ATOM   588  C CA  . ILE A 1 73  ? 5.932   3.778   -6.865  1.00 11.18  ? 73  ILE A CA  1 
ATOM   589  C C   . ILE A 1 73  ? 7.318   4.142   -7.466  1.00 12.38  ? 73  ILE A C   1 
ATOM   590  O O   . ILE A 1 73  ? 8.019   5.091   -6.988  1.00 11.18  ? 73  ILE A O   1 
ATOM   591  C CB  . ILE A 1 73  ? 5.935   2.397   -6.140  1.00 10.65  ? 73  ILE A CB  1 
ATOM   592  C CG1 . ILE A 1 73  ? 4.530   2.106   -5.599  1.00 11.26  ? 73  ILE A CG1 1 
ATOM   593  C CG2 . ILE A 1 73  ? 6.940   2.416   -4.947  1.00 12.10  ? 73  ILE A CG2 1 
ATOM   594  C CD1 . ILE A 1 73  ? 4.386   0.814   -4.804  1.00 10.08  ? 73  ILE A CD1 1 
ATOM   595  N N   . THR A 1 74  ? 7.704   3.425   -8.534  1.00 12.22  ? 74  THR A N   1 
ATOM   596  C CA  . THR A 1 74  ? 8.932   3.708   -9.276  1.00 12.07  ? 74  THR A CA  1 
ATOM   597  C C   . THR A 1 74  ? 8.525   4.198   -10.681 1.00 13.11  ? 74  THR A C   1 
ATOM   598  O O   . THR A 1 74  ? 7.685   3.602   -11.335 1.00 12.47  ? 74  THR A O   1 
ATOM   599  C CB  . THR A 1 74  ? 9.899   2.523   -9.368  1.00 11.80  ? 74  THR A CB  1 
ATOM   600  O OG1 . THR A 1 74  ? 10.955  2.876   -10.275 1.00 13.66  ? 74  THR A OG1 1 
ATOM   601  C CG2 . THR A 1 74  ? 9.202   1.260   -9.876  1.00 12.78  ? 74  THR A CG2 1 
ATOM   602  N N   . SER A 1 75  ? 9.090   5.329   -11.109 1.00 14.99  ? 75  SER A N   1 
ATOM   603  C CA  . SER A 1 75  ? 8.768   5.927   -12.407 1.00 16.88  ? 75  SER A CA  1 
ATOM   604  C C   . SER A 1 75  ? 8.998   4.981   -13.606 1.00 16.97  ? 75  SER A C   1 
ATOM   605  O O   . SER A 1 75  ? 8.405   5.166   -14.650 1.00 16.56  ? 75  SER A O   1 
ATOM   606  C CB  . SER A 1 75  ? 9.542   7.242   -12.612 1.00 17.84  ? 75  SER A CB  1 
ATOM   607  O OG  . SER A 1 75  ? 10.938  6.986   -12.684 1.00 17.31  ? 75  SER A OG  1 
ATOM   608  N N   . ARG A 1 76  ? 9.818   3.946   -13.417 1.00 18.27  ? 76  ARG A N   1 
ATOM   609  C CA  . ARG A 1 76  ? 10.092  2.981   -14.487 1.00 18.31  ? 76  ARG A CA  1 
ATOM   610  C C   . ARG A 1 76  ? 8.925   2.040   -14.695 1.00 17.57  ? 76  ARG A C   1 
ATOM   611  O O   . ARG A 1 76  ? 8.813   1.450   -15.754 1.00 18.62  ? 76  ARG A O   1 
ATOM   612  C CB  . ARG A 1 76  ? 11.338  2.136   -14.162 1.00 21.79  ? 76  ARG A CB  1 
ATOM   613  C CG  . ARG A 1 76  ? 12.509  2.957   -13.582 1.00 28.07  ? 76  ARG A CG  1 
ATOM   614  C CD  . ARG A 1 76  ? 12.623  4.283   -14.343 1.00 33.30  ? 76  ARG A CD  1 
ATOM   615  N NE  . ARG A 1 76  ? 13.478  5.301   -13.720 1.00 38.06  ? 76  ARG A NE  1 
ATOM   616  C CZ  . ARG A 1 76  ? 13.498  6.586   -14.093 1.00 39.56  ? 76  ARG A CZ  1 
ATOM   617  N NH1 . ARG A 1 76  ? 14.319  7.439   -13.487 1.00 38.89  ? 76  ARG A NH1 1 
ATOM   618  N NH2 . ARG A 1 76  ? 12.685  7.021   -15.062 1.00 40.62  ? 76  ARG A NH2 1 
ATOM   619  N N   . THR A 1 77  ? 8.010   1.986   -13.727 1.00 14.57  ? 77  THR A N   1 
ATOM   620  C CA  . THR A 1 77  ? 6.879   1.053   -13.754 1.00 14.23  ? 77  THR A CA  1 
ATOM   621  C C   . THR A 1 77  ? 5.565   1.747   -13.421 1.00 13.66  ? 77  THR A C   1 
ATOM   622  O O   . THR A 1 77  ? 5.133   1.766   -12.264 1.00 15.70  ? 77  THR A O   1 
ATOM   623  C CB  . THR A 1 77  ? 7.206   -0.084  -12.736 1.00 13.43  ? 77  THR A CB  1 
ATOM   624  O OG1 . THR A 1 77  ? 8.518   -0.573  -13.048 1.00 12.78  ? 77  THR A OG1 1 
ATOM   625  C CG2 . THR A 1 77  ? 6.154   -1.222  -12.717 1.00 10.94  ? 77  THR A CG2 1 
ATOM   626  N N   . GLN A 1 78  ? 4.917   2.274   -14.450 1.00 13.30  ? 78  GLN A N   1 
ATOM   627  C CA  . GLN A 1 78  ? 3.681   3.040   -14.318 1.00 14.20  ? 78  GLN A CA  1 
ATOM   628  C C   . GLN A 1 78  ? 2.390   2.346   -14.729 1.00 14.29  ? 78  GLN A C   1 
ATOM   629  O O   . GLN A 1 78  ? 2.405   1.424   -15.541 1.00 14.73  ? 78  GLN A O   1 
ATOM   630  C CB  . GLN A 1 78  ? 3.822   4.303   -15.131 1.00 15.43  ? 78  GLN A CB  1 
ATOM   631  C CG  . GLN A 1 78  ? 5.086   5.029   -14.789 1.00 17.71  ? 78  GLN A CG  1 
ATOM   632  C CD  . GLN A 1 78  ? 5.139   6.444   -15.329 1.00 18.91  ? 78  GLN A CD  1 
ATOM   633  O OE1 . GLN A 1 78  ? 6.189   6.980   -15.475 1.00 21.69  ? 78  GLN A OE1 1 
ATOM   634  N NE2 . GLN A 1 78  ? 3.998   7.050   -15.586 1.00 17.60  ? 78  GLN A NE2 1 
ATOM   635  N N   . PHE A 1 79  ? 1.272   2.820   -14.193 1.00 13.20  ? 79  PHE A N   1 
ATOM   636  C CA  . PHE A 1 79  ? -0.047  2.260   -14.485 1.00 14.69  ? 79  PHE A CA  1 
ATOM   637  C C   . PHE A 1 79  ? -1.082  3.333   -14.802 1.00 16.05  ? 79  PHE A C   1 
ATOM   638  O O   . PHE A 1 79  ? -0.936  4.521   -14.384 1.00 16.89  ? 79  PHE A O   1 
ATOM   639  C CB  . PHE A 1 79  ? -0.512  1.404   -13.311 1.00 14.21  ? 79  PHE A CB  1 
ATOM   640  C CG  . PHE A 1 79  ? 0.498   0.371   -12.918 1.00 14.19  ? 79  PHE A CG  1 
ATOM   641  C CD1 . PHE A 1 79  ? 1.495   0.675   -12.000 1.00 14.35  ? 79  PHE A CD1 1 
ATOM   642  C CD2 . PHE A 1 79  ? 0.536   -0.867  -13.559 1.00 13.48  ? 79  PHE A CD2 1 
ATOM   643  C CE1 . PHE A 1 79  ? 2.521   -0.231  -11.739 1.00 14.17  ? 79  PHE A CE1 1 
ATOM   644  C CE2 . PHE A 1 79  ? 1.558   -1.767  -13.303 1.00 13.18  ? 79  PHE A CE2 1 
ATOM   645  C CZ  . PHE A 1 79  ? 2.549   -1.451  -12.393 1.00 12.54  ? 79  PHE A CZ  1 
ATOM   646  N N   . ASN A 1 80  ? -2.112  2.936   -15.552 1.00 16.64  ? 80  ASN A N   1 
ATOM   647  C CA  . ASN A 1 80  ? -3.179  3.855   -15.949 1.00 18.37  ? 80  ASN A CA  1 
ATOM   648  C C   . ASN A 1 80  ? -4.157  4.155   -14.809 1.00 18.93  ? 80  ASN A C   1 
ATOM   649  O O   . ASN A 1 80  ? -4.959  5.095   -14.899 1.00 20.24  ? 80  ASN A O   1 
ATOM   650  C CB  . ASN A 1 80  ? -3.910  3.342   -17.194 1.00 17.08  ? 80  ASN A CB  1 
ATOM   651  C CG  . ASN A 1 80  ? -3.002  3.298   -18.424 1.00 19.24  ? 80  ASN A CG  1 
ATOM   652  O OD1 . ASN A 1 80  ? -2.108  4.153   -18.584 1.00 18.78  ? 80  ASN A OD1 1 
ATOM   653  N ND2 . ASN A 1 80  ? -3.179  2.267   -19.275 1.00 20.91  ? 80  ASN A ND2 1 
ATOM   654  N N   . SER A 1 81  ? -4.095  3.356   -13.745 1.00 16.34  ? 81  SER A N   1 
ATOM   655  C CA  . SER A 1 81  ? -4.967  3.549   -12.603 1.00 16.64  ? 81  SER A CA  1 
ATOM   656  C C   . SER A 1 81  ? -4.351  2.908   -11.357 1.00 16.75  ? 81  SER A C   1 
ATOM   657  O O   . SER A 1 81  ? -3.513  1.983   -11.440 1.00 15.95  ? 81  SER A O   1 
ATOM   658  C CB  . SER A 1 81  ? -6.339  2.909   -12.874 1.00 16.03  ? 81  SER A CB  1 
ATOM   659  O OG  . SER A 1 81  ? -6.221  1.491   -12.932 1.00 15.33  ? 81  SER A OG  1 
ATOM   660  N N   . LEU A 1 82  ? -4.819  3.356   -10.200 1.00 16.58  ? 82  LEU A N   1 
ATOM   661  C CA  . LEU A 1 82  ? -4.356  2.855   -8.909  1.00 16.13  ? 82  LEU A CA  1 
ATOM   662  C C   . LEU A 1 82  ? -4.753  1.393   -8.768  1.00 15.22  ? 82  LEU A C   1 
ATOM   663  O O   . LEU A 1 82  ? -4.021  0.589   -8.239  1.00 14.87  ? 82  LEU A O   1 
ATOM   664  C CB  . LEU A 1 82  ? -4.987  3.704   -7.812  1.00 17.27  ? 82  LEU A CB  1 
ATOM   665  C CG  . LEU A 1 82  ? -4.525  3.518   -6.389  1.00 18.68  ? 82  LEU A CG  1 
ATOM   666  C CD1 . LEU A 1 82  ? -3.024  3.767   -6.314  1.00 18.65  ? 82  LEU A CD1 1 
ATOM   667  C CD2 . LEU A 1 82  ? -5.274  4.526   -5.559  1.00 20.54  ? 82  LEU A CD2 1 
ATOM   668  N N   . GLN A 1 83  ? -5.931  1.066   -9.283  1.00 15.19  ? 83  GLN A N   1 
ATOM   669  C CA  . GLN A 1 83  ? -6.438  -0.300  -9.270  1.00 15.77  ? 83  GLN A CA  1 
ATOM   670  C C   . GLN A 1 83  ? -5.514  -1.213  -10.091 1.00 15.06  ? 83  GLN A C   1 
ATOM   671  O O   . GLN A 1 83  ? -5.232  -2.340  -9.690  1.00 13.26  ? 83  GLN A O   1 
ATOM   672  C CB  . GLN A 1 83  ? -7.850  -0.309  -9.821  1.00 17.36  ? 83  GLN A CB  1 
ATOM   673  C CG  . GLN A 1 83  ? -8.809  0.508   -8.916  1.00 22.40  ? 83  GLN A CG  1 
ATOM   674  C CD  . GLN A 1 83  ? -9.080  1.999   -9.326  1.00 23.35  ? 83  GLN A CD  1 
ATOM   675  O OE1 . GLN A 1 83  ? -10.159 2.554   -9.007  1.00 26.59  ? 83  GLN A OE1 1 
ATOM   676  N NE2 . GLN A 1 83  ? -8.147  2.626   -10.020 1.00 21.25  ? 83  GLN A NE2 1 
ATOM   677  N N   . GLN A 1 84  ? -5.023  -0.725  -11.230 1.00 14.09  ? 84  GLN A N   1 
ATOM   678  C CA  . GLN A 1 84  ? -4.104  -1.522  -12.039 1.00 14.15  ? 84  GLN A CA  1 
ATOM   679  C C   . GLN A 1 84  ? -2.777  -1.696  -11.303 1.00 12.78  ? 84  GLN A C   1 
ATOM   680  O O   . GLN A 1 84  ? -2.194  -2.790  -11.318 1.00 13.40  ? 84  GLN A O   1 
ATOM   681  C CB  . GLN A 1 84  ? -3.925  -0.906  -13.433 1.00 17.12  ? 84  GLN A CB  1 
ATOM   682  C CG  . GLN A 1 84  ? -5.116  -1.288  -14.335 1.00 22.14  ? 84  GLN A CG  1 
ATOM   683  C CD  . GLN A 1 84  ? -5.310  -0.378  -15.561 1.00 26.12  ? 84  GLN A CD  1 
ATOM   684  O OE1 . GLN A 1 84  ? -5.518  0.864   -15.444 1.00 25.71  ? 84  GLN A OE1 1 
ATOM   685  N NE2 . GLN A 1 84  ? -5.271  -0.985  -16.743 1.00 27.53  ? 84  GLN A NE2 1 
ATOM   686  N N   . LEU A 1 85  ? -2.358  -0.656  -10.575 1.00 10.81  ? 85  LEU A N   1 
ATOM   687  C CA  . LEU A 1 85  ? -1.121  -0.727  -9.789  1.00 10.05  ? 85  LEU A CA  1 
ATOM   688  C C   . LEU A 1 85  ? -1.263  -1.784  -8.686  1.00 9.42   ? 85  LEU A C   1 
ATOM   689  O O   . LEU A 1 85  ? -0.356  -2.637  -8.482  1.00 8.15   ? 85  LEU A O   1 
ATOM   690  C CB  . LEU A 1 85  ? -0.766  0.660   -9.193  1.00 9.45   ? 85  LEU A CB  1 
ATOM   691  C CG  . LEU A 1 85  ? 0.518   0.777   -8.335  1.00 9.85   ? 85  LEU A CG  1 
ATOM   692  C CD1 . LEU A 1 85  ? 1.065   2.208   -8.438  1.00 11.06  ? 85  LEU A CD1 1 
ATOM   693  C CD2 . LEU A 1 85  ? 0.283   0.382   -6.870  1.00 8.29   ? 85  LEU A CD2 1 
ATOM   694  N N   . VAL A 1 86  ? -2.386  -1.747  -7.967  1.00 9.85   ? 86  VAL A N   1 
ATOM   695  C CA  . VAL A 1 86  ? -2.612  -2.710  -6.899  1.00 10.47  ? 86  VAL A CA  1 
ATOM   696  C C   . VAL A 1 86  ? -2.612  -4.132  -7.472  1.00 10.96  ? 86  VAL A C   1 
ATOM   697  O O   . VAL A 1 86  ? -1.944  -5.027  -6.957  1.00 10.87  ? 86  VAL A O   1 
ATOM   698  C CB  . VAL A 1 86  ? -3.915  -2.376  -6.136  1.00 10.56  ? 86  VAL A CB  1 
ATOM   699  C CG1 . VAL A 1 86  ? -4.346  -3.532  -5.206  1.00 12.10  ? 86  VAL A CG1 1 
ATOM   700  C CG2 . VAL A 1 86  ? -3.686  -1.118  -5.313  1.00 11.12  ? 86  VAL A CG2 1 
ATOM   701  N N   . ALA A 1 87  ? -3.264  -4.308  -8.618  1.00 11.40  ? 87  ALA A N   1 
ATOM   702  C CA  . ALA A 1 87  ? -3.315  -5.618  -9.243  1.00 10.81  ? 87  ALA A CA  1 
ATOM   703  C C   . ALA A 1 87  ? -1.918  -6.099  -9.632  1.00 11.06  ? 87  ALA A C   1 
ATOM   704  O O   . ALA A 1 87  ? -1.600  -7.288  -9.479  1.00 12.11  ? 87  ALA A O   1 
ATOM   705  C CB  . ALA A 1 87  ? -4.249  -5.591  -10.477 1.00 10.68  ? 87  ALA A CB  1 
ATOM   706  N N   . TYR A 1 88  ? -1.076  -5.203  -10.133 1.00 10.63  ? 88  TYR A N   1 
ATOM   707  C CA  . TYR A 1 88  ? 0.279   -5.609  -10.530 1.00 10.66  ? 88  TYR A CA  1 
ATOM   708  C C   . TYR A 1 88  ? 1.098   -6.087  -9.332  1.00 10.47  ? 88  TYR A C   1 
ATOM   709  O O   . TYR A 1 88  ? 1.768   -7.154  -9.380  1.00 10.38  ? 88  TYR A O   1 
ATOM   710  C CB  . TYR A 1 88  ? 1.000   -4.438  -11.215 1.00 10.78  ? 88  TYR A CB  1 
ATOM   711  C CG  . TYR A 1 88  ? 2.450   -4.691  -11.521 1.00 10.39  ? 88  TYR A CG  1 
ATOM   712  C CD1 . TYR A 1 88  ? 2.850   -5.227  -12.751 1.00 11.69  ? 88  TYR A CD1 1 
ATOM   713  C CD2 . TYR A 1 88  ? 3.438   -4.386  -10.575 1.00 11.79  ? 88  TYR A CD2 1 
ATOM   714  C CE1 . TYR A 1 88  ? 4.219   -5.455  -13.020 1.00 12.43  ? 88  TYR A CE1 1 
ATOM   715  C CE2 . TYR A 1 88  ? 4.787   -4.608  -10.828 1.00 11.71  ? 88  TYR A CE2 1 
ATOM   716  C CZ  . TYR A 1 88  ? 5.175   -5.142  -12.042 1.00 12.19  ? 88  TYR A CZ  1 
ATOM   717  O OH  . TYR A 1 88  ? 6.514   -5.367  -12.244 1.00 12.48  ? 88  TYR A OH  1 
ATOM   718  N N   . TYR A 1 89  ? 1.041   -5.308  -8.252  1.00 10.53  ? 89  TYR A N   1 
ATOM   719  C CA  . TYR A 1 89  ? 1.777   -5.628  -7.041  1.00 9.80   ? 89  TYR A CA  1 
ATOM   720  C C   . TYR A 1 89  ? 1.206   -6.801  -6.237  1.00 9.70   ? 89  TYR A C   1 
ATOM   721  O O   . TYR A 1 89  ? 1.792   -7.239  -5.307  1.00 10.05  ? 89  TYR A O   1 
ATOM   722  C CB  . TYR A 1 89  ? 2.014   -4.360  -6.211  1.00 8.92   ? 89  TYR A CB  1 
ATOM   723  C CG  . TYR A 1 89  ? 3.055   -3.479  -6.861  1.00 9.08   ? 89  TYR A CG  1 
ATOM   724  C CD1 . TYR A 1 89  ? 2.714   -2.243  -7.394  1.00 6.46   ? 89  TYR A CD1 1 
ATOM   725  C CD2 . TYR A 1 89  ? 4.393   -3.897  -6.960  1.00 8.67   ? 89  TYR A CD2 1 
ATOM   726  C CE1 . TYR A 1 89  ? 3.651   -1.457  -8.002  1.00 7.85   ? 89  TYR A CE1 1 
ATOM   727  C CE2 . TYR A 1 89  ? 5.343   -3.097  -7.579  1.00 9.39   ? 89  TYR A CE2 1 
ATOM   728  C CZ  . TYR A 1 89  ? 4.956   -1.882  -8.092  1.00 8.32   ? 89  TYR A CZ  1 
ATOM   729  O OH  . TYR A 1 89  ? 5.880   -1.077  -8.723  1.00 11.89  ? 89  TYR A OH  1 
ATOM   730  N N   . SER A 1 90  ? 0.057   -7.313  -6.647  1.00 10.98  ? 90  SER A N   1 
ATOM   731  C CA  . SER A 1 90  ? -0.526  -8.479  -5.993  1.00 11.89  ? 90  SER A CA  1 
ATOM   732  C C   . SER A 1 90  ? 0.090   -9.708  -6.641  1.00 13.30  ? 90  SER A C   1 
ATOM   733  O O   . SER A 1 90  ? -0.018  -10.801 -6.129  1.00 14.70  ? 90  SER A O   1 
ATOM   734  C CB  . SER A 1 90  ? -2.042  -8.524  -6.184  1.00 11.49  ? 90  SER A CB  1 
ATOM   735  O OG  . SER A 1 90  ? -2.661  -7.418  -5.579  1.00 13.89  ? 90  SER A OG  1 
ATOM   736  N N   . LYS A 1 91  ? 0.721   -9.497  -7.790  1.00 12.53  ? 91  LYS A N   1 
ATOM   737  C CA  . LYS A 1 91  ? 1.362   -10.561 -8.545  1.00 15.07  ? 91  LYS A CA  1 
ATOM   738  C C   . LYS A 1 91  ? 2.881   -10.495 -8.475  1.00 14.34  ? 91  LYS A C   1 
ATOM   739  O O   . LYS A 1 91  ? 3.537   -11.487 -8.603  1.00 16.70  ? 91  LYS A O   1 
ATOM   740  C CB  . LYS A 1 91  ? 0.923   -10.509 -10.032 1.00 15.24  ? 91  LYS A CB  1 
ATOM   741  C CG  . LYS A 1 91  ? -0.531  -10.875 -10.276 1.00 19.92  ? 91  LYS A CG  1 
ATOM   742  C CD  . LYS A 1 91  ? -0.704  -12.359 -10.030 1.00 23.42  ? 91  LYS A CD  1 
ATOM   743  C CE  . LYS A 1 91  ? -2.166  -12.784 -9.988  1.00 27.44  ? 91  LYS A CE  1 
ATOM   744  N NZ  . LYS A 1 91  ? -2.892  -12.540 -11.259 1.00 28.62  ? 91  LYS A NZ  1 
ATOM   745  N N   . HIS A 1 92  ? 3.435   -9.301  -8.311  1.00 14.12  ? 92  HIS A N   1 
ATOM   746  C CA  . HIS A 1 92  ? 4.881   -9.159  -8.265  1.00 13.21  ? 92  HIS A CA  1 
ATOM   747  C C   . HIS A 1 92  ? 5.313   -8.466  -7.002  1.00 13.01  ? 92  HIS A C   1 
ATOM   748  O O   . HIS A 1 92  ? 4.715   -7.475  -6.641  1.00 12.10  ? 92  HIS A O   1 
ATOM   749  C CB  . HIS A 1 92  ? 5.384   -8.280  -9.412  1.00 13.50  ? 92  HIS A CB  1 
ATOM   750  C CG  . HIS A 1 92  ? 4.789   -8.605  -10.739 1.00 14.27  ? 92  HIS A CG  1 
ATOM   751  N ND1 . HIS A 1 92  ? 5.495   -9.255  -11.731 1.00 15.00  ? 92  HIS A ND1 1 
ATOM   752  C CD2 . HIS A 1 92  ? 3.561   -8.346  -11.250 1.00 11.78  ? 92  HIS A CD2 1 
ATOM   753  C CE1 . HIS A 1 92  ? 4.724   -9.380  -12.793 1.00 11.96  ? 92  HIS A CE1 1 
ATOM   754  N NE2 . HIS A 1 92  ? 3.551   -8.842  -12.527 1.00 15.53  ? 92  HIS A NE2 1 
ATOM   755  N N   . ALA A 1 93  ? 6.351   -8.982  -6.346  1.00 12.85  ? 93  ALA A N   1 
ATOM   756  C CA  . ALA A 1 93  ? 6.889   -8.325  -5.147  1.00 12.92  ? 93  ALA A CA  1 
ATOM   757  C C   . ALA A 1 93  ? 7.757   -7.163  -5.643  1.00 12.66  ? 93  ALA A C   1 
ATOM   758  O O   . ALA A 1 93  ? 7.668   -6.058  -5.137  1.00 11.61  ? 93  ALA A O   1 
ATOM   759  C CB  . ALA A 1 93  ? 7.755   -9.299  -4.315  1.00 12.69  ? 93  ALA A CB  1 
ATOM   760  N N   . ASP A 1 94  ? 8.573   -7.434  -6.668  1.00 12.54  ? 94  ASP A N   1 
ATOM   761  C CA  . ASP A 1 94  ? 9.505   -6.455  -7.206  1.00 11.11  ? 94  ASP A CA  1 
ATOM   762  C C   . ASP A 1 94  ? 10.329  -5.911  -6.031  1.00 11.56  ? 94  ASP A C   1 
ATOM   763  O O   . ASP A 1 94  ? 10.973  -6.675  -5.346  1.00 11.43  ? 94  ASP A O   1 
ATOM   764  C CB  . ASP A 1 94  ? 8.772   -5.344  -7.966  1.00 11.30  ? 94  ASP A CB  1 
ATOM   765  C CG  . ASP A 1 94  ? 8.375   -5.758  -9.379  1.00 12.46  ? 94  ASP A CG  1 
ATOM   766  O OD1 . ASP A 1 94  ? 8.527   -6.952  -9.726  1.00 12.20  ? 94  ASP A OD1 1 
ATOM   767  O OD2 . ASP A 1 94  ? 7.930   -4.880  -10.142 1.00 12.66  ? 94  ASP A OD2 1 
ATOM   768  N N   . GLY A 1 95  ? 10.282  -4.604  -5.790  1.00 11.95  ? 95  GLY A N   1 
ATOM   769  C CA  . GLY A 1 95  ? 11.040  -4.032  -4.690  1.00 12.81  ? 95  GLY A CA  1 
ATOM   770  C C   . GLY A 1 95  ? 10.293  -3.931  -3.359  1.00 12.31  ? 95  GLY A C   1 
ATOM   771  O O   . GLY A 1 95  ? 10.850  -3.448  -2.374  1.00 12.60  ? 95  GLY A O   1 
ATOM   772  N N   . LEU A 1 96  ? 9.034   -4.351  -3.321  1.00 10.77  ? 96  LEU A N   1 
ATOM   773  C CA  . LEU A 1 96  ? 8.244   -4.305  -2.087  1.00 11.71  ? 96  LEU A CA  1 
ATOM   774  C C   . LEU A 1 96  ? 8.614   -5.444  -1.109  1.00 11.70  ? 96  LEU A C   1 
ATOM   775  O O   . LEU A 1 96  ? 9.133   -6.520  -1.513  1.00 10.98  ? 96  LEU A O   1 
ATOM   776  C CB  . LEU A 1 96  ? 6.756   -4.444  -2.418  1.00 11.09  ? 96  LEU A CB  1 
ATOM   777  C CG  . LEU A 1 96  ? 6.133   -3.478  -3.434  1.00 10.44  ? 96  LEU A CG  1 
ATOM   778  C CD1 . LEU A 1 96  ? 4.608   -3.699  -3.447  1.00 11.32  ? 96  LEU A CD1 1 
ATOM   779  C CD2 . LEU A 1 96  ? 6.498   -1.996  -3.095  1.00 10.83  ? 96  LEU A CD2 1 
ATOM   780  N N   . CYS A 1 97  ? 8.275   -5.249  0.165   1.00 10.44  ? 97  CYS A N   1 
ATOM   781  C CA  . CYS A 1 97  ? 8.561   -6.247  1.167   1.00 10.61  ? 97  CYS A CA  1 
ATOM   782  C C   . CYS A 1 97  ? 7.852   -7.586  0.897   1.00 11.28  ? 97  CYS A C   1 
ATOM   783  O O   . CYS A 1 97  ? 8.311   -8.651  1.331   1.00 11.94  ? 97  CYS A O   1 
ATOM   784  C CB  . CYS A 1 97  ? 8.218   -5.686  2.557   1.00 11.94  ? 97  CYS A CB  1 
ATOM   785  S SG  . CYS A 1 97  ? 6.487   -5.292  2.856   1.00 12.81  ? 97  CYS A SG  1 
ATOM   786  N N   . HIS A 1 98  ? 6.757   -7.551  0.143   1.00 12.55  ? 98  HIS A N   1 
ATOM   787  C CA  . HIS A 1 98  ? 5.993   -8.754  -0.182  1.00 11.22  ? 98  HIS A CA  1 
ATOM   788  C C   . HIS A 1 98  ? 4.962   -8.343  -1.207  1.00 11.84  ? 98  HIS A C   1 
ATOM   789  O O   . HIS A 1 98  ? 4.600   -7.174  -1.267  1.00 11.67  ? 98  HIS A O   1 
ATOM   790  C CB  . HIS A 1 98  ? 5.234   -9.250  1.059   1.00 10.76  ? 98  HIS A CB  1 
ATOM   791  C CG  . HIS A 1 98  ? 4.778   -10.669 0.952   1.00 9.73   ? 98  HIS A CG  1 
ATOM   792  N ND1 . HIS A 1 98  ? 3.557   -11.024 0.427   1.00 8.71   ? 98  HIS A ND1 1 
ATOM   793  C CD2 . HIS A 1 98  ? 5.390   -11.828 1.291   1.00 10.67  ? 98  HIS A CD2 1 
ATOM   794  C CE1 . HIS A 1 98  ? 3.434   -12.336 0.450   1.00 10.25  ? 98  HIS A CE1 1 
ATOM   795  N NE2 . HIS A 1 98  ? 4.533   -12.848 0.971   1.00 10.70  ? 98  HIS A NE2 1 
ATOM   796  N N   . ARG A 1 99  ? 4.457   -9.290  -1.996  1.00 11.93  ? 99  ARG A N   1 
ATOM   797  C CA  . ARG A 1 99  ? 3.402   -8.947  -2.974  1.00 12.30  ? 99  ARG A CA  1 
ATOM   798  C C   . ARG A 1 99  ? 2.150   -8.688  -2.129  1.00 10.37  ? 99  ARG A C   1 
ATOM   799  O O   . ARG A 1 99  ? 2.049   -9.237  -0.995  1.00 10.71  ? 99  ARG A O   1 
ATOM   800  C CB  . ARG A 1 99  ? 3.104   -10.125 -3.935  1.00 12.90  ? 99  ARG A CB  1 
ATOM   801  C CG  . ARG A 1 99  ? 2.282   -11.272 -3.328  1.00 14.74  ? 99  ARG A CG  1 
ATOM   802  C CD  . ARG A 1 99  ? 1.876   -12.395 -4.341  1.00 17.01  ? 99  ARG A CD  1 
ATOM   803  N NE  . ARG A 1 99  ? 1.075   -13.431 -3.687  1.00 16.85  ? 99  ARG A NE  1 
ATOM   804  C CZ  . ARG A 1 99  ? -0.267  -13.475 -3.637  1.00 18.37  ? 99  ARG A CZ  1 
ATOM   805  N NH1 . ARG A 1 99  ? -1.026  -12.552 -4.238  1.00 17.78  ? 99  ARG A NH1 1 
ATOM   806  N NH2 . ARG A 1 99  ? -0.857  -14.353 -2.819  1.00 17.68  ? 99  ARG A NH2 1 
ATOM   807  N N   . LEU A 1 100 ? 1.238   -7.862  -2.639  1.00 9.81   ? 100 LEU A N   1 
ATOM   808  C CA  . LEU A 1 100 ? -0.033  -7.572  -1.959  1.00 10.54  ? 100 LEU A CA  1 
ATOM   809  C C   . LEU A 1 100 ? -0.899  -8.847  -1.922  1.00 12.87  ? 100 LEU A C   1 
ATOM   810  O O   . LEU A 1 100 ? -1.110  -9.498  -2.940  1.00 13.62  ? 100 LEU A O   1 
ATOM   811  C CB  . LEU A 1 100 ? -0.767  -6.439  -2.661  1.00 8.75   ? 100 LEU A CB  1 
ATOM   812  C CG  . LEU A 1 100 ? 0.165   -5.235  -2.856  1.00 9.70   ? 100 LEU A CG  1 
ATOM   813  C CD1 . LEU A 1 100 ? -0.558  -4.121  -3.598  1.00 9.73   ? 100 LEU A CD1 1 
ATOM   814  C CD2 . LEU A 1 100 ? 0.751   -4.745  -1.484  1.00 9.08   ? 100 LEU A CD2 1 
ATOM   815  N N   . THR A 1 101 ? -1.379  -9.215  -0.746  1.00 13.45  ? 101 THR A N   1 
ATOM   816  C CA  . THR A 1 101 ? -2.169  -10.445 -0.611  1.00 15.18  ? 101 THR A CA  1 
ATOM   817  C C   . THR A 1 101 ? -3.591  -10.290 -0.116  1.00 17.08  ? 101 THR A C   1 
ATOM   818  O O   . THR A 1 101 ? -4.527  -10.837 -0.700  1.00 20.81  ? 101 THR A O   1 
ATOM   819  C CB  . THR A 1 101 ? -1.488  -11.471 0.371   1.00 14.04  ? 101 THR A CB  1 
ATOM   820  O OG1 . THR A 1 101 ? -1.335  -10.875 1.669   1.00 13.08  ? 101 THR A OG1 1 
ATOM   821  C CG2 . THR A 1 101 ? -0.138  -11.901 -0.127  1.00 11.40  ? 101 THR A CG2 1 
ATOM   822  N N   . THR A 1 102 ? -3.763  -9.580  0.987   1.00 16.95  ? 102 THR A N   1 
ATOM   823  C CA  . THR A 1 102 ? -5.082  -9.460  1.572   1.00 16.77  ? 102 THR A CA  1 
ATOM   824  C C   . THR A 1 102 ? -5.353  -8.037  2.021   1.00 14.51  ? 102 THR A C   1 
ATOM   825  O O   . THR A 1 102 ? -4.452  -7.343  2.416   1.00 12.34  ? 102 THR A O   1 
ATOM   826  C CB  . THR A 1 102 ? -5.255  -10.550 2.741   1.00 19.95  ? 102 THR A CB  1 
ATOM   827  O OG1 . THR A 1 102 ? -5.624  -9.948  3.988   1.00 24.11  ? 102 THR A OG1 1 
ATOM   828  C CG2 . THR A 1 102 ? -3.963  -11.337 2.961   1.00 18.52  ? 102 THR A CG2 1 
ATOM   829  N N   . VAL A 1 103 ? -6.591  -7.587  1.813   1.00 13.46  ? 103 VAL A N   1 
ATOM   830  C CA  . VAL A 1 103 ? -6.995  -6.249  2.214   1.00 14.12  ? 103 VAL A CA  1 
ATOM   831  C C   . VAL A 1 103 ? -7.085  -6.213  3.742   1.00 13.19  ? 103 VAL A C   1 
ATOM   832  O O   . VAL A 1 103 ? -7.728  -7.075  4.343   1.00 12.74  ? 103 VAL A O   1 
ATOM   833  C CB  . VAL A 1 103 ? -8.370  -5.841  1.574   1.00 15.99  ? 103 VAL A CB  1 
ATOM   834  C CG1 . VAL A 1 103 ? -8.827  -4.462  2.089   1.00 17.45  ? 103 VAL A CG1 1 
ATOM   835  C CG2 . VAL A 1 103 ? -8.258  -5.807  0.047   1.00 16.79  ? 103 VAL A CG2 1 
ATOM   836  N N   . CYS A 1 104 ? -6.427  -5.217  4.344   1.00 12.88  ? 104 CYS A N   1 
ATOM   837  C CA  . CYS A 1 104 ? -6.398  -5.050  5.787   1.00 12.82  ? 104 CYS A CA  1 
ATOM   838  C C   . CYS A 1 104 ? -7.785  -4.935  6.399   1.00 13.93  ? 104 CYS A C   1 
ATOM   839  O O   . CYS A 1 104 ? -8.596  -4.167  5.958   1.00 13.43  ? 104 CYS A O   1 
ATOM   840  C CB  . CYS A 1 104 ? -5.605  -3.808  6.180   1.00 13.95  ? 104 CYS A CB  1 
ATOM   841  S SG  . CYS A 1 104 ? -5.275  -3.743  7.960   1.00 14.68  ? 104 CYS A SG  1 
ATOM   842  N N   . PRO A 1 105 ? -8.084  -5.797  7.355   1.00 14.62  ? 105 PRO A N   1 
ATOM   843  C CA  . PRO A 1 105 ? -9.383  -5.748  8.011   1.00 18.05  ? 105 PRO A CA  1 
ATOM   844  C C   . PRO A 1 105 ? -9.382  -4.508  8.935   1.00 21.19  ? 105 PRO A C   1 
ATOM   845  O O   . PRO A 1 105 ? -8.308  -4.016  9.337   1.00 21.13  ? 105 PRO A O   1 
ATOM   846  C CB  . PRO A 1 105 ? -9.373  -7.022  8.869   1.00 18.05  ? 105 PRO A CB  1 
ATOM   847  C CG  . PRO A 1 105 ? -8.326  -7.896  8.259   1.00 17.73  ? 105 PRO A CG  1 
ATOM   848  C CD  . PRO A 1 105 ? -7.271  -6.905  7.875   1.00 16.43  ? 105 PRO A CD  1 
ATOM   849  N N   . THR A 1 106 ? -10.560 -3.975  9.238   1.00 23.94  ? 106 THR A N   1 
ATOM   850  C CA  . THR A 1 106 ? -10.653 -2.856  10.173  1.00 27.49  ? 106 THR A CA  1 
ATOM   851  C C   . THR A 1 106 ? -10.942 -3.370  11.585  1.00 29.25  ? 106 THR A C   1 
ATOM   852  O O   . THR A 1 106 ? -11.301 -4.561  11.765  1.00 30.39  ? 106 THR A O   1 
ATOM   853  C CB  . THR A 1 106 ? -11.770 -1.916  9.806   1.00 28.53  ? 106 THR A CB  1 
ATOM   854  O OG1 . THR A 1 106 ? -12.892 -2.685  9.337   1.00 30.09  ? 106 THR A OG1 1 
ATOM   855  C CG2 . THR A 1 106 ? -11.302 -0.942  8.737   1.00 30.72  ? 106 THR A CG2 1 
HETATM 856  C C1  A IS2 B 2 .   ? 8.388   14.267  6.455   0.50 68.19  ? 300 IS2 A C1  1 
HETATM 857  C C1  B IS2 B 2 .   ? 7.996   12.949  5.662   0.50 37.71  ? 300 IS2 A C1  1 
HETATM 858  C C2  A IS2 B 2 .   ? 7.714   13.456  7.447   0.50 68.23  ? 300 IS2 A C2  1 
HETATM 859  C C2  B IS2 B 2 .   ? 6.936   12.233  6.346   0.50 37.96  ? 300 IS2 A C2  1 
HETATM 860  C C3  A IS2 B 2 .   ? 6.748   12.482  7.059   0.50 68.14  ? 300 IS2 A C3  1 
HETATM 861  C C3  B IS2 B 2 .   ? 5.904   11.543  5.601   0.50 36.62  ? 300 IS2 A C3  1 
HETATM 862  C C4  A IS2 B 2 .   ? 6.541   12.202  5.652   0.50 67.71  ? 300 IS2 A C4  1 
HETATM 863  C C4  B IS2 B 2 .   ? 5.864   11.646  4.241   0.50 35.93  ? 300 IS2 A C4  1 
HETATM 864  C C5  A IS2 B 2 .   ? 7.359   12.854  4.698   0.50 68.03  ? 300 IS2 A C5  1 
HETATM 865  C C5  B IS2 B 2 .   ? 6.893   12.389  3.550   0.50 36.61  ? 300 IS2 A C5  1 
HETATM 866  C C6  A IS2 B 2 .   ? 8.308   13.835  5.090   0.50 68.13  ? 300 IS2 A C6  1 
HETATM 867  C C6  B IS2 B 2 .   ? 7.913   13.067  4.260   0.50 37.54  ? 300 IS2 A C6  1 
HETATM 868  N N11 A IS2 B 2 .   ? 5.498   11.330  5.193   0.50 66.47  ? 300 IS2 A N11 1 
HETATM 869  N N11 B IS2 B 2 .   ? 4.821   11.107  3.456   0.50 34.66  ? 300 IS2 A N11 1 
HETATM 870  C C12 A IS2 B 2 .   ? 4.574   10.789  6.086   0.50 65.83  ? 300 IS2 A C12 1 
HETATM 871  C C12 B IS2 B 2 .   ? 3.602   10.327  3.952   0.50 32.71  ? 300 IS2 A C12 1 
HETATM 872  O O13 A IS2 B 2 .   ? 4.870   10.704  7.241   0.50 64.41  ? 300 IS2 A O13 1 
HETATM 873  O O13 B IS2 B 2 .   ? 3.055   9.731   3.119   0.50 35.03  ? 300 IS2 A O13 1 
HETATM 874  P P14 A IS2 B 2 .   ? 3.621   9.470   5.406   0.50 65.24  ? 300 IS2 A P14 1 
HETATM 875  P P14 B IS2 B 2 .   ? 3.575   9.478   5.626   0.50 31.17  ? 300 IS2 A P14 1 
HETATM 876  O O15 A IS2 B 2 .   ? 2.007   9.599   5.974   0.50 65.55  ? 300 IS2 A O15 1 
HETATM 877  O O15 B IS2 B 2 .   ? 1.988   9.453   6.166   0.50 29.53  ? 300 IS2 A O15 1 
HETATM 878  O O16 A IS2 B 2 .   ? 4.268   8.192   5.795   0.50 65.63  ? 300 IS2 A O16 1 
HETATM 879  O O16 B IS2 B 2 .   ? 4.425   10.204  6.555   0.50 32.36  ? 300 IS2 A O16 1 
HETATM 880  O O17 A IS2 B 2 .   ? 3.599   9.647   3.992   0.50 66.11  ? 300 IS2 A O17 1 
HETATM 881  O O17 B IS2 B 2 .   ? 4.075   8.017   5.424   0.50 31.81  ? 300 IS2 A O17 1 
HETATM 882  C C18 A IS2 B 2 .   ? 9.528   15.161  6.879   0.50 68.56  ? 300 IS2 A C18 1 
HETATM 883  C C18 B IS2 B 2 .   ? 8.762   13.948  6.400   0.50 37.97  ? 300 IS2 A C18 1 
HETATM 884  C C19 A IS2 B 2 .   ? 9.159   15.960  8.175   0.50 68.24  ? 300 IS2 A C19 1 
HETATM 885  C C19 B IS2 B 2 .   ? 8.627   15.315  5.675   0.50 37.95  ? 300 IS2 A C19 1 
HETATM 886  O O   . HOH C 3 .   ? 0.998   -14.041 2.573   1.00 10.97  ? 301 HOH A O   1 
HETATM 887  O O   . HOH C 3 .   ? 10.784  -8.880  2.486   1.00 14.74  ? 302 HOH A O   1 
HETATM 888  O O   . HOH C 3 .   ? 8.244   -2.377  -9.519  1.00 11.17  ? 303 HOH A O   1 
HETATM 889  O O   . HOH C 3 .   ? -6.153  7.919   11.772  1.00 14.97  ? 304 HOH A O   1 
HETATM 890  O O   . HOH C 3 .   ? 2.589   -9.654  7.681   1.00 14.46  ? 305 HOH A O   1 
HETATM 891  O O   . HOH C 3 .   ? 2.520   -12.053 9.643   1.00 12.84  ? 306 HOH A O   1 
HETATM 892  O O   . HOH C 3 .   ? -10.533 -4.504  -5.098  1.00 19.20  ? 307 HOH A O   1 
HETATM 893  O O   . HOH C 3 .   ? 3.932   10.174  10.759  1.00 26.66  ? 308 HOH A O   1 
HETATM 894  O O   . HOH C 3 .   ? 7.461   6.374   -4.675  1.00 17.93  ? 309 HOH A O   1 
HETATM 895  O O   . HOH C 3 .   ? 3.374   13.889  9.723   1.00 16.61  ? 310 HOH A O   1 
HETATM 896  O O   . HOH C 3 .   ? 8.263   -2.115  -15.657 1.00 17.35  ? 311 HOH A O   1 
HETATM 897  O O   . HOH C 3 .   ? 6.904   -4.245  -14.990 1.00 17.49  ? 312 HOH A O   1 
HETATM 898  O O   . HOH C 3 .   ? -3.639  -9.304  -9.835  1.00 21.03  ? 313 HOH A O   1 
HETATM 899  O O   . HOH C 3 .   ? 10.027  -1.798  -11.465 1.00 12.51  ? 314 HOH A O   1 
HETATM 900  O O   . HOH C 3 .   ? 12.050  -5.017  -0.203  1.00 18.24  ? 315 HOH A O   1 
HETATM 901  O O   . HOH C 3 .   ? -1.985  -3.335  16.638  1.00 27.36  ? 316 HOH A O   1 
HETATM 902  O O   . HOH C 3 .   ? -5.626  -7.792  -4.135  1.00 37.44  ? 317 HOH A O   1 
HETATM 903  O O   . HOH C 3 .   ? 6.413   -1.733  11.990  1.00 20.97  ? 318 HOH A O   1 
HETATM 904  O O   . HOH C 3 .   ? 2.870   2.543   15.216  1.00 25.87  ? 319 HOH A O   1 
HETATM 905  O O   . HOH C 3 .   ? 0.607   1.401   16.120  1.00 32.21  ? 320 HOH A O   1 
HETATM 906  O O   . HOH C 3 .   ? -2.258  9.940   6.158   1.00 32.90  ? 321 HOH A O   1 
HETATM 907  O O   . HOH C 3 .   ? -4.639  -4.844  -14.383 1.00 23.70  ? 322 HOH A O   1 
HETATM 908  O O   . HOH C 3 .   ? -3.898  11.635  6.906   1.00 20.73  ? 323 HOH A O   1 
HETATM 909  O O   . HOH C 3 .   ? -3.827  13.371  4.521   1.00 22.91  ? 324 HOH A O   1 
HETATM 910  O O   . HOH C 3 .   ? 11.023  -9.954  5.181   1.00 42.09  ? 325 HOH A O   1 
HETATM 911  O O   . HOH C 3 .   ? 6.248   4.386   11.188  1.00 28.94  ? 326 HOH A O   1 
HETATM 912  O O   . HOH C 3 .   ? -11.095 -6.920  -0.553  1.00 39.73  ? 327 HOH A O   1 
HETATM 913  O O   . HOH C 3 .   ? -1.989  13.943  0.444   1.00 56.37  ? 328 HOH A O   1 
HETATM 914  O O   . HOH C 3 .   ? -4.267  5.521   15.593  1.00 17.82  ? 329 HOH A O   1 
HETATM 915  O O   . HOH C 3 .   ? -6.603  -5.153  11.276  1.00 18.98  ? 330 HOH A O   1 
HETATM 916  O O   . HOH C 3 .   ? -4.729  -4.531  15.417  1.00 30.54  ? 331 HOH A O   1 
HETATM 917  O O   . HOH C 3 .   ? -12.935 3.231   0.440   1.00 36.71  ? 332 HOH A O   1 
HETATM 918  O O   . HOH C 3 .   ? -5.512  0.669   -19.182 1.00 55.11  ? 333 HOH A O   1 
HETATM 919  O O   . HOH C 3 .   ? 9.827   -5.705  6.023   1.00 21.69  ? 334 HOH A O   1 
HETATM 920  O O   . HOH C 3 .   ? -11.040 -4.350  5.462   1.00 32.09  ? 335 HOH A O   1 
HETATM 921  O O   . HOH C 3 .   ? 3.697   -14.503 -2.117  1.00 25.68  ? 336 HOH A O   1 
HETATM 922  O O   . HOH C 3 .   ? 8.257   8.982   -4.521  1.00 32.34  ? 337 HOH A O   1 
HETATM 923  O O   . HOH C 3 .   ? 8.256   1.216   8.169   1.00 23.75  ? 338 HOH A O   1 
HETATM 924  O O   . HOH C 3 .   ? -7.956  -10.238 11.531  1.00 27.98  ? 339 HOH A O   1 
HETATM 925  O O   . HOH C 3 .   ? -7.171  -3.990  -8.074  1.00 41.46  ? 340 HOH A O   1 
HETATM 926  O O   . HOH C 3 .   ? -8.956  -9.811  0.233   1.00 50.99  ? 341 HOH A O   1 
HETATM 927  O O   . HOH C 3 .   ? -2.405  -9.248  17.524  1.00 26.51  ? 342 HOH A O   1 
HETATM 928  O O   . HOH C 3 .   ? 9.324   -2.328  8.653   1.00 26.37  ? 343 HOH A O   1 
HETATM 929  O O   . HOH C 3 .   ? -12.639 -6.865  1.350   1.00 28.15  ? 344 HOH A O   1 
HETATM 930  O O   . HOH C 3 .   ? 15.561  3.305   -10.539 1.00 36.01  ? 345 HOH A O   1 
HETATM 931  O O   . HOH C 3 .   ? 0.945   -16.039 -1.774  1.00 37.66  ? 346 HOH A O   1 
HETATM 932  O O   . HOH C 3 .   ? -7.212  -3.845  -13.230 1.00 51.57  ? 347 HOH A O   1 
HETATM 933  O O   . HOH C 3 .   ? 6.937   5.957   2.337   1.00 45.90  ? 348 HOH A O   1 
HETATM 934  O O   . HOH C 3 .   ? 18.135  1.200   -13.754 1.00 45.10  ? 349 HOH A O   1 
HETATM 935  O O   . HOH C 3 .   ? 11.102  -0.544  -2.289  1.00 66.50  ? 350 HOH A O   1 
HETATM 936  O O   . HOH C 3 .   ? -7.756  3.137   -17.178 1.00 55.32  ? 351 HOH A O   1 
HETATM 937  O O   . HOH C 3 .   ? -12.290 5.801   2.686   1.00 34.47  ? 352 HOH A O   1 
HETATM 938  O O   . HOH C 3 .   ? 6.811   -14.049 -0.138  1.00 31.40  ? 353 HOH A O   1 
HETATM 939  O O   . HOH C 3 .   ? 10.089  1.885   3.292   1.00 49.14  ? 354 HOH A O   1 
HETATM 940  O O   . HOH C 3 .   ? -7.552  -4.093  -18.418 1.00 60.19  ? 355 HOH A O   1 
HETATM 941  O O   . HOH C 3 .   ? -3.326  -6.221  18.003  1.00 50.03  ? 356 HOH A O   1 
HETATM 942  O O   . HOH C 3 .   ? 9.439   -2.138  -6.932  1.00 19.64  ? 357 HOH A O   1 
HETATM 943  O O   . HOH C 3 .   ? 8.669   4.756   -17.883 1.00 45.00  ? 358 HOH A O   1 
HETATM 944  O O   . HOH C 3 .   ? -2.959  -1.829  18.630  1.00 49.75  ? 359 HOH A O   1 
HETATM 945  O O   . HOH C 3 .   ? 9.983   0.205   -18.771 1.00 26.19  ? 360 HOH A O   1 
HETATM 946  O O   . HOH C 3 .   ? -7.702  6.430   -15.591 1.00 62.52  ? 361 HOH A O   1 
HETATM 947  O O   . HOH C 3 .   ? -6.131  -8.039  11.423  1.00 25.42  ? 362 HOH A O   1 
HETATM 948  O O   . HOH C 3 .   ? -9.406  3.118   10.882  1.00 34.79  ? 363 HOH A O   1 
HETATM 949  O O   . HOH C 3 .   ? -6.507  15.375  3.505   1.00 27.95  ? 364 HOH A O   1 
HETATM 950  O O   . HOH C 3 .   ? -8.459  -9.667  15.397  1.00 47.35  ? 365 HOH A O   1 
HETATM 951  O O   . HOH C 3 .   ? -13.025 -5.720  8.016   1.00 47.87  ? 366 HOH A O   1 
HETATM 952  O O   . HOH C 3 .   ? -12.147 2.217   4.838   1.00 31.28  ? 367 HOH A O   1 
HETATM 953  O O   . HOH C 3 .   ? -3.010  4.370   17.624  1.00 23.05  ? 368 HOH A O   1 
HETATM 954  O O   . HOH C 3 .   ? 11.158  -4.365  7.779   1.00 83.90  ? 369 HOH A O   1 
HETATM 955  O O   . HOH C 3 .   ? 9.851   -17.614 9.106   1.00 45.76  ? 370 HOH A O   1 
HETATM 956  O O   . HOH C 3 .   ? -9.728  14.250  3.131   1.00 37.95  ? 371 HOH A O   1 
HETATM 957  O O   . HOH C 3 .   ? -6.866  15.180  -0.861  1.00 55.10  ? 372 HOH A O   1 
HETATM 958  O O   . HOH C 3 .   ? 11.910  -0.384  1.891   1.00 30.05  ? 373 HOH A O   1 
HETATM 959  O O   . HOH C 3 .   ? -4.976  -10.710 16.923  1.00 28.70  ? 374 HOH A O   1 
HETATM 960  O O   . HOH C 3 .   ? -5.364  -13.950 -13.189 1.00 100.00 ? 375 HOH A O   1 
HETATM 961  O O   . HOH C 3 .   ? 6.154   2.094   -17.000 1.00 14.54  ? 376 HOH A O   1 
HETATM 962  O O   . HOH C 3 .   ? -7.978  -0.508  -19.134 1.00 54.08  ? 377 HOH A O   1 
HETATM 963  O O   . HOH C 3 .   ? 12.841  0.270   4.484   1.00 31.05  ? 378 HOH A O   1 
HETATM 964  O O   . HOH C 3 .   ? 10.660  -2.911  1.398   1.00 27.74  ? 379 HOH A O   1 
HETATM 965  O O   . HOH C 3 .   ? 8.965   -9.579  -10.774 1.00 28.79  ? 380 HOH A O   1 
HETATM 966  O O   . HOH C 3 .   ? 1.466   -12.955 12.283  1.00 27.04  ? 381 HOH A O   1 
HETATM 967  O O   . HOH C 3 .   ? -6.136  -10.410 7.880   1.00 42.60  ? 382 HOH A O   1 
HETATM 968  O O   . HOH C 3 .   ? -5.573  -1.638  18.758  1.00 28.15  ? 383 HOH A O   1 
HETATM 969  O O   . HOH C 3 .   ? 8.071   4.506   -1.518  1.00 23.61  ? 384 HOH A O   1 
HETATM 970  O O   . HOH C 3 .   ? 4.993   -15.426 2.052   1.00 27.70  ? 385 HOH A O   1 
HETATM 971  O O   . HOH C 3 .   ? -10.878 9.922   3.608   1.00 33.67  ? 386 HOH A O   1 
HETATM 972  O O   . HOH C 3 .   ? -9.125  10.221  1.023   1.00 34.53  ? 387 HOH A O   1 
HETATM 973  O O   . HOH C 3 .   ? -9.131  13.459  9.501   1.00 40.55  ? 388 HOH A O   1 
HETATM 974  O O   . HOH C 3 .   ? 5.387   -11.027 15.381  1.00 21.38  ? 389 HOH A O   1 
HETATM 975  O O   . HOH C 3 .   ? 0.520   -0.311  -16.931 1.00 9.75   ? 390 HOH A O   1 
HETATM 976  O O   . HOH C 3 .   ? -6.919  -4.647  14.293  1.00 35.65  ? 391 HOH A O   1 
HETATM 977  O O   . HOH C 3 .   ? -5.056  -15.043 9.234   1.00 18.50  ? 392 HOH A O   1 
HETATM 978  O O   . HOH C 3 .   ? 10.113  -8.358  7.682   1.00 24.54  ? 393 HOH A O   1 
HETATM 979  O O   . HOH C 3 .   ? 12.353  -15.506 8.089   1.00 37.12  ? 394 HOH A O   1 
HETATM 980  O O   . HOH C 3 .   ? 8.576   2.115   5.614   1.00 18.14  ? 395 HOH A O   1 
HETATM 981  O O   . HOH C 3 .   ? 5.653   1.496   -9.743  1.00 9.01   ? 396 HOH A O   1 
HETATM 982  O O   . HOH C 3 .   ? -7.191  5.047   -10.379 1.00 20.32  ? 397 HOH A O   1 
HETATM 983  O O   . HOH C 3 .   ? -5.108  -3.724  -16.765 1.00 27.93  ? 398 HOH A O   1 
HETATM 984  O O   . HOH C 3 .   ? 11.563  -6.807  -2.716  1.00 9.50   ? 399 HOH A O   1 
HETATM 985  O O   . HOH C 3 .   ? -11.372 4.873   6.479   1.00 62.67  ? 400 HOH A O   1 
HETATM 986  O O   . HOH C 3 .   ? -1.130  1.832   18.042  1.00 36.36  ? 401 HOH A O   1 
HETATM 987  O O   . HOH C 3 .   ? -6.471  -15.081 16.644  1.00 41.38  ? 402 HOH A O   1 
HETATM 988  O O   . HOH C 3 .   ? 2.021   12.335  -6.800  1.00 41.99  ? 403 HOH A O   1 
HETATM 989  O O   . HOH C 3 .   ? 9.801   -5.108  14.087  1.00 37.18  ? 404 HOH A O   1 
HETATM 990  O O   . HOH C 3 .   ? 9.517   8.042   -0.563  1.00 88.96  ? 405 HOH A O   1 
HETATM 991  O O   . HOH C 3 .   ? -2.259  0.246   -16.326 1.00 27.78  ? 406 HOH A O   1 
HETATM 992  O O   . HOH C 3 .   ? 7.139   -16.525 1.036   1.00 33.34  ? 407 HOH A O   1 
HETATM 993  O O   . HOH C 3 .   ? -9.742  -2.028  15.062  1.00 41.41  ? 408 HOH A O   1 
HETATM 994  O O   . HOH C 3 .   ? 8.471   -11.736 3.353   1.00 26.06  ? 409 HOH A O   1 
HETATM 995  O O   . HOH C 3 .   ? -0.503  16.550  2.276   1.00 40.37  ? 410 HOH A O   1 
HETATM 996  O O   . HOH C 3 .   ? -12.525 12.528  4.698   1.00 62.74  ? 411 HOH A O   1 
HETATM 997  O O   . HOH C 3 .   ? 5.463   -16.493 -1.520  1.00 44.36  ? 412 HOH A O   1 
HETATM 998  O O   . HOH C 3 .   ? 10.067  -11.449 -12.715 1.00 31.25  ? 413 HOH A O   1 
HETATM 999  O O   . HOH C 3 .   ? 9.262   -1.568  11.161  1.00 72.86  ? 414 HOH A O   1 
HETATM 1000 O O   . HOH C 3 .   ? -12.723 0.119   3.660   1.00 44.69  ? 415 HOH A O   1 
HETATM 1001 O O   . HOH C 3 .   ? -12.764 8.065   0.856   1.00 55.75  ? 416 HOH A O   1 
HETATM 1002 O O   . HOH C 3 .   ? 11.812  -1.192  -16.821 1.00 49.84  ? 417 HOH A O   1 
HETATM 1003 O O   . HOH C 3 .   ? 15.432  -16.003 15.200  1.00 59.04  ? 418 HOH A O   1 
HETATM 1004 O O   . HOH C 3 .   ? -10.881 13.850  -0.399  1.00 95.80  ? 419 HOH A O   1 
HETATM 1005 O O   . HOH C 3 .   ? -13.149 15.571  0.655   1.00 72.27  ? 420 HOH A O   1 
HETATM 1006 O O   . HOH C 3 .   ? -4.260  16.602  1.070   1.00 54.54  ? 421 HOH A O   1 
HETATM 1007 O O   . HOH C 3 .   ? -2.200  0.594   20.171  1.00 42.96  ? 422 HOH A O   1 
HETATM 1008 O O   . HOH C 3 .   ? 3.693   0.285   16.773  1.00 70.52  ? 423 HOH A O   1 
HETATM 1009 O O   . HOH C 3 .   ? 7.395   3.145   13.904  1.00 42.00  ? 424 HOH A O   1 
HETATM 1010 O O   . HOH C 3 .   ? -6.157  3.059   19.638  1.00 69.99  ? 425 HOH A O   1 
HETATM 1011 O O   . HOH C 3 .   ? 15.254  -4.116  13.288  1.00 53.83  ? 426 HOH A O   1 
HETATM 1012 O O   . HOH C 3 .   ? -7.874  6.220   -12.672 1.00 43.10  ? 427 HOH A O   1 
HETATM 1013 O O   . HOH C 3 .   ? -8.731  0.398   -14.090 1.00 35.13  ? 428 HOH A O   1 
HETATM 1014 O O   . HOH C 3 .   ? -6.482  -12.156 0.818   1.00 33.65  ? 429 HOH A O   1 
HETATM 1015 O O   . HOH C 3 .   ? 7.825   -7.029  15.509  1.00 57.89  ? 430 HOH A O   1 
HETATM 1016 O O   . HOH C 3 .   ? -3.889  7.377   -16.695 1.00 75.36  ? 431 HOH A O   1 
HETATM 1017 O O   . HOH C 3 .   ? 2.059   -15.703 0.683   1.00 54.15  ? 432 HOH A O   1 
HETATM 1018 O O   . HOH C 3 .   ? 10.601  -0.199  -5.770  1.00 59.29  ? 433 HOH A O   1 
HETATM 1019 O O   . HOH C 3 .   ? 6.490   0.585   12.863  1.00 52.83  ? 434 HOH A O   1 
HETATM 1020 O O   . HOH C 3 .   ? 8.500   2.483   10.607  1.00 76.46  ? 435 HOH A O   1 
HETATM 1021 O O   . HOH C 3 .   ? 9.781   5.046   -3.493  1.00 59.57  ? 436 HOH A O   1 
HETATM 1022 O O   . HOH C 3 .   ? 10.699  3.230   -1.775  1.00 73.94  ? 437 HOH A O   1 
HETATM 1023 O O   . HOH C 3 .   ? 16.985  3.583   -13.265 1.00 48.49  ? 438 HOH A O   1 
HETATM 1024 O O   . HOH C 3 .   ? -2.318  4.844   20.734  1.00 41.42  ? 439 HOH A O   1 
HETATM 1025 O O   . HOH C 3 .   ? 10.941  0.474   8.615   1.00 40.39  ? 440 HOH A O   1 
HETATM 1026 O O   . HOH C 3 .   ? 11.420  6.918   -2.623  1.00 40.71  ? 441 HOH A O   1 
HETATM 1027 O O   . HOH C 3 .   ? 6.904   -4.086  14.338  1.00 41.86  ? 442 HOH A O   1 
HETATM 1028 O O   . HOH C 3 .   ? 12.676  10.300  5.968   1.00 59.26  ? 443 HOH A O   1 
HETATM 1029 O O   . HOH C 3 .   ? -15.857 8.638   12.608  1.00 57.82  ? 444 HOH A O   1 
HETATM 1030 O O   . HOH C 3 .   ? -10.302 3.189   8.392   1.00 55.62  ? 445 HOH A O   1 
HETATM 1031 O O   . HOH C 3 .   ? -0.109  -5.998  18.298  1.00 67.10  ? 446 HOH A O   1 
HETATM 1032 O O   . HOH C 3 .   ? -4.038  -10.313 -4.210  1.00 53.79  ? 447 HOH A O   1 
# 
loop_
_pdbx_poly_seq_scheme.asym_id 
_pdbx_poly_seq_scheme.entity_id 
_pdbx_poly_seq_scheme.seq_id 
_pdbx_poly_seq_scheme.mon_id 
_pdbx_poly_seq_scheme.ndb_seq_num 
_pdbx_poly_seq_scheme.pdb_seq_num 
_pdbx_poly_seq_scheme.auth_seq_num 
_pdbx_poly_seq_scheme.pdb_mon_id 
_pdbx_poly_seq_scheme.auth_mon_id 
_pdbx_poly_seq_scheme.pdb_strand_id 
_pdbx_poly_seq_scheme.pdb_ins_code 
_pdbx_poly_seq_scheme.hetero 
A 1 1   SER 1   1   1   SER SER A . n 
A 1 2   ILE 2   2   2   ILE ILE A . n 
A 1 3   GLN 3   3   3   GLN GLN A . n 
A 1 4   ALA 4   4   4   ALA ALA A . n 
A 1 5   GLU 5   5   5   GLU GLU A . n 
A 1 6   GLU 6   6   6   GLU GLU A . n 
A 1 7   TRP 7   7   7   TRP TRP A . n 
A 1 8   TYR 8   8   8   TYR TYR A . n 
A 1 9   PHE 9   9   9   PHE PHE A . n 
A 1 10  GLY 10  10  10  GLY GLY A . n 
A 1 11  LYS 11  11  11  LYS LYS A . n 
A 1 12  ILE 12  12  12  ILE ILE A . n 
A 1 13  THR 13  13  13  THR THR A . n 
A 1 14  ARG 14  14  14  ARG ARG A . n 
A 1 15  ARG 15  15  15  ARG ARG A . n 
A 1 16  GLU 16  16  16  GLU GLU A . n 
A 1 17  SER 17  17  17  SER SER A . n 
A 1 18  GLU 18  18  18  GLU GLU A . n 
A 1 19  ARG 19  19  19  ARG ARG A . n 
A 1 20  LEU 20  20  20  LEU LEU A . n 
A 1 21  LEU 21  21  21  LEU LEU A . n 
A 1 22  LEU 22  22  22  LEU LEU A . n 
A 1 23  ASN 23  23  23  ASN ASN A . n 
A 1 24  ALA 24  24  24  ALA ALA A . n 
A 1 25  GLU 25  25  25  GLU GLU A . n 
A 1 26  ASN 26  26  26  ASN ASN A . n 
A 1 27  PRO 27  27  27  PRO PRO A . n 
A 1 28  ARG 28  28  28  ARG ARG A . n 
A 1 29  GLY 29  29  29  GLY GLY A . n 
A 1 30  THR 30  30  30  THR THR A . n 
A 1 31  PHE 31  31  31  PHE PHE A . n 
A 1 32  LEU 32  32  32  LEU LEU A . n 
A 1 33  VAL 33  33  33  VAL VAL A . n 
A 1 34  ARG 34  34  34  ARG ARG A . n 
A 1 35  GLU 35  35  35  GLU GLU A . n 
A 1 36  SER 36  36  36  SER SER A . n 
A 1 37  GLU 37  37  37  GLU GLU A . n 
A 1 38  THR 38  38  38  THR THR A . n 
A 1 39  THR 39  39  39  THR THR A . n 
A 1 40  LYS 40  40  40  LYS LYS A . n 
A 1 41  GLY 41  41  41  GLY GLY A . n 
A 1 42  ALA 42  42  42  ALA ALA A . n 
A 1 43  TYR 43  43  43  TYR TYR A . n 
A 1 44  CYS 44  44  44  CYS CYS A . n 
A 1 45  LEU 45  45  45  LEU LEU A . n 
A 1 46  SER 46  46  46  SER SER A . n 
A 1 47  VAL 47  47  47  VAL VAL A . n 
A 1 48  SER 48  48  48  SER SER A . n 
A 1 49  ASP 49  49  49  ASP ASP A . n 
A 1 50  PHE 50  50  50  PHE PHE A . n 
A 1 51  ASP 51  51  51  ASP ASP A . n 
A 1 52  ASN 52  52  52  ASN ASN A . n 
A 1 53  ALA 53  53  53  ALA ALA A . n 
A 1 54  LYS 54  54  54  LYS LYS A . n 
A 1 55  GLY 55  55  55  GLY GLY A . n 
A 1 56  LEU 56  56  56  LEU LEU A . n 
A 1 57  ASN 57  57  57  ASN ASN A . n 
A 1 58  VAL 58  58  58  VAL VAL A . n 
A 1 59  LYS 59  59  59  LYS LYS A . n 
A 1 60  HIS 60  60  60  HIS HIS A . n 
A 1 61  TYR 61  61  61  TYR TYR A . n 
A 1 62  LYS 62  62  62  LYS LYS A . n 
A 1 63  ILE 63  63  63  ILE ILE A . n 
A 1 64  ARG 64  64  64  ARG ARG A . n 
A 1 65  LYS 65  65  65  LYS LYS A . n 
A 1 66  LEU 66  66  66  LEU LEU A . n 
A 1 67  ASP 67  67  67  ASP ASP A . n 
A 1 68  SER 68  68  68  SER SER A . n 
A 1 69  GLY 69  69  69  GLY GLY A . n 
A 1 70  GLY 70  70  70  GLY GLY A . n 
A 1 71  PHE 71  71  71  PHE PHE A . n 
A 1 72  TYR 72  72  72  TYR TYR A . n 
A 1 73  ILE 73  73  73  ILE ILE A . n 
A 1 74  THR 74  74  74  THR THR A . n 
A 1 75  SER 75  75  75  SER SER A . n 
A 1 76  ARG 76  76  76  ARG ARG A . n 
A 1 77  THR 77  77  77  THR THR A . n 
A 1 78  GLN 78  78  78  GLN GLN A . n 
A 1 79  PHE 79  79  79  PHE PHE A . n 
A 1 80  ASN 80  80  80  ASN ASN A . n 
A 1 81  SER 81  81  81  SER SER A . n 
A 1 82  LEU 82  82  82  LEU LEU A . n 
A 1 83  GLN 83  83  83  GLN GLN A . n 
A 1 84  GLN 84  84  84  GLN GLN A . n 
A 1 85  LEU 85  85  85  LEU LEU A . n 
A 1 86  VAL 86  86  86  VAL VAL A . n 
A 1 87  ALA 87  87  87  ALA ALA A . n 
A 1 88  TYR 88  88  88  TYR TYR A . n 
A 1 89  TYR 89  89  89  TYR TYR A . n 
A 1 90  SER 90  90  90  SER SER A . n 
A 1 91  LYS 91  91  91  LYS LYS A . n 
A 1 92  HIS 92  92  92  HIS HIS A . n 
A 1 93  ALA 93  93  93  ALA ALA A . n 
A 1 94  ASP 94  94  94  ASP ASP A . n 
A 1 95  GLY 95  95  95  GLY GLY A . n 
A 1 96  LEU 96  96  96  LEU LEU A . n 
A 1 97  CYS 97  97  97  CYS CYS A . n 
A 1 98  HIS 98  98  98  HIS HIS A . n 
A 1 99  ARG 99  99  99  ARG ARG A . n 
A 1 100 LEU 100 100 100 LEU LEU A . n 
A 1 101 THR 101 101 101 THR THR A . n 
A 1 102 THR 102 102 102 THR THR A . n 
A 1 103 VAL 103 103 103 VAL VAL A . n 
A 1 104 CYS 104 104 104 CYS CYS A . n 
A 1 105 PRO 105 105 105 PRO PRO A . n 
A 1 106 THR 106 106 106 THR THR A . n 
A 1 107 SER 107 107 ?   ?   ?   A . n 
A 1 108 LYS 108 108 ?   ?   ?   A . n 
# 
loop_
_pdbx_nonpoly_scheme.asym_id 
_pdbx_nonpoly_scheme.entity_id 
_pdbx_nonpoly_scheme.mon_id 
_pdbx_nonpoly_scheme.ndb_seq_num 
_pdbx_nonpoly_scheme.pdb_seq_num 
_pdbx_nonpoly_scheme.auth_seq_num 
_pdbx_nonpoly_scheme.pdb_mon_id 
_pdbx_nonpoly_scheme.auth_mon_id 
_pdbx_nonpoly_scheme.pdb_strand_id 
_pdbx_nonpoly_scheme.pdb_ins_code 
B 2 IS2 1   300 1   IS2 INH A . 
C 3 HOH 1   301 1   HOH HOH A . 
C 3 HOH 2   302 2   HOH HOH A . 
C 3 HOH 3   303 3   HOH HOH A . 
C 3 HOH 4   304 4   HOH HOH A . 
C 3 HOH 5   305 5   HOH HOH A . 
C 3 HOH 6   306 6   HOH HOH A . 
C 3 HOH 7   307 7   HOH HOH A . 
C 3 HOH 8   308 8   HOH HOH A . 
C 3 HOH 9   309 9   HOH HOH A . 
C 3 HOH 10  310 10  HOH HOH A . 
C 3 HOH 11  311 11  HOH HOH A . 
C 3 HOH 12  312 12  HOH HOH A . 
C 3 HOH 13  313 13  HOH HOH A . 
C 3 HOH 14  314 14  HOH HOH A . 
C 3 HOH 15  315 15  HOH HOH A . 
C 3 HOH 16  316 16  HOH HOH A . 
C 3 HOH 17  317 17  HOH HOH A . 
C 3 HOH 18  318 18  HOH HOH A . 
C 3 HOH 19  319 19  HOH HOH A . 
C 3 HOH 20  320 20  HOH HOH A . 
C 3 HOH 21  321 21  HOH HOH A . 
C 3 HOH 22  322 23  HOH HOH A . 
C 3 HOH 23  323 24  HOH HOH A . 
C 3 HOH 24  324 25  HOH HOH A . 
C 3 HOH 25  325 26  HOH HOH A . 
C 3 HOH 26  326 27  HOH HOH A . 
C 3 HOH 27  327 28  HOH HOH A . 
C 3 HOH 28  328 29  HOH HOH A . 
C 3 HOH 29  329 30  HOH HOH A . 
C 3 HOH 30  330 31  HOH HOH A . 
C 3 HOH 31  331 32  HOH HOH A . 
C 3 HOH 32  332 35  HOH HOH A . 
C 3 HOH 33  333 36  HOH HOH A . 
C 3 HOH 34  334 37  HOH HOH A . 
C 3 HOH 35  335 38  HOH HOH A . 
C 3 HOH 36  336 39  HOH HOH A . 
C 3 HOH 37  337 40  HOH HOH A . 
C 3 HOH 38  338 41  HOH HOH A . 
C 3 HOH 39  339 42  HOH HOH A . 
C 3 HOH 40  340 43  HOH HOH A . 
C 3 HOH 41  341 45  HOH HOH A . 
C 3 HOH 42  342 46  HOH HOH A . 
C 3 HOH 43  343 47  HOH HOH A . 
C 3 HOH 44  344 48  HOH HOH A . 
C 3 HOH 45  345 50  HOH HOH A . 
C 3 HOH 46  346 51  HOH HOH A . 
C 3 HOH 47  347 52  HOH HOH A . 
C 3 HOH 48  348 53  HOH HOH A . 
C 3 HOH 49  349 55  HOH HOH A . 
C 3 HOH 50  350 56  HOH HOH A . 
C 3 HOH 51  351 57  HOH HOH A . 
C 3 HOH 52  352 59  HOH HOH A . 
C 3 HOH 53  353 60  HOH HOH A . 
C 3 HOH 54  354 61  HOH HOH A . 
C 3 HOH 55  355 63  HOH HOH A . 
C 3 HOH 56  356 64  HOH HOH A . 
C 3 HOH 57  357 65  HOH HOH A . 
C 3 HOH 58  358 66  HOH HOH A . 
C 3 HOH 59  359 67  HOH HOH A . 
C 3 HOH 60  360 68  HOH HOH A . 
C 3 HOH 61  361 69  HOH HOH A . 
C 3 HOH 62  362 70  HOH HOH A . 
C 3 HOH 63  363 72  HOH HOH A . 
C 3 HOH 64  364 74  HOH HOH A . 
C 3 HOH 65  365 75  HOH HOH A . 
C 3 HOH 66  366 76  HOH HOH A . 
C 3 HOH 67  367 77  HOH HOH A . 
C 3 HOH 68  368 78  HOH HOH A . 
C 3 HOH 69  369 80  HOH HOH A . 
C 3 HOH 70  370 81  HOH HOH A . 
C 3 HOH 71  371 82  HOH HOH A . 
C 3 HOH 72  372 83  HOH HOH A . 
C 3 HOH 73  373 84  HOH HOH A . 
C 3 HOH 74  374 85  HOH HOH A . 
C 3 HOH 75  375 87  HOH HOH A . 
C 3 HOH 76  376 89  HOH HOH A . 
C 3 HOH 77  377 90  HOH HOH A . 
C 3 HOH 78  378 91  HOH HOH A . 
C 3 HOH 79  379 92  HOH HOH A . 
C 3 HOH 80  380 93  HOH HOH A . 
C 3 HOH 81  381 94  HOH HOH A . 
C 3 HOH 82  382 96  HOH HOH A . 
C 3 HOH 83  383 98  HOH HOH A . 
C 3 HOH 84  384 99  HOH HOH A . 
C 3 HOH 85  385 100 HOH HOH A . 
C 3 HOH 86  386 101 HOH HOH A . 
C 3 HOH 87  387 102 HOH HOH A . 
C 3 HOH 88  388 103 HOH HOH A . 
C 3 HOH 89  389 104 HOH HOH A . 
C 3 HOH 90  390 105 HOH HOH A . 
C 3 HOH 91  391 106 HOH HOH A . 
C 3 HOH 92  392 107 HOH HOH A . 
C 3 HOH 93  393 108 HOH HOH A . 
C 3 HOH 94  394 109 HOH HOH A . 
C 3 HOH 95  395 110 HOH HOH A . 
C 3 HOH 96  396 111 HOH HOH A . 
C 3 HOH 97  397 112 HOH HOH A . 
C 3 HOH 98  398 113 HOH HOH A . 
C 3 HOH 99  399 114 HOH HOH A . 
C 3 HOH 100 400 116 HOH HOH A . 
C 3 HOH 101 401 118 HOH HOH A . 
C 3 HOH 102 402 120 HOH HOH A . 
C 3 HOH 103 403 123 HOH HOH A . 
C 3 HOH 104 404 124 HOH HOH A . 
C 3 HOH 105 405 127 HOH HOH A . 
C 3 HOH 106 406 128 HOH HOH A . 
C 3 HOH 107 407 132 HOH HOH A . 
C 3 HOH 108 408 133 HOH HOH A . 
C 3 HOH 109 409 134 HOH HOH A . 
C 3 HOH 110 410 141 HOH HOH A . 
C 3 HOH 111 411 148 HOH HOH A . 
C 3 HOH 112 412 149 HOH HOH A . 
C 3 HOH 113 413 151 HOH HOH A . 
C 3 HOH 114 414 152 HOH HOH A . 
C 3 HOH 115 415 160 HOH HOH A . 
C 3 HOH 116 416 161 HOH HOH A . 
C 3 HOH 117 417 162 HOH HOH A . 
C 3 HOH 118 418 163 HOH HOH A . 
C 3 HOH 119 419 165 HOH HOH A . 
C 3 HOH 120 420 166 HOH HOH A . 
C 3 HOH 121 421 167 HOH HOH A . 
C 3 HOH 122 422 170 HOH HOH A . 
C 3 HOH 123 423 171 HOH HOH A . 
C 3 HOH 124 424 172 HOH HOH A . 
C 3 HOH 125 425 173 HOH HOH A . 
C 3 HOH 126 426 177 HOH HOH A . 
C 3 HOH 127 427 181 HOH HOH A . 
C 3 HOH 128 428 182 HOH HOH A . 
C 3 HOH 129 429 185 HOH HOH A . 
C 3 HOH 130 430 186 HOH HOH A . 
C 3 HOH 131 431 187 HOH HOH A . 
C 3 HOH 132 432 188 HOH HOH A . 
C 3 HOH 133 433 189 HOH HOH A . 
C 3 HOH 134 434 190 HOH HOH A . 
C 3 HOH 135 435 191 HOH HOH A . 
C 3 HOH 136 436 192 HOH HOH A . 
C 3 HOH 137 437 193 HOH HOH A . 
C 3 HOH 138 438 194 HOH HOH A . 
C 3 HOH 139 439 195 HOH HOH A . 
C 3 HOH 140 440 196 HOH HOH A . 
C 3 HOH 141 441 197 HOH HOH A . 
C 3 HOH 142 442 198 HOH HOH A . 
C 3 HOH 143 443 199 HOH HOH A . 
C 3 HOH 144 444 200 HOH HOH A . 
C 3 HOH 145 445 201 HOH HOH A . 
C 3 HOH 146 446 202 HOH HOH A . 
C 3 HOH 147 447 203 HOH HOH A . 
# 
_pdbx_struct_assembly.id                   1 
_pdbx_struct_assembly.details              author_defined_assembly 
_pdbx_struct_assembly.method_details       ? 
_pdbx_struct_assembly.oligomeric_details   monomeric 
_pdbx_struct_assembly.oligomeric_count     1 
# 
_pdbx_struct_assembly_gen.assembly_id       1 
_pdbx_struct_assembly_gen.oper_expression   1 
_pdbx_struct_assembly_gen.asym_id_list      A,B,C 
# 
_pdbx_struct_oper_list.id                   1 
_pdbx_struct_oper_list.type                 'identity operation' 
_pdbx_struct_oper_list.name                 1_555 
_pdbx_struct_oper_list.symmetry_operation   x,y,z 
_pdbx_struct_oper_list.matrix[1][1]         1.0000000000 
_pdbx_struct_oper_list.matrix[1][2]         0.0000000000 
_pdbx_struct_oper_list.matrix[1][3]         0.0000000000 
_pdbx_struct_oper_list.vector[1]            0.0000000000 
_pdbx_struct_oper_list.matrix[2][1]         0.0000000000 
_pdbx_struct_oper_list.matrix[2][2]         1.0000000000 
_pdbx_struct_oper_list.matrix[2][3]         0.0000000000 
_pdbx_struct_oper_list.vector[2]            0.0000000000 
_pdbx_struct_oper_list.matrix[3][1]         0.0000000000 
_pdbx_struct_oper_list.matrix[3][2]         0.0000000000 
_pdbx_struct_oper_list.matrix[3][3]         1.0000000000 
_pdbx_struct_oper_list.vector[3]            0.0000000000 
# 
loop_
_pdbx_audit_revision_history.ordinal 
_pdbx_audit_revision_history.data_content_type 
_pdbx_audit_revision_history.major_revision 
_pdbx_audit_revision_history.minor_revision 
_pdbx_audit_revision_history.revision_date 
1 'Structure model' 1 0 2004-02-17 
2 'Structure model' 1 1 2008-04-26 
3 'Structure model' 1 2 2011-07-13 
4 'Structure model' 1 3 2023-08-16 
# 
_pdbx_audit_revision_details.ordinal             1 
_pdbx_audit_revision_details.revision_ordinal    1 
_pdbx_audit_revision_details.data_content_type   'Structure model' 
_pdbx_audit_revision_details.provider            repository 
_pdbx_audit_revision_details.type                'Initial release' 
_pdbx_audit_revision_details.description         ? 
_pdbx_audit_revision_details.details             ? 
# 
loop_
_pdbx_audit_revision_group.ordinal 
_pdbx_audit_revision_group.revision_ordinal 
_pdbx_audit_revision_group.data_content_type 
_pdbx_audit_revision_group.group 
1 2 'Structure model' 'Version format compliance' 
2 3 'Structure model' 'Version format compliance' 
3 4 'Structure model' 'Data collection'           
4 4 'Structure model' 'Database references'       
5 4 'Structure model' 'Derived calculations'      
6 4 'Structure model' 'Refinement description'    
# 
loop_
_pdbx_audit_revision_category.ordinal 
_pdbx_audit_revision_category.revision_ordinal 
_pdbx_audit_revision_category.data_content_type 
_pdbx_audit_revision_category.category 
1 4 'Structure model' chem_comp_atom                
2 4 'Structure model' chem_comp_bond                
3 4 'Structure model' database_2                    
4 4 'Structure model' pdbx_initial_refinement_model 
5 4 'Structure model' struct_site                   
# 
loop_
_pdbx_audit_revision_item.ordinal 
_pdbx_audit_revision_item.revision_ordinal 
_pdbx_audit_revision_item.data_content_type 
_pdbx_audit_revision_item.item 
1 4 'Structure model' '_database_2.pdbx_DOI'                
2 4 'Structure model' '_database_2.pdbx_database_accession' 
3 4 'Structure model' '_struct_site.pdbx_auth_asym_id'      
4 4 'Structure model' '_struct_site.pdbx_auth_comp_id'      
5 4 'Structure model' '_struct_site.pdbx_auth_seq_id'       
# 
loop_
_software.name 
_software.classification 
_software.version 
_software.citation_id 
_software.pdbx_ordinal 
XDS    'data scaling'   .     ? 1 
XDS    'data reduction' .     ? 2 
X-PLOR 'model building' 3.851 ? 3 
X-PLOR refinement       3.851 ? 4 
X-PLOR phasing          3.851 ? 5 
# 
loop_
_pdbx_validate_torsion.id 
_pdbx_validate_torsion.PDB_model_num 
_pdbx_validate_torsion.auth_comp_id 
_pdbx_validate_torsion.auth_asym_id 
_pdbx_validate_torsion.auth_seq_id 
_pdbx_validate_torsion.PDB_ins_code 
_pdbx_validate_torsion.label_alt_id 
_pdbx_validate_torsion.phi 
_pdbx_validate_torsion.psi 
1 1 LEU A 22 ? ? -81.65 39.05   
2 1 ASP A 94 ? ? 52.29  -120.76 
# 
loop_
_pdbx_unobs_or_zero_occ_residues.id 
_pdbx_unobs_or_zero_occ_residues.PDB_model_num 
_pdbx_unobs_or_zero_occ_residues.polymer_flag 
_pdbx_unobs_or_zero_occ_residues.occupancy_flag 
_pdbx_unobs_or_zero_occ_residues.auth_asym_id 
_pdbx_unobs_or_zero_occ_residues.auth_comp_id 
_pdbx_unobs_or_zero_occ_residues.auth_seq_id 
_pdbx_unobs_or_zero_occ_residues.PDB_ins_code 
_pdbx_unobs_or_zero_occ_residues.label_asym_id 
_pdbx_unobs_or_zero_occ_residues.label_comp_id 
_pdbx_unobs_or_zero_occ_residues.label_seq_id 
1 1 Y 1 A SER 107 ? A SER 107 
2 1 Y 1 A LYS 108 ? A LYS 108 
# 
loop_
_chem_comp_atom.comp_id 
_chem_comp_atom.atom_id 
_chem_comp_atom.type_symbol 
_chem_comp_atom.pdbx_aromatic_flag 
_chem_comp_atom.pdbx_stereo_config 
_chem_comp_atom.pdbx_ordinal 
ALA N    N N N 1   
ALA CA   C N S 2   
ALA C    C N N 3   
ALA O    O N N 4   
ALA CB   C N N 5   
ALA OXT  O N N 6   
ALA H    H N N 7   
ALA H2   H N N 8   
ALA HA   H N N 9   
ALA HB1  H N N 10  
ALA HB2  H N N 11  
ALA HB3  H N N 12  
ALA HXT  H N N 13  
ARG N    N N N 14  
ARG CA   C N S 15  
ARG C    C N N 16  
ARG O    O N N 17  
ARG CB   C N N 18  
ARG CG   C N N 19  
ARG CD   C N N 20  
ARG NE   N N N 21  
ARG CZ   C N N 22  
ARG NH1  N N N 23  
ARG NH2  N N N 24  
ARG OXT  O N N 25  
ARG H    H N N 26  
ARG H2   H N N 27  
ARG HA   H N N 28  
ARG HB2  H N N 29  
ARG HB3  H N N 30  
ARG HG2  H N N 31  
ARG HG3  H N N 32  
ARG HD2  H N N 33  
ARG HD3  H N N 34  
ARG HE   H N N 35  
ARG HH11 H N N 36  
ARG HH12 H N N 37  
ARG HH21 H N N 38  
ARG HH22 H N N 39  
ARG HXT  H N N 40  
ASN N    N N N 41  
ASN CA   C N S 42  
ASN C    C N N 43  
ASN O    O N N 44  
ASN CB   C N N 45  
ASN CG   C N N 46  
ASN OD1  O N N 47  
ASN ND2  N N N 48  
ASN OXT  O N N 49  
ASN H    H N N 50  
ASN H2   H N N 51  
ASN HA   H N N 52  
ASN HB2  H N N 53  
ASN HB3  H N N 54  
ASN HD21 H N N 55  
ASN HD22 H N N 56  
ASN HXT  H N N 57  
ASP N    N N N 58  
ASP CA   C N S 59  
ASP C    C N N 60  
ASP O    O N N 61  
ASP CB   C N N 62  
ASP CG   C N N 63  
ASP OD1  O N N 64  
ASP OD2  O N N 65  
ASP OXT  O N N 66  
ASP H    H N N 67  
ASP H2   H N N 68  
ASP HA   H N N 69  
ASP HB2  H N N 70  
ASP HB3  H N N 71  
ASP HD2  H N N 72  
ASP HXT  H N N 73  
CYS N    N N N 74  
CYS CA   C N R 75  
CYS C    C N N 76  
CYS O    O N N 77  
CYS CB   C N N 78  
CYS SG   S N N 79  
CYS OXT  O N N 80  
CYS H    H N N 81  
CYS H2   H N N 82  
CYS HA   H N N 83  
CYS HB2  H N N 84  
CYS HB3  H N N 85  
CYS HG   H N N 86  
CYS HXT  H N N 87  
GLN N    N N N 88  
GLN CA   C N S 89  
GLN C    C N N 90  
GLN O    O N N 91  
GLN CB   C N N 92  
GLN CG   C N N 93  
GLN CD   C N N 94  
GLN OE1  O N N 95  
GLN NE2  N N N 96  
GLN OXT  O N N 97  
GLN H    H N N 98  
GLN H2   H N N 99  
GLN HA   H N N 100 
GLN HB2  H N N 101 
GLN HB3  H N N 102 
GLN HG2  H N N 103 
GLN HG3  H N N 104 
GLN HE21 H N N 105 
GLN HE22 H N N 106 
GLN HXT  H N N 107 
GLU N    N N N 108 
GLU CA   C N S 109 
GLU C    C N N 110 
GLU O    O N N 111 
GLU CB   C N N 112 
GLU CG   C N N 113 
GLU CD   C N N 114 
GLU OE1  O N N 115 
GLU OE2  O N N 116 
GLU OXT  O N N 117 
GLU H    H N N 118 
GLU H2   H N N 119 
GLU HA   H N N 120 
GLU HB2  H N N 121 
GLU HB3  H N N 122 
GLU HG2  H N N 123 
GLU HG3  H N N 124 
GLU HE2  H N N 125 
GLU HXT  H N N 126 
GLY N    N N N 127 
GLY CA   C N N 128 
GLY C    C N N 129 
GLY O    O N N 130 
GLY OXT  O N N 131 
GLY H    H N N 132 
GLY H2   H N N 133 
GLY HA2  H N N 134 
GLY HA3  H N N 135 
GLY HXT  H N N 136 
HIS N    N N N 137 
HIS CA   C N S 138 
HIS C    C N N 139 
HIS O    O N N 140 
HIS CB   C N N 141 
HIS CG   C Y N 142 
HIS ND1  N Y N 143 
HIS CD2  C Y N 144 
HIS CE1  C Y N 145 
HIS NE2  N Y N 146 
HIS OXT  O N N 147 
HIS H    H N N 148 
HIS H2   H N N 149 
HIS HA   H N N 150 
HIS HB2  H N N 151 
HIS HB3  H N N 152 
HIS HD1  H N N 153 
HIS HD2  H N N 154 
HIS HE1  H N N 155 
HIS HE2  H N N 156 
HIS HXT  H N N 157 
HOH O    O N N 158 
HOH H1   H N N 159 
HOH H2   H N N 160 
ILE N    N N N 161 
ILE CA   C N S 162 
ILE C    C N N 163 
ILE O    O N N 164 
ILE CB   C N S 165 
ILE CG1  C N N 166 
ILE CG2  C N N 167 
ILE CD1  C N N 168 
ILE OXT  O N N 169 
ILE H    H N N 170 
ILE H2   H N N 171 
ILE HA   H N N 172 
ILE HB   H N N 173 
ILE HG12 H N N 174 
ILE HG13 H N N 175 
ILE HG21 H N N 176 
ILE HG22 H N N 177 
ILE HG23 H N N 178 
ILE HD11 H N N 179 
ILE HD12 H N N 180 
ILE HD13 H N N 181 
ILE HXT  H N N 182 
IS2 C1   C Y N 183 
IS2 C2   C Y N 184 
IS2 C3   C Y N 185 
IS2 C4   C Y N 186 
IS2 C5   C Y N 187 
IS2 C6   C Y N 188 
IS2 N11  N N N 189 
IS2 C12  C N N 190 
IS2 O13  O N N 191 
IS2 P14  P N N 192 
IS2 O15  O N N 193 
IS2 O16  O N N 194 
IS2 O17  O N N 195 
IS2 C18  C N N 196 
IS2 C19  C N N 197 
IS2 H2   H N N 198 
IS2 H3   H N N 199 
IS2 H5   H N N 200 
IS2 H6   H N N 201 
IS2 H11  H N N 202 
IS2 H15  H N N 203 
IS2 H16  H N N 204 
IS2 H181 H N N 205 
IS2 H182 H N N 206 
IS2 H191 H N N 207 
IS2 H192 H N N 208 
IS2 H193 H N N 209 
LEU N    N N N 210 
LEU CA   C N S 211 
LEU C    C N N 212 
LEU O    O N N 213 
LEU CB   C N N 214 
LEU CG   C N N 215 
LEU CD1  C N N 216 
LEU CD2  C N N 217 
LEU OXT  O N N 218 
LEU H    H N N 219 
LEU H2   H N N 220 
LEU HA   H N N 221 
LEU HB2  H N N 222 
LEU HB3  H N N 223 
LEU HG   H N N 224 
LEU HD11 H N N 225 
LEU HD12 H N N 226 
LEU HD13 H N N 227 
LEU HD21 H N N 228 
LEU HD22 H N N 229 
LEU HD23 H N N 230 
LEU HXT  H N N 231 
LYS N    N N N 232 
LYS CA   C N S 233 
LYS C    C N N 234 
LYS O    O N N 235 
LYS CB   C N N 236 
LYS CG   C N N 237 
LYS CD   C N N 238 
LYS CE   C N N 239 
LYS NZ   N N N 240 
LYS OXT  O N N 241 
LYS H    H N N 242 
LYS H2   H N N 243 
LYS HA   H N N 244 
LYS HB2  H N N 245 
LYS HB3  H N N 246 
LYS HG2  H N N 247 
LYS HG3  H N N 248 
LYS HD2  H N N 249 
LYS HD3  H N N 250 
LYS HE2  H N N 251 
LYS HE3  H N N 252 
LYS HZ1  H N N 253 
LYS HZ2  H N N 254 
LYS HZ3  H N N 255 
LYS HXT  H N N 256 
PHE N    N N N 257 
PHE CA   C N S 258 
PHE C    C N N 259 
PHE O    O N N 260 
PHE CB   C N N 261 
PHE CG   C Y N 262 
PHE CD1  C Y N 263 
PHE CD2  C Y N 264 
PHE CE1  C Y N 265 
PHE CE2  C Y N 266 
PHE CZ   C Y N 267 
PHE OXT  O N N 268 
PHE H    H N N 269 
PHE H2   H N N 270 
PHE HA   H N N 271 
PHE HB2  H N N 272 
PHE HB3  H N N 273 
PHE HD1  H N N 274 
PHE HD2  H N N 275 
PHE HE1  H N N 276 
PHE HE2  H N N 277 
PHE HZ   H N N 278 
PHE HXT  H N N 279 
PRO N    N N N 280 
PRO CA   C N S 281 
PRO C    C N N 282 
PRO O    O N N 283 
PRO CB   C N N 284 
PRO CG   C N N 285 
PRO CD   C N N 286 
PRO OXT  O N N 287 
PRO H    H N N 288 
PRO HA   H N N 289 
PRO HB2  H N N 290 
PRO HB3  H N N 291 
PRO HG2  H N N 292 
PRO HG3  H N N 293 
PRO HD2  H N N 294 
PRO HD3  H N N 295 
PRO HXT  H N N 296 
SER N    N N N 297 
SER CA   C N S 298 
SER C    C N N 299 
SER O    O N N 300 
SER CB   C N N 301 
SER OG   O N N 302 
SER OXT  O N N 303 
SER H    H N N 304 
SER H2   H N N 305 
SER HA   H N N 306 
SER HB2  H N N 307 
SER HB3  H N N 308 
SER HG   H N N 309 
SER HXT  H N N 310 
THR N    N N N 311 
THR CA   C N S 312 
THR C    C N N 313 
THR O    O N N 314 
THR CB   C N R 315 
THR OG1  O N N 316 
THR CG2  C N N 317 
THR OXT  O N N 318 
THR H    H N N 319 
THR H2   H N N 320 
THR HA   H N N 321 
THR HB   H N N 322 
THR HG1  H N N 323 
THR HG21 H N N 324 
THR HG22 H N N 325 
THR HG23 H N N 326 
THR HXT  H N N 327 
TRP N    N N N 328 
TRP CA   C N S 329 
TRP C    C N N 330 
TRP O    O N N 331 
TRP CB   C N N 332 
TRP CG   C Y N 333 
TRP CD1  C Y N 334 
TRP CD2  C Y N 335 
TRP NE1  N Y N 336 
TRP CE2  C Y N 337 
TRP CE3  C Y N 338 
TRP CZ2  C Y N 339 
TRP CZ3  C Y N 340 
TRP CH2  C Y N 341 
TRP OXT  O N N 342 
TRP H    H N N 343 
TRP H2   H N N 344 
TRP HA   H N N 345 
TRP HB2  H N N 346 
TRP HB3  H N N 347 
TRP HD1  H N N 348 
TRP HE1  H N N 349 
TRP HE3  H N N 350 
TRP HZ2  H N N 351 
TRP HZ3  H N N 352 
TRP HH2  H N N 353 
TRP HXT  H N N 354 
TYR N    N N N 355 
TYR CA   C N S 356 
TYR C    C N N 357 
TYR O    O N N 358 
TYR CB   C N N 359 
TYR CG   C Y N 360 
TYR CD1  C Y N 361 
TYR CD2  C Y N 362 
TYR CE1  C Y N 363 
TYR CE2  C Y N 364 
TYR CZ   C Y N 365 
TYR OH   O N N 366 
TYR OXT  O N N 367 
TYR H    H N N 368 
TYR H2   H N N 369 
TYR HA   H N N 370 
TYR HB2  H N N 371 
TYR HB3  H N N 372 
TYR HD1  H N N 373 
TYR HD2  H N N 374 
TYR HE1  H N N 375 
TYR HE2  H N N 376 
TYR HH   H N N 377 
TYR HXT  H N N 378 
VAL N    N N N 379 
VAL CA   C N S 380 
VAL C    C N N 381 
VAL O    O N N 382 
VAL CB   C N N 383 
VAL CG1  C N N 384 
VAL CG2  C N N 385 
VAL OXT  O N N 386 
VAL H    H N N 387 
VAL H2   H N N 388 
VAL HA   H N N 389 
VAL HB   H N N 390 
VAL HG11 H N N 391 
VAL HG12 H N N 392 
VAL HG13 H N N 393 
VAL HG21 H N N 394 
VAL HG22 H N N 395 
VAL HG23 H N N 396 
VAL HXT  H N N 397 
# 
loop_
_chem_comp_bond.comp_id 
_chem_comp_bond.atom_id_1 
_chem_comp_bond.atom_id_2 
_chem_comp_bond.value_order 
_chem_comp_bond.pdbx_aromatic_flag 
_chem_comp_bond.pdbx_stereo_config 
_chem_comp_bond.pdbx_ordinal 
ALA N   CA   sing N N 1   
ALA N   H    sing N N 2   
ALA N   H2   sing N N 3   
ALA CA  C    sing N N 4   
ALA CA  CB   sing N N 5   
ALA CA  HA   sing N N 6   
ALA C   O    doub N N 7   
ALA C   OXT  sing N N 8   
ALA CB  HB1  sing N N 9   
ALA CB  HB2  sing N N 10  
ALA CB  HB3  sing N N 11  
ALA OXT HXT  sing N N 12  
ARG N   CA   sing N N 13  
ARG N   H    sing N N 14  
ARG N   H2   sing N N 15  
ARG CA  C    sing N N 16  
ARG CA  CB   sing N N 17  
ARG CA  HA   sing N N 18  
ARG C   O    doub N N 19  
ARG C   OXT  sing N N 20  
ARG CB  CG   sing N N 21  
ARG CB  HB2  sing N N 22  
ARG CB  HB3  sing N N 23  
ARG CG  CD   sing N N 24  
ARG CG  HG2  sing N N 25  
ARG CG  HG3  sing N N 26  
ARG CD  NE   sing N N 27  
ARG CD  HD2  sing N N 28  
ARG CD  HD3  sing N N 29  
ARG NE  CZ   sing N N 30  
ARG NE  HE   sing N N 31  
ARG CZ  NH1  sing N N 32  
ARG CZ  NH2  doub N N 33  
ARG NH1 HH11 sing N N 34  
ARG NH1 HH12 sing N N 35  
ARG NH2 HH21 sing N N 36  
ARG NH2 HH22 sing N N 37  
ARG OXT HXT  sing N N 38  
ASN N   CA   sing N N 39  
ASN N   H    sing N N 40  
ASN N   H2   sing N N 41  
ASN CA  C    sing N N 42  
ASN CA  CB   sing N N 43  
ASN CA  HA   sing N N 44  
ASN C   O    doub N N 45  
ASN C   OXT  sing N N 46  
ASN CB  CG   sing N N 47  
ASN CB  HB2  sing N N 48  
ASN CB  HB3  sing N N 49  
ASN CG  OD1  doub N N 50  
ASN CG  ND2  sing N N 51  
ASN ND2 HD21 sing N N 52  
ASN ND2 HD22 sing N N 53  
ASN OXT HXT  sing N N 54  
ASP N   CA   sing N N 55  
ASP N   H    sing N N 56  
ASP N   H2   sing N N 57  
ASP CA  C    sing N N 58  
ASP CA  CB   sing N N 59  
ASP CA  HA   sing N N 60  
ASP C   O    doub N N 61  
ASP C   OXT  sing N N 62  
ASP CB  CG   sing N N 63  
ASP CB  HB2  sing N N 64  
ASP CB  HB3  sing N N 65  
ASP CG  OD1  doub N N 66  
ASP CG  OD2  sing N N 67  
ASP OD2 HD2  sing N N 68  
ASP OXT HXT  sing N N 69  
CYS N   CA   sing N N 70  
CYS N   H    sing N N 71  
CYS N   H2   sing N N 72  
CYS CA  C    sing N N 73  
CYS CA  CB   sing N N 74  
CYS CA  HA   sing N N 75  
CYS C   O    doub N N 76  
CYS C   OXT  sing N N 77  
CYS CB  SG   sing N N 78  
CYS CB  HB2  sing N N 79  
CYS CB  HB3  sing N N 80  
CYS SG  HG   sing N N 81  
CYS OXT HXT  sing N N 82  
GLN N   CA   sing N N 83  
GLN N   H    sing N N 84  
GLN N   H2   sing N N 85  
GLN CA  C    sing N N 86  
GLN CA  CB   sing N N 87  
GLN CA  HA   sing N N 88  
GLN C   O    doub N N 89  
GLN C   OXT  sing N N 90  
GLN CB  CG   sing N N 91  
GLN CB  HB2  sing N N 92  
GLN CB  HB3  sing N N 93  
GLN CG  CD   sing N N 94  
GLN CG  HG2  sing N N 95  
GLN CG  HG3  sing N N 96  
GLN CD  OE1  doub N N 97  
GLN CD  NE2  sing N N 98  
GLN NE2 HE21 sing N N 99  
GLN NE2 HE22 sing N N 100 
GLN OXT HXT  sing N N 101 
GLU N   CA   sing N N 102 
GLU N   H    sing N N 103 
GLU N   H2   sing N N 104 
GLU CA  C    sing N N 105 
GLU CA  CB   sing N N 106 
GLU CA  HA   sing N N 107 
GLU C   O    doub N N 108 
GLU C   OXT  sing N N 109 
GLU CB  CG   sing N N 110 
GLU CB  HB2  sing N N 111 
GLU CB  HB3  sing N N 112 
GLU CG  CD   sing N N 113 
GLU CG  HG2  sing N N 114 
GLU CG  HG3  sing N N 115 
GLU CD  OE1  doub N N 116 
GLU CD  OE2  sing N N 117 
GLU OE2 HE2  sing N N 118 
GLU OXT HXT  sing N N 119 
GLY N   CA   sing N N 120 
GLY N   H    sing N N 121 
GLY N   H2   sing N N 122 
GLY CA  C    sing N N 123 
GLY CA  HA2  sing N N 124 
GLY CA  HA3  sing N N 125 
GLY C   O    doub N N 126 
GLY C   OXT  sing N N 127 
GLY OXT HXT  sing N N 128 
HIS N   CA   sing N N 129 
HIS N   H    sing N N 130 
HIS N   H2   sing N N 131 
HIS CA  C    sing N N 132 
HIS CA  CB   sing N N 133 
HIS CA  HA   sing N N 134 
HIS C   O    doub N N 135 
HIS C   OXT  sing N N 136 
HIS CB  CG   sing N N 137 
HIS CB  HB2  sing N N 138 
HIS CB  HB3  sing N N 139 
HIS CG  ND1  sing Y N 140 
HIS CG  CD2  doub Y N 141 
HIS ND1 CE1  doub Y N 142 
HIS ND1 HD1  sing N N 143 
HIS CD2 NE2  sing Y N 144 
HIS CD2 HD2  sing N N 145 
HIS CE1 NE2  sing Y N 146 
HIS CE1 HE1  sing N N 147 
HIS NE2 HE2  sing N N 148 
HIS OXT HXT  sing N N 149 
HOH O   H1   sing N N 150 
HOH O   H2   sing N N 151 
ILE N   CA   sing N N 152 
ILE N   H    sing N N 153 
ILE N   H2   sing N N 154 
ILE CA  C    sing N N 155 
ILE CA  CB   sing N N 156 
ILE CA  HA   sing N N 157 
ILE C   O    doub N N 158 
ILE C   OXT  sing N N 159 
ILE CB  CG1  sing N N 160 
ILE CB  CG2  sing N N 161 
ILE CB  HB   sing N N 162 
ILE CG1 CD1  sing N N 163 
ILE CG1 HG12 sing N N 164 
ILE CG1 HG13 sing N N 165 
ILE CG2 HG21 sing N N 166 
ILE CG2 HG22 sing N N 167 
ILE CG2 HG23 sing N N 168 
ILE CD1 HD11 sing N N 169 
ILE CD1 HD12 sing N N 170 
ILE CD1 HD13 sing N N 171 
ILE OXT HXT  sing N N 172 
IS2 C1  C2   sing Y N 173 
IS2 C1  C6   doub Y N 174 
IS2 C1  C18  sing N N 175 
IS2 C2  C3   doub Y N 176 
IS2 C2  H2   sing N N 177 
IS2 C3  C4   sing Y N 178 
IS2 C3  H3   sing N N 179 
IS2 C4  C5   doub Y N 180 
IS2 C4  N11  sing N N 181 
IS2 C5  C6   sing Y N 182 
IS2 C5  H5   sing N N 183 
IS2 C6  H6   sing N N 184 
IS2 N11 C12  sing N N 185 
IS2 N11 H11  sing N N 186 
IS2 C12 O13  doub N N 187 
IS2 C12 P14  sing N N 188 
IS2 P14 O15  sing N N 189 
IS2 P14 O16  sing N N 190 
IS2 P14 O17  doub N N 191 
IS2 O15 H15  sing N N 192 
IS2 O16 H16  sing N N 193 
IS2 C18 C19  sing N N 194 
IS2 C18 H181 sing N N 195 
IS2 C18 H182 sing N N 196 
IS2 C19 H191 sing N N 197 
IS2 C19 H192 sing N N 198 
IS2 C19 H193 sing N N 199 
LEU N   CA   sing N N 200 
LEU N   H    sing N N 201 
LEU N   H2   sing N N 202 
LEU CA  C    sing N N 203 
LEU CA  CB   sing N N 204 
LEU CA  HA   sing N N 205 
LEU C   O    doub N N 206 
LEU C   OXT  sing N N 207 
LEU CB  CG   sing N N 208 
LEU CB  HB2  sing N N 209 
LEU CB  HB3  sing N N 210 
LEU CG  CD1  sing N N 211 
LEU CG  CD2  sing N N 212 
LEU CG  HG   sing N N 213 
LEU CD1 HD11 sing N N 214 
LEU CD1 HD12 sing N N 215 
LEU CD1 HD13 sing N N 216 
LEU CD2 HD21 sing N N 217 
LEU CD2 HD22 sing N N 218 
LEU CD2 HD23 sing N N 219 
LEU OXT HXT  sing N N 220 
LYS N   CA   sing N N 221 
LYS N   H    sing N N 222 
LYS N   H2   sing N N 223 
LYS CA  C    sing N N 224 
LYS CA  CB   sing N N 225 
LYS CA  HA   sing N N 226 
LYS C   O    doub N N 227 
LYS C   OXT  sing N N 228 
LYS CB  CG   sing N N 229 
LYS CB  HB2  sing N N 230 
LYS CB  HB3  sing N N 231 
LYS CG  CD   sing N N 232 
LYS CG  HG2  sing N N 233 
LYS CG  HG3  sing N N 234 
LYS CD  CE   sing N N 235 
LYS CD  HD2  sing N N 236 
LYS CD  HD3  sing N N 237 
LYS CE  NZ   sing N N 238 
LYS CE  HE2  sing N N 239 
LYS CE  HE3  sing N N 240 
LYS NZ  HZ1  sing N N 241 
LYS NZ  HZ2  sing N N 242 
LYS NZ  HZ3  sing N N 243 
LYS OXT HXT  sing N N 244 
PHE N   CA   sing N N 245 
PHE N   H    sing N N 246 
PHE N   H2   sing N N 247 
PHE CA  C    sing N N 248 
PHE CA  CB   sing N N 249 
PHE CA  HA   sing N N 250 
PHE C   O    doub N N 251 
PHE C   OXT  sing N N 252 
PHE CB  CG   sing N N 253 
PHE CB  HB2  sing N N 254 
PHE CB  HB3  sing N N 255 
PHE CG  CD1  doub Y N 256 
PHE CG  CD2  sing Y N 257 
PHE CD1 CE1  sing Y N 258 
PHE CD1 HD1  sing N N 259 
PHE CD2 CE2  doub Y N 260 
PHE CD2 HD2  sing N N 261 
PHE CE1 CZ   doub Y N 262 
PHE CE1 HE1  sing N N 263 
PHE CE2 CZ   sing Y N 264 
PHE CE2 HE2  sing N N 265 
PHE CZ  HZ   sing N N 266 
PHE OXT HXT  sing N N 267 
PRO N   CA   sing N N 268 
PRO N   CD   sing N N 269 
PRO N   H    sing N N 270 
PRO CA  C    sing N N 271 
PRO CA  CB   sing N N 272 
PRO CA  HA   sing N N 273 
PRO C   O    doub N N 274 
PRO C   OXT  sing N N 275 
PRO CB  CG   sing N N 276 
PRO CB  HB2  sing N N 277 
PRO CB  HB3  sing N N 278 
PRO CG  CD   sing N N 279 
PRO CG  HG2  sing N N 280 
PRO CG  HG3  sing N N 281 
PRO CD  HD2  sing N N 282 
PRO CD  HD3  sing N N 283 
PRO OXT HXT  sing N N 284 
SER N   CA   sing N N 285 
SER N   H    sing N N 286 
SER N   H2   sing N N 287 
SER CA  C    sing N N 288 
SER CA  CB   sing N N 289 
SER CA  HA   sing N N 290 
SER C   O    doub N N 291 
SER C   OXT  sing N N 292 
SER CB  OG   sing N N 293 
SER CB  HB2  sing N N 294 
SER CB  HB3  sing N N 295 
SER OG  HG   sing N N 296 
SER OXT HXT  sing N N 297 
THR N   CA   sing N N 298 
THR N   H    sing N N 299 
THR N   H2   sing N N 300 
THR CA  C    sing N N 301 
THR CA  CB   sing N N 302 
THR CA  HA   sing N N 303 
THR C   O    doub N N 304 
THR C   OXT  sing N N 305 
THR CB  OG1  sing N N 306 
THR CB  CG2  sing N N 307 
THR CB  HB   sing N N 308 
THR OG1 HG1  sing N N 309 
THR CG2 HG21 sing N N 310 
THR CG2 HG22 sing N N 311 
THR CG2 HG23 sing N N 312 
THR OXT HXT  sing N N 313 
TRP N   CA   sing N N 314 
TRP N   H    sing N N 315 
TRP N   H2   sing N N 316 
TRP CA  C    sing N N 317 
TRP CA  CB   sing N N 318 
TRP CA  HA   sing N N 319 
TRP C   O    doub N N 320 
TRP C   OXT  sing N N 321 
TRP CB  CG   sing N N 322 
TRP CB  HB2  sing N N 323 
TRP CB  HB3  sing N N 324 
TRP CG  CD1  doub Y N 325 
TRP CG  CD2  sing Y N 326 
TRP CD1 NE1  sing Y N 327 
TRP CD1 HD1  sing N N 328 
TRP CD2 CE2  doub Y N 329 
TRP CD2 CE3  sing Y N 330 
TRP NE1 CE2  sing Y N 331 
TRP NE1 HE1  sing N N 332 
TRP CE2 CZ2  sing Y N 333 
TRP CE3 CZ3  doub Y N 334 
TRP CE3 HE3  sing N N 335 
TRP CZ2 CH2  doub Y N 336 
TRP CZ2 HZ2  sing N N 337 
TRP CZ3 CH2  sing Y N 338 
TRP CZ3 HZ3  sing N N 339 
TRP CH2 HH2  sing N N 340 
TRP OXT HXT  sing N N 341 
TYR N   CA   sing N N 342 
TYR N   H    sing N N 343 
TYR N   H2   sing N N 344 
TYR CA  C    sing N N 345 
TYR CA  CB   sing N N 346 
TYR CA  HA   sing N N 347 
TYR C   O    doub N N 348 
TYR C   OXT  sing N N 349 
TYR CB  CG   sing N N 350 
TYR CB  HB2  sing N N 351 
TYR CB  HB3  sing N N 352 
TYR CG  CD1  doub Y N 353 
TYR CG  CD2  sing Y N 354 
TYR CD1 CE1  sing Y N 355 
TYR CD1 HD1  sing N N 356 
TYR CD2 CE2  doub Y N 357 
TYR CD2 HD2  sing N N 358 
TYR CE1 CZ   doub Y N 359 
TYR CE1 HE1  sing N N 360 
TYR CE2 CZ   sing Y N 361 
TYR CE2 HE2  sing N N 362 
TYR CZ  OH   sing N N 363 
TYR OH  HH   sing N N 364 
TYR OXT HXT  sing N N 365 
VAL N   CA   sing N N 366 
VAL N   H    sing N N 367 
VAL N   H2   sing N N 368 
VAL CA  C    sing N N 369 
VAL CA  CB   sing N N 370 
VAL CA  HA   sing N N 371 
VAL C   O    doub N N 372 
VAL C   OXT  sing N N 373 
VAL CB  CG1  sing N N 374 
VAL CB  CG2  sing N N 375 
VAL CB  HB   sing N N 376 
VAL CG1 HG11 sing N N 377 
VAL CG1 HG12 sing N N 378 
VAL CG1 HG13 sing N N 379 
VAL CG2 HG21 sing N N 380 
VAL CG2 HG22 sing N N 381 
VAL CG2 HG23 sing N N 382 
VAL OXT HXT  sing N N 383 
# 
loop_
_pdbx_entity_nonpoly.entity_id 
_pdbx_entity_nonpoly.name 
_pdbx_entity_nonpoly.comp_id 
2 '[(4-ETHYLPHENYL)AMINO]CARBONYLPHOSPHONIC ACID' IS2 
3 water                                           HOH 
# 
_pdbx_initial_refinement_model.id               1 
_pdbx_initial_refinement_model.entity_id_list   ? 
_pdbx_initial_refinement_model.type             'experimental model' 
_pdbx_initial_refinement_model.source_name      PDB 
_pdbx_initial_refinement_model.accession_code   1SHD 
_pdbx_initial_refinement_model.details          ? 
# 
